data_6Z42
#
_entry.id   6Z42
#
_cell.length_a   104.662
_cell.length_b   104.662
_cell.length_c   516.213
_cell.angle_alpha   90.000
_cell.angle_beta   90.000
_cell.angle_gamma   120.000
#
_symmetry.space_group_name_H-M   'P 61 2 2'
#
loop_
_entity.id
_entity.type
_entity.pdbx_description
1 polymer 'Alcohol dehydrogenase, zinc-containing'
2 non-polymer 'ZINC ION'
#
_entity_poly.entity_id   1
_entity_poly.type   'polypeptide(L)'
_entity_poly.pdbx_seq_one_letter_code
;MGSSHHHHHHSSGLVPRGSHMVDSTMKSAVVRTFREPLVIEEVPVPRPGPGEILVKVAASGVCHTDLHAARGDWPVKPEP
PFIPGHEGVGHVVAVGRGVQHVKEGDRVGVPWLYSTCGHCEHCLGGWETLCESQQNTGYSVNGGFAEYTLAQADYVGKLP
DNVGFVEIAPVLCAGVTVYKGLKMTDTRPGQWVVISGIGGLGHMAVQYARAMGLNVAAVDVDDAKLALAERLGATITVNA
MQTDPARYLKQTIGGAHGALVTAVSPKAFEQALGMIRRGGTVALNGLPPGDFPLPIFDMVLNGITVRGSIVGTRLDLQEA
LDFAGEGKVQATVKTEKLENINTVFDQMTQGHIEGRIVLDLAG
;
_entity_poly.pdbx_strand_id   A,B,C,D
#
# COMPACT_ATOMS: atom_id res chain seq x y z
N ASP A 23 -45.05 -21.35 -1.53
CA ASP A 23 -44.35 -21.09 -2.79
C ASP A 23 -45.32 -20.57 -3.84
N SER A 24 -45.76 -21.48 -4.71
CA SER A 24 -46.72 -21.19 -5.79
C SER A 24 -46.06 -20.16 -6.72
N THR A 25 -46.84 -19.24 -7.29
CA THR A 25 -46.36 -18.06 -8.00
C THR A 25 -47.01 -16.86 -7.33
N MET A 26 -46.48 -15.64 -7.53
CA MET A 26 -46.94 -14.59 -6.62
C MET A 26 -46.91 -13.21 -7.25
N LYS A 27 -47.61 -12.29 -6.61
CA LYS A 27 -47.82 -10.95 -7.14
C LYS A 27 -46.63 -10.06 -6.76
N SER A 28 -46.15 -9.28 -7.73
CA SER A 28 -44.97 -8.46 -7.49
C SER A 28 -45.08 -7.14 -8.25
N ALA A 29 -44.31 -6.14 -7.80
CA ALA A 29 -44.28 -4.82 -8.43
C ALA A 29 -43.19 -4.80 -9.51
N VAL A 30 -43.53 -4.23 -10.69
CA VAL A 30 -42.63 -4.21 -11.83
C VAL A 30 -42.72 -2.85 -12.52
N VAL A 31 -41.68 -2.53 -13.30
CA VAL A 31 -41.64 -1.32 -14.12
C VAL A 31 -42.19 -1.67 -15.50
N ARG A 32 -43.31 -1.07 -15.88
CA ARG A 32 -43.78 -1.28 -17.25
C ARG A 32 -43.09 -0.32 -18.21
N THR A 33 -43.14 0.98 -17.92
CA THR A 33 -42.47 2.01 -18.70
C THR A 33 -41.93 3.08 -17.76
N PHE A 34 -40.89 3.78 -18.22
CA PHE A 34 -40.21 4.76 -17.37
C PHE A 34 -41.11 5.96 -17.09
N ARG A 35 -40.80 6.64 -15.98
CA ARG A 35 -41.55 7.80 -15.48
C ARG A 35 -43.03 7.50 -15.27
N GLU A 36 -43.41 6.22 -15.28
CA GLU A 36 -44.76 5.73 -15.07
C GLU A 36 -44.82 4.83 -13.85
N PRO A 37 -45.85 4.97 -13.03
CA PRO A 37 -45.94 4.19 -11.80
C PRO A 37 -45.84 2.69 -12.02
N LEU A 38 -45.19 2.02 -11.07
CA LEU A 38 -44.99 0.58 -11.11
C LEU A 38 -46.31 -0.18 -11.05
N VAL A 39 -46.42 -1.20 -11.85
CA VAL A 39 -47.62 -2.02 -11.86
C VAL A 39 -47.40 -3.19 -10.91
N ILE A 40 -48.34 -3.38 -10.00
CA ILE A 40 -48.32 -4.54 -9.12
C ILE A 40 -49.17 -5.60 -9.81
N GLU A 41 -48.53 -6.63 -10.35
CA GLU A 41 -49.25 -7.66 -11.08
C GLU A 41 -48.60 -9.02 -10.84
N GLU A 42 -49.43 -10.05 -10.72
CA GLU A 42 -48.93 -11.39 -10.45
C GLU A 42 -47.90 -11.82 -11.50
N VAL A 43 -46.83 -12.46 -11.02
CA VAL A 43 -45.68 -12.87 -11.83
C VAL A 43 -45.25 -14.28 -11.42
N PRO A 44 -44.62 -14.99 -12.36
CA PRO A 44 -44.13 -16.35 -12.07
C PRO A 44 -42.87 -16.33 -11.21
N VAL A 45 -42.77 -17.36 -10.36
CA VAL A 45 -41.50 -17.63 -9.68
C VAL A 45 -40.64 -18.50 -10.60
N PRO A 46 -39.60 -17.96 -11.24
CA PRO A 46 -38.83 -18.76 -12.20
C PRO A 46 -37.95 -19.81 -11.51
N ARG A 47 -37.60 -20.86 -12.29
CA ARG A 47 -36.86 -22.02 -11.78
C ARG A 47 -35.35 -21.82 -11.96
N PRO A 48 -34.55 -22.03 -10.92
CA PRO A 48 -33.11 -21.78 -10.99
C PRO A 48 -32.33 -22.88 -11.67
N GLY A 49 -31.52 -22.51 -12.66
CA GLY A 49 -30.71 -23.43 -13.43
C GLY A 49 -29.41 -23.75 -12.72
N PRO A 50 -28.45 -24.34 -13.44
CA PRO A 50 -27.16 -24.70 -12.83
C PRO A 50 -26.45 -23.48 -12.23
N GLY A 51 -26.03 -23.62 -10.97
CA GLY A 51 -25.37 -22.53 -10.30
C GLY A 51 -26.27 -21.36 -10.02
N GLU A 52 -27.57 -21.59 -9.88
CA GLU A 52 -28.53 -20.54 -9.66
C GLU A 52 -29.22 -20.78 -8.32
N ILE A 53 -29.87 -19.74 -7.79
CA ILE A 53 -30.54 -19.84 -6.50
C ILE A 53 -31.86 -19.06 -6.56
N LEU A 54 -32.92 -19.69 -6.03
CA LEU A 54 -34.20 -19.02 -5.80
C LEU A 54 -34.35 -18.76 -4.31
N VAL A 55 -34.65 -17.51 -3.95
CA VAL A 55 -34.65 -17.08 -2.56
C VAL A 55 -35.95 -16.37 -2.22
N LYS A 56 -36.59 -16.82 -1.14
CA LYS A 56 -37.76 -16.14 -0.57
C LYS A 56 -37.36 -14.73 -0.15
N VAL A 57 -38.07 -13.73 -0.63
CA VAL A 57 -37.77 -12.36 -0.21
C VAL A 57 -38.45 -12.14 1.13
N ALA A 58 -37.71 -11.63 2.11
CA ALA A 58 -38.25 -11.26 3.41
C ALA A 58 -38.33 -9.75 3.62
N ALA A 59 -37.41 -8.98 3.04
CA ALA A 59 -37.38 -7.53 3.22
C ALA A 59 -36.41 -6.92 2.23
N SER A 60 -36.89 -6.02 1.37
CA SER A 60 -35.98 -5.30 0.48
C SER A 60 -35.76 -3.84 0.92
N GLY A 61 -34.61 -3.28 0.58
CA GLY A 61 -34.27 -1.93 0.96
C GLY A 61 -34.43 -0.99 -0.23
N VAL A 62 -34.74 0.28 0.05
CA VAL A 62 -35.01 1.26 -0.99
C VAL A 62 -33.83 2.21 -1.13
N CYS A 63 -33.28 2.28 -2.34
CA CYS A 63 -32.14 3.12 -2.66
C CYS A 63 -32.52 4.17 -3.69
N HIS A 64 -31.74 5.26 -3.70
CA HIS A 64 -31.86 6.24 -4.77
C HIS A 64 -31.51 5.64 -6.12
N THR A 65 -30.64 4.64 -6.13
CA THR A 65 -30.39 3.89 -7.36
C THR A 65 -31.70 3.34 -7.92
N ASP A 66 -32.60 2.87 -7.05
CA ASP A 66 -33.87 2.33 -7.51
C ASP A 66 -34.69 3.41 -8.21
N LEU A 67 -34.88 4.55 -7.54
CA LEU A 67 -35.66 5.64 -8.12
C LEU A 67 -35.08 6.10 -9.43
N HIS A 68 -33.77 6.33 -9.47
CA HIS A 68 -33.13 6.82 -10.68
C HIS A 68 -33.21 5.79 -11.80
N ALA A 69 -33.20 4.50 -11.46
CA ALA A 69 -33.48 3.48 -12.46
C ALA A 69 -34.94 3.52 -12.91
N ALA A 70 -35.84 3.88 -12.00
CA ALA A 70 -37.26 3.96 -12.35
C ALA A 70 -37.50 5.09 -13.35
N ARG A 71 -36.91 6.25 -13.09
CA ARG A 71 -36.94 7.33 -14.07
C ARG A 71 -36.16 6.95 -15.32
N GLY A 72 -35.19 6.05 -15.20
CA GLY A 72 -34.40 5.61 -16.35
C GLY A 72 -33.60 6.71 -16.99
N ASP A 73 -33.27 7.75 -16.22
CA ASP A 73 -32.63 8.96 -16.71
C ASP A 73 -31.11 8.87 -16.78
N TRP A 74 -30.55 7.68 -16.88
CA TRP A 74 -29.11 7.54 -17.00
C TRP A 74 -28.77 7.11 -18.42
N PRO A 75 -27.62 7.52 -18.98
CA PRO A 75 -27.27 7.03 -20.33
C PRO A 75 -27.23 5.52 -20.38
N VAL A 76 -26.71 4.88 -19.34
CA VAL A 76 -26.89 3.45 -19.19
C VAL A 76 -28.34 3.29 -18.78
N LYS A 77 -29.21 3.02 -19.76
CA LYS A 77 -30.62 2.83 -19.47
C LYS A 77 -30.91 1.34 -19.50
N PRO A 78 -31.88 0.88 -18.73
CA PRO A 78 -32.19 -0.55 -18.72
C PRO A 78 -33.14 -0.92 -19.84
N GLU A 79 -33.60 -2.17 -19.85
CA GLU A 79 -34.57 -2.63 -20.83
C GLU A 79 -35.84 -3.05 -20.09
N PRO A 80 -36.93 -2.30 -20.22
CA PRO A 80 -38.14 -2.65 -19.47
C PRO A 80 -38.81 -3.87 -20.08
N PRO A 81 -39.59 -4.63 -19.28
CA PRO A 81 -39.79 -4.45 -17.84
C PRO A 81 -38.66 -4.99 -16.97
N PHE A 82 -38.59 -4.52 -15.72
CA PHE A 82 -37.52 -4.90 -14.82
C PHE A 82 -37.91 -4.49 -13.41
N ILE A 83 -37.77 -5.42 -12.46
CA ILE A 83 -38.17 -5.21 -11.09
C ILE A 83 -36.99 -4.60 -10.33
N PRO A 84 -37.14 -3.43 -9.71
CA PRO A 84 -36.02 -2.76 -9.04
C PRO A 84 -35.66 -3.37 -7.69
N GLY A 85 -34.77 -2.70 -6.97
CA GLY A 85 -34.33 -3.19 -5.68
C GLY A 85 -33.13 -4.08 -5.81
N HIS A 86 -32.02 -3.63 -5.27
CA HIS A 86 -30.81 -4.43 -5.21
C HIS A 86 -30.44 -4.78 -3.78
N GLU A 87 -31.40 -4.71 -2.86
CA GLU A 87 -31.12 -4.81 -1.44
C GLU A 87 -32.14 -5.73 -0.77
N GLY A 88 -32.15 -6.98 -1.20
CA GLY A 88 -33.09 -7.98 -0.71
C GLY A 88 -32.37 -9.04 0.10
N VAL A 89 -33.01 -9.49 1.18
CA VAL A 89 -32.49 -10.55 2.03
C VAL A 89 -33.63 -11.52 2.34
N GLY A 90 -33.26 -12.75 2.64
CA GLY A 90 -34.26 -13.78 2.89
C GLY A 90 -33.65 -15.16 2.98
N HIS A 91 -34.47 -16.17 2.69
CA HIS A 91 -34.13 -17.58 2.85
C HIS A 91 -33.81 -18.24 1.52
N VAL A 92 -32.82 -19.13 1.53
CA VAL A 92 -32.54 -19.96 0.36
C VAL A 92 -33.65 -20.99 0.21
N VAL A 93 -34.25 -21.05 -0.98
CA VAL A 93 -35.34 -21.97 -1.27
C VAL A 93 -34.91 -23.05 -2.24
N ALA A 94 -34.37 -22.64 -3.39
CA ALA A 94 -33.99 -23.58 -4.43
C ALA A 94 -32.53 -23.38 -4.78
N VAL A 95 -31.82 -24.49 -4.95
CA VAL A 95 -30.42 -24.48 -5.34
C VAL A 95 -30.32 -25.02 -6.76
N GLY A 96 -29.28 -24.58 -7.47
CA GLY A 96 -29.02 -25.04 -8.82
C GLY A 96 -28.17 -26.28 -8.85
N ARG A 97 -27.82 -26.69 -10.07
CA ARG A 97 -26.95 -27.83 -10.29
C ARG A 97 -25.50 -27.43 -10.07
N GLY A 98 -24.79 -28.21 -9.28
CA GLY A 98 -23.41 -27.93 -8.96
C GLY A 98 -23.23 -27.07 -7.74
N VAL A 99 -24.33 -26.61 -7.14
CA VAL A 99 -24.29 -25.83 -5.91
C VAL A 99 -24.03 -26.77 -4.74
N GLN A 100 -22.90 -26.57 -4.06
CA GLN A 100 -22.52 -27.41 -2.93
C GLN A 100 -22.29 -26.64 -1.63
N HIS A 101 -22.04 -25.33 -1.69
CA HIS A 101 -21.67 -24.56 -0.50
C HIS A 101 -22.87 -23.96 0.22
N VAL A 102 -23.89 -23.51 -0.51
CA VAL A 102 -25.05 -22.88 0.10
C VAL A 102 -26.17 -23.90 0.20
N LYS A 103 -26.72 -24.06 1.41
CA LYS A 103 -27.75 -25.02 1.70
C LYS A 103 -29.14 -24.37 1.63
N GLU A 104 -30.15 -25.22 1.41
CA GLU A 104 -31.53 -24.73 1.32
C GLU A 104 -32.00 -24.32 2.70
N GLY A 105 -32.26 -23.04 2.88
CA GLY A 105 -32.64 -22.48 4.16
C GLY A 105 -31.62 -21.51 4.74
N ASP A 106 -30.51 -21.23 4.06
CA ASP A 106 -29.53 -20.28 4.56
C ASP A 106 -30.09 -18.86 4.53
N ARG A 107 -29.78 -18.09 5.56
CA ARG A 107 -30.12 -16.67 5.62
C ARG A 107 -29.10 -15.91 4.78
N VAL A 108 -29.52 -15.40 3.63
CA VAL A 108 -28.61 -14.76 2.68
C VAL A 108 -29.25 -13.49 2.13
N GLY A 109 -28.45 -12.74 1.38
CA GLY A 109 -28.94 -11.56 0.70
C GLY A 109 -28.33 -11.45 -0.70
N VAL A 110 -28.96 -10.59 -1.51
CA VAL A 110 -28.61 -10.38 -2.90
C VAL A 110 -28.21 -8.92 -3.09
N PRO A 111 -26.99 -8.62 -3.51
CA PRO A 111 -26.54 -7.23 -3.60
C PRO A 111 -26.75 -6.62 -4.98
N TRP A 112 -26.42 -5.33 -5.07
CA TRP A 112 -26.37 -4.66 -6.37
C TRP A 112 -25.61 -5.49 -7.39
N LEU A 113 -24.51 -6.11 -6.98
CA LEU A 113 -23.80 -7.01 -7.86
C LEU A 113 -24.59 -8.29 -8.03
N TYR A 114 -25.08 -8.55 -9.25
CA TYR A 114 -25.66 -9.83 -9.58
C TYR A 114 -24.60 -10.81 -10.06
N SER A 115 -23.70 -10.35 -10.93
CA SER A 115 -22.72 -11.21 -11.58
C SER A 115 -21.70 -10.37 -12.31
N THR A 116 -20.51 -10.93 -12.44
CA THR A 116 -19.41 -10.35 -13.16
C THR A 116 -19.01 -11.32 -14.27
N CYS A 117 -18.05 -10.91 -15.09
CA CYS A 117 -17.56 -11.79 -16.15
C CYS A 117 -16.52 -12.77 -15.64
N GLY A 118 -15.94 -12.50 -14.47
CA GLY A 118 -14.94 -13.37 -13.86
C GLY A 118 -13.72 -13.58 -14.73
N HIS A 119 -13.55 -12.73 -15.74
CA HIS A 119 -12.47 -12.92 -16.68
C HIS A 119 -11.65 -11.65 -16.84
N CYS A 120 -12.29 -10.49 -16.67
CA CYS A 120 -11.56 -9.25 -16.82
C CYS A 120 -10.59 -9.09 -15.67
N GLU A 121 -9.57 -8.26 -15.91
CA GLU A 121 -8.51 -8.06 -14.92
C GLU A 121 -9.05 -7.52 -13.60
N HIS A 122 -10.11 -6.71 -13.64
CA HIS A 122 -10.77 -6.32 -12.40
C HIS A 122 -11.33 -7.54 -11.69
N CYS A 123 -12.07 -8.38 -12.42
CA CYS A 123 -12.65 -9.59 -11.84
C CYS A 123 -11.57 -10.50 -11.29
N LEU A 124 -10.55 -10.79 -12.08
CA LEU A 124 -9.56 -11.76 -11.65
C LEU A 124 -8.76 -11.24 -10.46
N GLY A 125 -8.76 -9.94 -10.23
CA GLY A 125 -7.90 -9.36 -9.22
C GLY A 125 -8.62 -8.88 -7.98
N GLY A 126 -9.78 -9.48 -7.70
CA GLY A 126 -10.58 -9.04 -6.57
C GLY A 126 -11.01 -7.59 -6.64
N TRP A 127 -11.21 -7.08 -7.84
CA TRP A 127 -11.78 -5.76 -8.09
C TRP A 127 -13.02 -5.91 -8.95
N GLU A 128 -13.78 -6.97 -8.72
CA GLU A 128 -14.90 -7.31 -9.59
C GLU A 128 -15.96 -6.20 -9.66
N THR A 129 -15.89 -5.20 -8.78
CA THR A 129 -16.90 -4.14 -8.81
C THR A 129 -16.81 -3.28 -10.07
N LEU A 130 -15.70 -3.35 -10.78
CA LEU A 130 -15.48 -2.56 -11.99
C LEU A 130 -15.53 -3.41 -13.24
N CYS A 131 -15.97 -4.66 -13.13
CA CYS A 131 -16.08 -5.53 -14.29
C CYS A 131 -16.96 -4.86 -15.33
N GLU A 132 -16.44 -4.72 -16.55
CA GLU A 132 -17.20 -4.08 -17.61
C GLU A 132 -18.51 -4.82 -17.85
N SER A 133 -18.49 -6.14 -17.75
CA SER A 133 -19.66 -6.98 -18.01
C SER A 133 -20.37 -7.37 -16.72
N GLN A 134 -20.45 -6.46 -15.76
CA GLN A 134 -21.19 -6.73 -14.53
C GLN A 134 -22.68 -6.65 -14.80
N GLN A 135 -23.42 -7.60 -14.22
CA GLN A 135 -24.87 -7.57 -14.24
C GLN A 135 -25.33 -7.11 -12.86
N ASN A 136 -26.15 -6.06 -12.82
CA ASN A 136 -26.57 -5.43 -11.58
C ASN A 136 -28.02 -5.79 -11.28
N THR A 137 -28.28 -6.19 -10.04
CA THR A 137 -29.65 -6.51 -9.63
C THR A 137 -30.49 -5.25 -9.58
N GLY A 138 -31.73 -5.37 -10.04
CA GLY A 138 -32.61 -4.24 -10.16
C GLY A 138 -32.41 -3.40 -11.40
N TYR A 139 -31.43 -3.76 -12.25
CA TYR A 139 -31.16 -3.01 -13.46
C TYR A 139 -31.15 -3.97 -14.65
N SER A 140 -30.13 -4.83 -14.74
CA SER A 140 -30.07 -5.81 -15.81
C SER A 140 -30.85 -7.07 -15.49
N VAL A 141 -31.21 -7.27 -14.22
CA VAL A 141 -32.10 -8.33 -13.80
C VAL A 141 -33.03 -7.77 -12.74
N ASN A 142 -34.02 -8.56 -12.37
CA ASN A 142 -35.06 -8.14 -11.45
C ASN A 142 -34.73 -8.45 -9.99
N GLY A 143 -35.51 -7.84 -9.10
CA GLY A 143 -35.38 -8.05 -7.67
C GLY A 143 -36.68 -7.84 -6.91
N GLU A 147 -41.84 -11.94 -4.43
CA GLU A 147 -41.60 -12.71 -3.22
C GLU A 147 -40.33 -13.55 -3.32
N TYR A 148 -39.95 -13.91 -4.53
CA TYR A 148 -38.79 -14.76 -4.77
C TYR A 148 -37.92 -14.15 -5.86
N THR A 149 -36.62 -14.13 -5.62
CA THR A 149 -35.69 -13.65 -6.63
C THR A 149 -34.60 -14.67 -6.89
N LEU A 150 -34.15 -14.69 -8.14
CA LEU A 150 -33.12 -15.62 -8.61
C LEU A 150 -31.78 -14.89 -8.65
N ALA A 151 -30.74 -15.53 -8.13
CA ALA A 151 -29.42 -14.94 -8.03
C ALA A 151 -28.34 -15.99 -8.21
N GLN A 152 -27.18 -15.53 -8.66
CA GLN A 152 -26.03 -16.41 -8.83
C GLN A 152 -25.43 -16.78 -7.47
N ALA A 153 -25.11 -18.06 -7.32
CA ALA A 153 -24.75 -18.59 -6.00
C ALA A 153 -23.45 -17.99 -5.47
N ASP A 154 -22.57 -17.47 -6.33
CA ASP A 154 -21.27 -16.99 -5.92
C ASP A 154 -21.23 -15.48 -5.70
N TYR A 155 -22.38 -14.81 -5.75
CA TYR A 155 -22.44 -13.37 -5.58
C TYR A 155 -23.51 -12.98 -4.57
N VAL A 156 -23.78 -13.86 -3.61
CA VAL A 156 -24.75 -13.59 -2.57
C VAL A 156 -24.03 -13.54 -1.24
N GLY A 157 -24.57 -12.75 -0.32
CA GLY A 157 -23.94 -12.48 0.96
C GLY A 157 -24.57 -13.29 2.09
N LYS A 158 -23.72 -14.04 2.77
CA LYS A 158 -24.15 -14.80 3.95
C LYS A 158 -24.37 -13.84 5.11
N LEU A 159 -25.60 -13.75 5.57
CA LEU A 159 -25.94 -12.79 6.61
C LEU A 159 -25.52 -13.31 7.98
N PRO A 160 -25.42 -12.42 8.96
CA PRO A 160 -25.15 -12.87 10.33
C PRO A 160 -26.36 -13.61 10.87
N ASP A 161 -26.09 -14.60 11.71
CA ASP A 161 -27.13 -15.47 12.22
C ASP A 161 -27.87 -14.94 13.42
N ASN A 162 -27.77 -13.64 13.73
CA ASN A 162 -28.42 -13.07 14.89
C ASN A 162 -29.03 -11.70 14.61
N VAL A 163 -29.17 -11.31 13.35
CA VAL A 163 -29.66 -9.98 13.00
C VAL A 163 -30.86 -10.13 12.08
N GLY A 164 -31.96 -9.45 12.44
CA GLY A 164 -33.18 -9.53 11.66
C GLY A 164 -32.97 -9.08 10.22
N PHE A 165 -33.86 -9.55 9.35
CA PHE A 165 -33.75 -9.28 7.92
C PHE A 165 -33.86 -7.78 7.64
N VAL A 166 -34.76 -7.10 8.34
CA VAL A 166 -34.95 -5.66 8.14
C VAL A 166 -33.71 -4.90 8.57
N GLU A 167 -32.97 -5.42 9.55
CA GLU A 167 -31.79 -4.76 10.08
C GLU A 167 -30.61 -4.88 9.13
N ILE A 168 -30.43 -6.05 8.53
CA ILE A 168 -29.33 -6.22 7.57
C ILE A 168 -29.68 -5.67 6.20
N ALA A 169 -30.96 -5.39 5.94
CA ALA A 169 -31.38 -4.92 4.62
C ALA A 169 -30.65 -3.65 4.19
N PRO A 170 -30.51 -2.61 5.02
CA PRO A 170 -29.90 -1.36 4.52
C PRO A 170 -28.40 -1.43 4.21
N VAL A 171 -27.77 -2.59 4.43
CA VAL A 171 -26.34 -2.73 4.20
C VAL A 171 -26.01 -3.04 2.74
N LEU A 172 -26.95 -3.66 2.01
CA LEU A 172 -26.65 -4.26 0.71
C LEU A 172 -26.07 -3.28 -0.31
N CYS A 173 -26.41 -2.01 -0.20
CA CYS A 173 -25.86 -0.97 -1.07
C CYS A 173 -25.29 0.17 -0.22
N ALA A 174 -26.10 0.73 0.67
CA ALA A 174 -25.62 1.81 1.53
C ALA A 174 -24.42 1.42 2.37
N GLY A 175 -24.60 0.45 3.29
CA GLY A 175 -23.53 0.08 4.21
C GLY A 175 -22.24 -0.28 3.51
N VAL A 176 -22.30 -1.14 2.51
CA VAL A 176 -21.08 -1.62 1.89
C VAL A 176 -20.43 -0.54 1.05
N THR A 177 -21.23 0.34 0.44
CA THR A 177 -20.63 1.46 -0.28
C THR A 177 -19.93 2.39 0.70
N VAL A 178 -20.54 2.59 1.87
CA VAL A 178 -19.93 3.39 2.93
C VAL A 178 -18.61 2.78 3.37
N TYR A 179 -18.62 1.48 3.68
CA TYR A 179 -17.41 0.82 4.16
C TYR A 179 -16.34 0.81 3.08
N LYS A 180 -16.75 0.67 1.82
CA LYS A 180 -15.79 0.72 0.72
C LYS A 180 -15.20 2.11 0.58
N GLY A 181 -16.01 3.14 0.81
CA GLY A 181 -15.49 4.49 0.73
C GLY A 181 -14.51 4.78 1.84
N LEU A 182 -14.86 4.39 3.07
CA LEU A 182 -13.95 4.54 4.19
C LEU A 182 -12.64 3.80 3.93
N LYS A 183 -12.72 2.55 3.47
CA LYS A 183 -11.52 1.85 3.07
C LYS A 183 -10.82 2.54 1.90
N MET A 184 -11.54 3.34 1.13
CA MET A 184 -10.98 4.06 0.00
C MET A 184 -10.52 5.46 0.37
N THR A 185 -10.60 5.83 1.65
CA THR A 185 -10.13 7.14 2.11
C THR A 185 -8.69 7.13 2.59
N ASP A 186 -8.00 6.00 2.45
CA ASP A 186 -6.60 5.84 2.85
C ASP A 186 -6.31 6.52 4.20
N THR A 187 -7.07 6.10 5.21
CA THR A 187 -7.00 6.70 6.54
C THR A 187 -6.61 5.64 7.56
N ARG A 188 -5.53 5.90 8.28
CA ARG A 188 -5.12 5.05 9.37
C ARG A 188 -5.98 5.32 10.60
N PRO A 189 -6.21 4.32 11.44
CA PRO A 189 -7.03 4.53 12.64
C PRO A 189 -6.42 5.57 13.55
N GLY A 190 -7.29 6.39 14.15
CA GLY A 190 -6.87 7.48 15.00
C GLY A 190 -6.74 8.81 14.30
N GLN A 191 -7.28 8.93 13.09
CA GLN A 191 -7.27 10.16 12.31
C GLN A 191 -8.67 10.73 12.25
N TRP A 192 -8.82 11.80 11.47
CA TRP A 192 -10.08 12.52 11.42
C TRP A 192 -10.72 12.41 10.04
N VAL A 193 -12.05 12.26 10.05
CA VAL A 193 -12.82 12.08 8.82
C VAL A 193 -14.15 12.83 8.95
N VAL A 194 -14.53 13.48 7.87
CA VAL A 194 -15.79 14.18 7.78
C VAL A 194 -16.78 13.32 7.01
N ILE A 195 -18.05 13.39 7.41
CA ILE A 195 -19.16 12.74 6.73
C ILE A 195 -20.12 13.85 6.29
N SER A 196 -20.13 14.15 5.00
CA SER A 196 -20.97 15.24 4.51
C SER A 196 -22.38 14.73 4.24
N GLY A 197 -23.36 15.35 4.90
CA GLY A 197 -24.73 14.91 4.81
C GLY A 197 -25.00 13.65 5.62
N ILE A 198 -25.87 13.73 6.62
CA ILE A 198 -26.22 12.56 7.41
C ILE A 198 -27.58 12.06 6.93
N GLY A 199 -27.58 11.30 5.86
CA GLY A 199 -28.74 10.54 5.44
C GLY A 199 -28.75 9.20 6.13
N GLY A 200 -29.36 8.20 5.49
CA GLY A 200 -29.16 6.85 5.95
C GLY A 200 -27.70 6.43 5.83
N LEU A 201 -27.12 6.66 4.66
CA LEU A 201 -25.73 6.33 4.43
C LEU A 201 -24.82 7.09 5.40
N GLY A 202 -25.17 8.33 5.74
CA GLY A 202 -24.46 9.09 6.75
C GLY A 202 -24.35 8.41 8.11
N HIS A 203 -25.49 7.99 8.67
CA HIS A 203 -25.44 7.38 9.99
C HIS A 203 -24.78 6.02 9.92
N MET A 204 -24.96 5.31 8.81
CA MET A 204 -24.23 4.07 8.66
C MET A 204 -22.73 4.36 8.63
N ALA A 205 -22.33 5.47 7.98
CA ALA A 205 -20.92 5.81 7.85
C ALA A 205 -20.31 6.14 9.19
N VAL A 206 -21.04 6.89 10.00
CA VAL A 206 -20.58 7.19 11.36
C VAL A 206 -20.37 5.92 12.14
N GLN A 207 -21.40 5.07 12.20
CA GLN A 207 -21.28 3.79 12.88
C GLN A 207 -20.04 3.03 12.42
N TYR A 208 -19.82 2.96 11.11
CA TYR A 208 -18.69 2.17 10.62
C TYR A 208 -17.36 2.81 10.99
N ALA A 209 -17.25 4.13 10.83
CA ALA A 209 -16.00 4.80 11.13
C ALA A 209 -15.64 4.68 12.60
N ARG A 210 -16.62 4.84 13.48
CA ARG A 210 -16.33 4.68 14.90
C ARG A 210 -15.93 3.23 15.20
N ALA A 211 -16.61 2.27 14.58
CA ALA A 211 -16.18 0.87 14.76
C ALA A 211 -14.81 0.63 14.16
N MET A 212 -14.43 1.41 13.14
CA MET A 212 -13.10 1.33 12.56
C MET A 212 -12.04 2.02 13.41
N GLY A 213 -12.44 2.73 14.45
CA GLY A 213 -11.50 3.39 15.32
C GLY A 213 -10.95 4.68 14.72
N LEU A 214 -11.86 5.55 14.29
CA LEU A 214 -11.50 6.86 13.76
C LEU A 214 -12.17 7.95 14.58
N ASN A 215 -11.83 9.19 14.26
CA ASN A 215 -12.45 10.36 14.84
C ASN A 215 -13.25 11.04 13.75
N VAL A 216 -14.48 11.45 14.08
CA VAL A 216 -15.47 11.74 13.06
C VAL A 216 -16.05 13.13 13.25
N ALA A 217 -16.65 13.63 12.16
CA ALA A 217 -17.29 14.93 12.15
C ALA A 217 -18.49 14.85 11.22
N ALA A 218 -19.55 15.57 11.56
CA ALA A 218 -20.79 15.52 10.80
C ALA A 218 -21.19 16.94 10.41
N VAL A 219 -21.21 17.22 9.10
CA VAL A 219 -21.63 18.51 8.56
C VAL A 219 -23.12 18.52 8.22
N ASP A 220 -23.88 17.58 8.78
CA ASP A 220 -25.31 17.57 8.54
C ASP A 220 -25.88 18.94 8.86
N VAL A 221 -26.72 19.45 7.97
CA VAL A 221 -27.32 20.74 8.26
C VAL A 221 -28.56 20.59 9.13
N ASP A 222 -29.13 19.40 9.21
CA ASP A 222 -30.29 19.16 10.06
C ASP A 222 -29.81 18.89 11.48
N ASP A 223 -30.09 19.84 12.37
CA ASP A 223 -29.55 19.76 13.74
C ASP A 223 -30.04 18.52 14.47
N ALA A 224 -31.22 18.02 14.13
CA ALA A 224 -31.73 16.84 14.81
C ALA A 224 -30.99 15.56 14.38
N LYS A 225 -30.71 15.43 13.08
CA LYS A 225 -29.91 14.27 12.67
C LYS A 225 -28.46 14.45 13.08
N LEU A 226 -27.99 15.70 13.14
CA LEU A 226 -26.69 15.98 13.76
C LEU A 226 -26.64 15.46 15.20
N ALA A 227 -27.67 15.76 15.98
CA ALA A 227 -27.73 15.27 17.35
C ALA A 227 -27.72 13.75 17.37
N LEU A 228 -28.41 13.12 16.41
CA LEU A 228 -28.35 11.66 16.34
C LEU A 228 -26.93 11.18 16.06
N ALA A 229 -26.20 11.92 15.21
CA ALA A 229 -24.81 11.56 14.94
C ALA A 229 -23.95 11.70 16.18
N GLU A 230 -24.12 12.79 16.92
CA GLU A 230 -23.44 12.97 18.19
C GLU A 230 -23.74 11.82 19.13
N ARG A 231 -24.99 11.33 19.09
CA ARG A 231 -25.36 10.15 19.86
C ARG A 231 -24.74 8.87 19.32
N LEU A 232 -24.37 8.86 18.04
CA LEU A 232 -23.79 7.67 17.43
C LEU A 232 -22.32 7.51 17.73
N GLY A 233 -21.63 8.59 18.08
CA GLY A 233 -20.21 8.55 18.38
C GLY A 233 -19.46 9.62 17.64
N ALA A 234 -20.20 10.54 17.03
CA ALA A 234 -19.60 11.67 16.34
C ALA A 234 -18.95 12.60 17.35
N THR A 235 -17.65 12.79 17.24
CA THR A 235 -16.95 13.63 18.18
C THR A 235 -17.25 15.10 17.92
N ILE A 236 -17.56 15.44 16.67
CA ILE A 236 -17.81 16.82 16.28
C ILE A 236 -19.06 16.87 15.42
N THR A 237 -19.84 17.92 15.59
CA THR A 237 -21.02 18.18 14.78
C THR A 237 -20.98 19.63 14.33
N VAL A 238 -21.53 19.89 13.15
CA VAL A 238 -21.47 21.25 12.61
C VAL A 238 -22.57 21.49 11.59
N ASN A 239 -23.36 22.54 11.82
CA ASN A 239 -24.37 22.98 10.86
C ASN A 239 -23.75 23.99 9.91
N ALA A 240 -23.78 23.68 8.61
CA ALA A 240 -23.19 24.59 7.63
C ALA A 240 -24.02 25.86 7.47
N MET A 241 -25.29 25.83 7.88
CA MET A 241 -26.11 27.04 7.83
C MET A 241 -25.71 28.00 8.94
N GLN A 242 -25.52 27.48 10.15
CA GLN A 242 -25.15 28.32 11.28
C GLN A 242 -23.72 28.82 11.16
N THR A 243 -22.77 27.91 10.94
CA THR A 243 -21.35 28.26 10.92
C THR A 243 -20.70 27.71 9.65
N ASP A 244 -19.46 28.20 9.38
CA ASP A 244 -18.64 27.78 8.26
C ASP A 244 -17.83 26.54 8.66
N PRO A 245 -17.91 25.45 7.90
CA PRO A 245 -17.21 24.22 8.30
C PRO A 245 -15.70 24.25 8.03
N ALA A 246 -15.30 24.79 6.88
CA ALA A 246 -13.89 24.77 6.49
C ALA A 246 -13.03 25.51 7.50
N ARG A 247 -13.39 26.75 7.82
CA ARG A 247 -12.65 27.56 8.77
C ARG A 247 -12.59 26.88 10.13
N TYR A 248 -13.71 26.29 10.54
CA TYR A 248 -13.81 25.62 11.83
C TYR A 248 -12.84 24.46 11.91
N LEU A 249 -12.85 23.59 10.89
CA LEU A 249 -11.95 22.44 10.89
C LEU A 249 -10.49 22.85 10.72
N LYS A 250 -10.24 23.97 10.03
CA LYS A 250 -8.87 24.43 9.89
C LYS A 250 -8.37 25.13 11.14
N GLN A 251 -9.27 25.50 12.05
CA GLN A 251 -8.88 26.08 13.32
C GLN A 251 -9.01 25.11 14.49
N THR A 252 -9.59 23.93 14.27
CA THR A 252 -9.69 22.91 15.31
C THR A 252 -8.87 21.67 14.97
N ILE A 253 -9.12 21.04 13.83
CA ILE A 253 -8.39 19.84 13.43
C ILE A 253 -7.22 20.16 12.52
N GLY A 254 -7.16 21.37 11.95
CA GLY A 254 -6.17 21.67 10.94
C GLY A 254 -6.40 20.90 9.66
N GLY A 255 -7.66 20.76 9.24
CA GLY A 255 -8.00 19.97 8.06
C GLY A 255 -8.17 18.51 8.39
N ALA A 256 -9.13 17.83 7.77
CA ALA A 256 -9.38 16.42 8.04
C ALA A 256 -8.63 15.55 7.03
N HIS A 257 -8.34 14.31 7.43
CA HIS A 257 -7.63 13.41 6.54
C HIS A 257 -8.51 12.95 5.40
N GLY A 258 -9.79 12.73 5.69
CA GLY A 258 -10.71 12.17 4.71
C GLY A 258 -12.08 12.82 4.83
N ALA A 259 -12.77 12.86 3.68
CA ALA A 259 -14.13 13.38 3.60
C ALA A 259 -14.98 12.41 2.78
N LEU A 260 -15.94 11.75 3.42
CA LEU A 260 -16.87 10.85 2.77
C LEU A 260 -18.17 11.60 2.49
N VAL A 261 -18.42 11.86 1.21
CA VAL A 261 -19.57 12.65 0.79
C VAL A 261 -20.71 11.72 0.41
N THR A 262 -21.72 11.63 1.28
CA THR A 262 -22.93 10.87 0.95
C THR A 262 -23.89 11.67 0.08
N ALA A 263 -24.26 12.87 0.52
CA ALA A 263 -25.20 13.73 -0.20
C ALA A 263 -24.39 14.72 -1.00
N VAL A 264 -24.25 14.45 -2.31
CA VAL A 264 -23.36 15.22 -3.17
C VAL A 264 -24.12 16.42 -3.75
N SER A 265 -23.86 17.59 -3.20
CA SER A 265 -24.35 18.85 -3.73
C SER A 265 -23.18 19.81 -3.88
N PRO A 266 -23.24 20.73 -4.86
CA PRO A 266 -22.12 21.67 -5.08
C PRO A 266 -21.66 22.39 -3.82
N LYS A 267 -22.60 22.81 -2.96
CA LYS A 267 -22.22 23.49 -1.73
C LYS A 267 -21.43 22.55 -0.81
N ALA A 268 -22.01 21.38 -0.52
CA ALA A 268 -21.30 20.41 0.30
C ALA A 268 -20.06 19.90 -0.40
N PHE A 269 -19.99 20.01 -1.72
CA PHE A 269 -18.80 19.58 -2.45
C PHE A 269 -17.66 20.55 -2.22
N GLU A 270 -17.92 21.85 -2.40
CA GLU A 270 -16.92 22.86 -2.06
C GLU A 270 -16.52 22.74 -0.58
N GLN A 271 -17.51 22.55 0.30
CA GLN A 271 -17.21 22.40 1.73
C GLN A 271 -16.28 21.22 1.98
N ALA A 272 -16.60 20.06 1.40
CA ALA A 272 -15.75 18.88 1.54
C ALA A 272 -14.35 19.16 1.02
N LEU A 273 -14.25 19.73 -0.18
CA LEU A 273 -12.96 20.05 -0.76
C LEU A 273 -12.14 20.90 0.21
N GLY A 274 -12.78 21.87 0.87
CA GLY A 274 -12.05 22.74 1.78
C GLY A 274 -11.75 22.13 3.13
N MET A 275 -12.56 21.18 3.59
CA MET A 275 -12.43 20.65 4.94
C MET A 275 -11.22 19.76 5.11
N ILE A 276 -10.63 19.31 4.04
CA ILE A 276 -9.55 18.34 4.09
C ILE A 276 -8.20 19.05 4.19
N ARG A 277 -7.28 18.44 4.96
CA ARG A 277 -5.93 18.96 5.11
C ARG A 277 -5.09 18.60 3.88
N ARG A 278 -3.87 19.14 3.85
CA ARG A 278 -2.99 18.91 2.72
C ARG A 278 -2.69 17.43 2.57
N GLY A 279 -2.96 16.90 1.37
CA GLY A 279 -2.71 15.50 1.09
C GLY A 279 -3.86 14.56 1.37
N GLY A 280 -5.00 15.07 1.83
CA GLY A 280 -6.11 14.21 2.21
C GLY A 280 -6.88 13.69 1.01
N THR A 281 -7.84 12.81 1.30
CA THR A 281 -8.58 12.09 0.27
C THR A 281 -10.05 12.41 0.36
N VAL A 282 -10.65 12.81 -0.76
CA VAL A 282 -12.07 13.12 -0.84
C VAL A 282 -12.78 11.93 -1.46
N ALA A 283 -13.64 11.27 -0.67
CA ALA A 283 -14.45 10.16 -1.12
C ALA A 283 -15.88 10.63 -1.41
N LEU A 284 -16.42 10.19 -2.54
CA LEU A 284 -17.72 10.60 -3.03
C LEU A 284 -18.64 9.40 -3.18
N ASN A 285 -19.86 9.51 -2.65
CA ASN A 285 -20.83 8.42 -2.66
C ASN A 285 -21.99 8.65 -3.60
N GLY A 286 -22.65 9.81 -3.50
CA GLY A 286 -23.76 10.13 -4.38
C GLY A 286 -23.33 10.25 -5.83
N LEU A 287 -24.34 10.46 -6.69
CA LEU A 287 -24.15 10.42 -8.13
C LEU A 287 -25.08 11.40 -8.82
N PRO A 288 -24.94 12.70 -8.51
CA PRO A 288 -25.78 13.69 -9.18
C PRO A 288 -25.30 13.92 -10.60
N PRO A 289 -26.18 14.37 -11.51
CA PRO A 289 -25.81 14.51 -12.91
C PRO A 289 -25.07 15.79 -13.26
N GLY A 290 -24.62 16.55 -12.28
CA GLY A 290 -23.94 17.79 -12.58
C GLY A 290 -22.49 17.60 -12.95
N ASP A 291 -22.01 18.47 -13.83
CA ASP A 291 -20.59 18.60 -14.11
C ASP A 291 -20.03 19.63 -13.14
N PHE A 292 -19.19 19.19 -12.20
CA PHE A 292 -18.76 20.05 -11.09
C PHE A 292 -17.43 20.72 -11.40
N PRO A 293 -17.30 22.02 -11.14
CA PRO A 293 -16.02 22.69 -11.32
C PRO A 293 -14.95 22.19 -10.36
N LEU A 294 -13.74 22.08 -10.86
CA LEU A 294 -12.62 21.68 -10.02
C LEU A 294 -11.54 22.74 -10.11
N PRO A 295 -11.33 23.50 -9.05
CA PRO A 295 -10.21 24.44 -9.05
C PRO A 295 -8.97 23.62 -8.76
N ILE A 296 -8.33 23.12 -9.81
CA ILE A 296 -7.20 22.25 -9.57
C ILE A 296 -6.00 22.98 -9.01
N PHE A 297 -6.06 24.31 -8.91
CA PHE A 297 -4.92 25.01 -8.35
C PHE A 297 -4.79 24.69 -6.86
N ASP A 298 -5.88 24.83 -6.09
CA ASP A 298 -5.82 24.52 -4.67
C ASP A 298 -5.48 23.06 -4.45
N MET A 299 -5.96 22.17 -5.33
CA MET A 299 -5.71 20.75 -5.17
C MET A 299 -4.25 20.42 -5.44
N VAL A 300 -3.72 20.89 -6.58
CA VAL A 300 -2.32 20.70 -6.92
C VAL A 300 -1.42 21.27 -5.84
N LEU A 301 -1.79 22.45 -5.32
CA LEU A 301 -1.06 23.06 -4.23
C LEU A 301 -1.05 22.17 -2.99
N ASN A 302 -2.23 21.71 -2.58
CA ASN A 302 -2.38 20.93 -1.37
C ASN A 302 -2.21 19.44 -1.58
N GLY A 303 -2.01 18.99 -2.82
CA GLY A 303 -1.85 17.57 -3.09
C GLY A 303 -3.05 16.73 -2.72
N ILE A 304 -4.26 17.26 -2.91
CA ILE A 304 -5.48 16.57 -2.50
C ILE A 304 -5.81 15.49 -3.52
N THR A 305 -6.17 14.31 -3.02
CA THR A 305 -6.61 13.22 -3.86
C THR A 305 -8.13 13.08 -3.73
N VAL A 306 -8.81 12.91 -4.85
CA VAL A 306 -10.28 12.84 -4.90
C VAL A 306 -10.66 11.54 -5.59
N ARG A 307 -11.15 10.57 -4.82
CA ARG A 307 -11.48 9.23 -5.29
C ARG A 307 -12.99 9.03 -5.31
N GLY A 308 -13.48 8.28 -6.29
CA GLY A 308 -14.89 7.94 -6.40
C GLY A 308 -15.11 6.45 -6.14
N SER A 309 -16.22 6.15 -5.45
CA SER A 309 -16.48 4.82 -4.92
C SER A 309 -17.98 4.60 -4.83
N ILE A 310 -18.49 3.62 -5.58
CA ILE A 310 -19.91 3.37 -5.67
C ILE A 310 -20.34 2.20 -4.79
N VAL A 311 -19.59 1.11 -4.80
CA VAL A 311 -20.00 -0.13 -4.16
C VAL A 311 -18.76 -0.91 -3.79
N GLY A 312 -18.89 -1.72 -2.75
CA GLY A 312 -17.83 -2.64 -2.38
C GLY A 312 -17.98 -3.97 -3.10
N THR A 313 -16.98 -4.82 -2.93
CA THR A 313 -17.00 -6.15 -3.52
C THR A 313 -17.58 -7.14 -2.51
N ARG A 314 -17.66 -8.42 -2.90
CA ARG A 314 -18.12 -9.45 -1.96
C ARG A 314 -17.34 -9.43 -0.65
N LEU A 315 -16.00 -9.32 -0.72
CA LEU A 315 -15.19 -9.27 0.49
C LEU A 315 -15.64 -8.11 1.39
N ASP A 316 -15.71 -6.92 0.81
CA ASP A 316 -16.21 -5.75 1.51
C ASP A 316 -17.56 -6.03 2.15
N LEU A 317 -18.49 -6.55 1.35
CA LEU A 317 -19.84 -6.84 1.82
C LEU A 317 -19.83 -7.76 3.03
N GLN A 318 -19.14 -8.89 2.94
CA GLN A 318 -19.03 -9.83 4.04
C GLN A 318 -18.46 -9.16 5.28
N GLU A 319 -17.45 -8.29 5.11
CA GLU A 319 -16.90 -7.59 6.26
C GLU A 319 -17.92 -6.64 6.90
N ALA A 320 -18.64 -5.88 6.07
CA ALA A 320 -19.69 -5.01 6.59
C ALA A 320 -20.73 -5.82 7.35
N LEU A 321 -21.06 -7.00 6.84
CA LEU A 321 -22.02 -7.85 7.55
C LEU A 321 -21.43 -8.34 8.86
N ASP A 322 -20.14 -8.64 8.88
CA ASP A 322 -19.47 -9.01 10.13
C ASP A 322 -19.57 -7.89 11.15
N PHE A 323 -19.42 -6.64 10.70
CA PHE A 323 -19.50 -5.51 11.60
C PHE A 323 -20.93 -5.32 12.11
N ALA A 324 -21.93 -5.61 11.25
CA ALA A 324 -23.31 -5.55 11.70
C ALA A 324 -23.62 -6.66 12.70
N GLY A 325 -23.16 -7.88 12.42
CA GLY A 325 -23.33 -9.01 13.31
C GLY A 325 -22.54 -8.87 14.58
N GLU A 326 -21.50 -8.04 14.57
CA GLU A 326 -20.76 -7.65 15.77
C GLU A 326 -21.51 -6.62 16.59
N GLY A 327 -22.72 -6.26 16.17
CA GLY A 327 -23.57 -5.32 16.87
C GLY A 327 -22.96 -3.93 16.94
N LYS A 328 -21.89 -3.72 16.17
CA LYS A 328 -21.23 -2.42 16.12
C LYS A 328 -21.92 -1.47 15.15
N VAL A 329 -22.77 -1.98 14.27
CA VAL A 329 -23.47 -1.18 13.28
C VAL A 329 -24.96 -1.54 13.38
N GLN A 330 -25.80 -0.53 13.55
CA GLN A 330 -27.23 -0.75 13.62
C GLN A 330 -27.95 0.44 13.00
N ALA A 331 -28.54 0.23 11.83
CA ALA A 331 -29.24 1.28 11.11
C ALA A 331 -30.61 1.54 11.72
N THR A 332 -31.19 2.69 11.34
CA THR A 332 -32.53 3.09 11.76
C THR A 332 -33.39 3.25 10.52
N VAL A 333 -34.36 2.35 10.35
CA VAL A 333 -35.18 2.28 9.15
C VAL A 333 -36.66 2.25 9.53
N LYS A 334 -37.50 2.53 8.54
CA LYS A 334 -38.95 2.47 8.68
C LYS A 334 -39.52 1.39 7.76
N THR A 335 -40.36 0.52 8.31
CA THR A 335 -40.94 -0.56 7.54
C THR A 335 -42.20 -0.06 6.85
N GLU A 336 -42.34 -0.40 5.58
CA GLU A 336 -43.48 0.03 4.78
C GLU A 336 -44.04 -1.18 4.04
N LYS A 337 -45.19 -0.99 3.40
CA LYS A 337 -45.81 -2.06 2.65
C LYS A 337 -45.49 -1.95 1.17
N LEU A 338 -45.49 -3.10 0.49
CA LEU A 338 -45.24 -3.12 -0.95
C LEU A 338 -46.27 -2.29 -1.70
N GLU A 339 -47.52 -2.27 -1.22
CA GLU A 339 -48.53 -1.50 -1.93
C GLU A 339 -48.17 -0.02 -1.95
N ASN A 340 -47.59 0.50 -0.86
CA ASN A 340 -47.20 1.91 -0.81
C ASN A 340 -45.75 2.16 -1.23
N ILE A 341 -45.09 1.18 -1.85
CA ILE A 341 -43.71 1.39 -2.29
C ILE A 341 -43.71 2.46 -3.36
N ASN A 342 -44.66 2.37 -4.29
CA ASN A 342 -44.76 3.32 -5.38
C ASN A 342 -44.91 4.74 -4.84
N THR A 343 -45.79 4.91 -3.85
CA THR A 343 -45.94 6.20 -3.18
C THR A 343 -44.62 6.68 -2.58
N VAL A 344 -43.84 5.75 -2.02
CA VAL A 344 -42.57 6.13 -1.42
C VAL A 344 -41.67 6.85 -2.43
N PHE A 345 -41.68 6.40 -3.69
CA PHE A 345 -40.88 7.05 -4.72
C PHE A 345 -41.20 8.54 -4.78
N ASP A 346 -42.49 8.87 -4.80
CA ASP A 346 -42.93 10.26 -4.81
C ASP A 346 -42.47 10.99 -3.55
N GLN A 347 -42.58 10.33 -2.39
CA GLN A 347 -42.11 10.97 -1.16
C GLN A 347 -40.64 11.37 -1.26
N MET A 348 -39.83 10.47 -1.82
CA MET A 348 -38.41 10.77 -2.04
C MET A 348 -38.23 11.94 -3.00
N THR A 349 -39.03 11.99 -4.06
CA THR A 349 -38.93 13.14 -4.98
C THR A 349 -39.27 14.44 -4.27
N GLN A 350 -40.13 14.37 -3.26
CA GLN A 350 -40.50 15.55 -2.49
C GLN A 350 -39.43 15.96 -1.50
N GLY A 351 -38.51 15.06 -1.15
CA GLY A 351 -37.47 15.39 -0.20
C GLY A 351 -37.90 15.27 1.24
N HIS A 352 -39.12 14.78 1.49
CA HIS A 352 -39.60 14.59 2.84
C HIS A 352 -38.98 13.37 3.49
N ILE A 353 -38.20 12.60 2.73
CA ILE A 353 -37.51 11.43 3.22
C ILE A 353 -36.15 11.82 3.79
N GLY A 355 -33.71 9.09 6.36
CA GLY A 355 -34.13 7.86 6.99
C GLY A 355 -34.38 6.70 6.04
N ARG A 356 -33.53 5.69 6.12
CA ARG A 356 -33.61 4.54 5.21
C ARG A 356 -34.99 3.88 5.34
N ILE A 357 -35.45 3.27 4.24
CA ILE A 357 -36.75 2.61 4.18
C ILE A 357 -36.55 1.18 3.74
N VAL A 358 -37.24 0.26 4.41
CA VAL A 358 -37.22 -1.16 4.11
C VAL A 358 -38.65 -1.64 3.91
N LEU A 359 -38.86 -2.40 2.85
CA LEU A 359 -40.11 -3.09 2.59
C LEU A 359 -40.12 -4.40 3.34
N ASP A 360 -41.09 -4.53 4.25
CA ASP A 360 -41.37 -5.72 5.05
C ASP A 360 -42.30 -6.64 4.29
N LEU A 361 -42.21 -7.93 4.60
CA LEU A 361 -43.08 -8.95 4.00
C LEU A 361 -43.52 -9.95 5.06
N ALA A 362 -43.88 -9.45 6.24
CA ALA A 362 -44.39 -10.27 7.33
C ALA A 362 -45.87 -10.62 7.12
N THR B 25 31.18 40.01 -4.20
CA THR B 25 30.19 40.93 -4.76
C THR B 25 30.15 40.79 -6.28
N MET B 26 28.96 40.50 -6.81
CA MET B 26 28.75 40.28 -8.24
C MET B 26 27.39 40.87 -8.64
N LYS B 27 27.01 40.67 -9.90
CA LYS B 27 25.80 41.20 -10.50
C LYS B 27 24.73 40.11 -10.57
N SER B 28 23.49 40.46 -10.23
CA SER B 28 22.41 39.48 -10.24
C SER B 28 21.11 40.17 -10.67
N ALA B 29 20.23 39.42 -11.32
CA ALA B 29 18.91 39.90 -11.75
C ALA B 29 17.85 39.55 -10.72
N VAL B 30 17.00 40.52 -10.37
CA VAL B 30 15.96 40.31 -9.36
C VAL B 30 14.67 41.00 -9.79
N VAL B 31 13.59 40.62 -9.12
CA VAL B 31 12.28 41.23 -9.34
C VAL B 31 12.15 42.42 -8.40
N ARG B 32 12.03 43.61 -8.96
CA ARG B 32 11.70 44.77 -8.15
C ARG B 32 10.20 44.93 -7.99
N THR B 33 9.46 44.85 -9.10
CA THR B 33 8.02 44.98 -9.13
C THR B 33 7.46 43.96 -10.10
N PHE B 34 6.21 43.54 -9.85
CA PHE B 34 5.58 42.50 -10.64
C PHE B 34 5.18 42.99 -12.03
N ARG B 35 5.14 42.06 -12.99
CA ARG B 35 4.85 42.36 -14.39
C ARG B 35 5.83 43.40 -14.93
N GLU B 36 6.90 43.61 -14.18
CA GLU B 36 7.97 44.52 -14.49
C GLU B 36 9.30 43.78 -14.59
N PRO B 37 10.13 44.18 -15.54
CA PRO B 37 11.40 43.48 -15.83
C PRO B 37 12.28 43.26 -14.62
N LEU B 38 12.88 42.07 -14.55
CA LEU B 38 13.88 41.79 -13.53
C LEU B 38 15.09 42.64 -13.87
N VAL B 39 15.52 43.49 -12.96
CA VAL B 39 16.68 44.36 -13.20
C VAL B 39 17.92 43.73 -12.56
N ILE B 40 19.04 43.82 -13.28
CA ILE B 40 20.33 43.34 -12.80
C ILE B 40 21.05 44.45 -12.02
N GLU B 41 21.72 44.05 -10.94
CA GLU B 41 22.44 44.95 -10.05
C GLU B 41 23.42 44.13 -9.22
N GLU B 42 24.56 44.73 -8.88
CA GLU B 42 25.49 44.05 -7.99
C GLU B 42 24.90 43.97 -6.59
N VAL B 43 25.04 42.79 -5.97
CA VAL B 43 24.49 42.52 -4.65
C VAL B 43 25.59 42.00 -3.75
N PRO B 44 25.55 42.26 -2.45
CA PRO B 44 26.59 41.68 -1.58
C PRO B 44 26.27 40.21 -1.36
N VAL B 45 27.30 39.38 -1.46
CA VAL B 45 27.10 37.94 -1.26
C VAL B 45 27.14 37.76 0.24
N PRO B 46 25.99 37.47 0.86
CA PRO B 46 26.00 37.49 2.32
C PRO B 46 26.82 36.34 2.86
N PRO B 48 25.84 32.95 5.14
CA PRO B 48 26.68 31.93 5.78
C PRO B 48 26.30 31.84 7.23
N GLY B 49 25.03 31.58 7.52
CA GLY B 49 24.64 31.57 8.90
C GLY B 49 24.94 30.23 9.52
N PRO B 50 24.70 30.14 10.83
CA PRO B 50 24.94 28.87 11.52
C PRO B 50 24.05 27.78 10.94
N GLY B 51 24.68 26.68 10.52
CA GLY B 51 23.95 25.59 9.89
C GLY B 51 23.37 25.90 8.54
N GLU B 52 23.92 26.87 7.82
CA GLU B 52 23.48 27.24 6.48
C GLU B 52 24.66 27.11 5.53
N ILE B 53 24.39 27.08 4.22
CA ILE B 53 25.45 26.86 3.24
C ILE B 53 25.23 27.81 2.06
N LEU B 54 26.28 28.53 1.65
CA LEU B 54 26.28 29.32 0.42
C LEU B 54 27.16 28.66 -0.65
N VAL B 55 26.60 28.47 -1.84
CA VAL B 55 27.29 27.74 -2.90
C VAL B 55 27.24 28.53 -4.21
N LYS B 56 28.39 28.68 -4.86
CA LYS B 56 28.43 29.27 -6.19
C LYS B 56 27.66 28.39 -7.16
N VAL B 57 26.63 28.96 -7.77
CA VAL B 57 25.72 28.28 -8.67
C VAL B 57 26.15 28.37 -10.14
N ALA B 58 26.06 27.24 -10.84
CA ALA B 58 26.19 27.18 -12.30
C ALA B 58 24.86 26.92 -12.99
N ALA B 59 23.93 26.21 -12.35
CA ALA B 59 22.62 25.91 -12.92
C ALA B 59 21.63 27.04 -12.63
N SER B 60 21.11 27.60 -13.70
CA SER B 60 19.98 28.49 -13.53
C SER B 60 18.76 27.67 -13.90
N GLY B 61 17.67 27.85 -13.16
CA GLY B 61 16.45 27.11 -13.40
C GLY B 61 15.38 27.99 -14.02
N VAL B 62 14.80 27.49 -15.11
CA VAL B 62 13.71 28.16 -15.80
C VAL B 62 12.48 27.30 -15.63
N CYS B 63 11.42 27.84 -15.04
CA CYS B 63 10.20 27.00 -14.90
C CYS B 63 8.95 27.87 -15.12
N HIS B 64 7.82 27.26 -15.33
CA HIS B 64 6.61 28.10 -15.47
C HIS B 64 6.42 28.70 -14.09
N THR B 65 6.49 27.87 -13.05
CA THR B 65 6.34 28.35 -11.66
C THR B 65 7.22 29.60 -11.47
N ASP B 66 8.41 29.67 -12.09
CA ASP B 66 9.19 30.87 -11.87
C ASP B 66 8.47 32.11 -12.39
N LEU B 67 8.03 32.04 -13.65
CA LEU B 67 7.41 33.21 -14.29
C LEU B 67 6.21 33.71 -13.52
N HIS B 68 5.30 32.81 -13.13
CA HIS B 68 4.12 33.37 -12.46
C HIS B 68 4.45 34.07 -11.15
N ALA B 69 5.57 33.74 -10.48
CA ALA B 69 5.98 34.54 -9.34
C ALA B 69 6.28 35.98 -9.77
N ALA B 70 6.81 36.17 -10.99
CA ALA B 70 7.01 37.51 -11.50
C ALA B 70 5.67 38.18 -11.75
N ARG B 71 4.73 37.45 -12.35
CA ARG B 71 3.38 38.00 -12.43
C ARG B 71 2.71 38.13 -11.08
N GLY B 72 3.06 37.29 -10.11
CA GLY B 72 2.48 37.41 -8.78
C GLY B 72 0.98 37.22 -8.73
N ASP B 73 0.40 36.45 -9.66
CA ASP B 73 -1.04 36.33 -9.78
C ASP B 73 -1.62 35.30 -8.82
N TRP B 74 -0.80 34.58 -8.10
CA TRP B 74 -1.30 33.63 -7.15
C TRP B 74 -1.64 34.39 -5.88
N PRO B 75 -2.66 33.97 -5.13
CA PRO B 75 -2.97 34.67 -3.88
C PRO B 75 -1.79 34.71 -2.93
N VAL B 76 -1.06 33.60 -2.82
CA VAL B 76 0.21 33.58 -2.12
C VAL B 76 1.27 34.16 -3.06
N LYS B 77 1.58 35.45 -2.89
CA LYS B 77 2.57 36.19 -3.65
C LYS B 77 3.81 36.48 -2.82
N PRO B 78 4.95 36.72 -3.45
CA PRO B 78 6.19 36.97 -2.68
C PRO B 78 6.31 38.43 -2.23
N GLU B 79 7.26 38.65 -1.32
CA GLU B 79 7.62 40.00 -0.89
C GLU B 79 8.95 40.36 -1.54
N PRO B 80 9.00 41.38 -2.41
CA PRO B 80 10.23 41.63 -3.16
C PRO B 80 11.32 42.17 -2.25
N PRO B 81 12.61 41.98 -2.62
CA PRO B 81 13.04 41.18 -3.78
C PRO B 81 13.06 39.66 -3.52
N ILE B 83 14.45 37.07 -5.57
CA ILE B 83 15.21 36.51 -6.67
C ILE B 83 14.57 35.19 -7.06
N PRO B 84 14.16 35.05 -8.34
CA PRO B 84 13.46 33.82 -8.77
C PRO B 84 14.35 32.61 -9.01
N GLY B 85 13.74 31.53 -9.50
CA GLY B 85 14.50 30.34 -9.77
C GLY B 85 14.62 29.45 -8.55
N HIS B 86 14.07 28.25 -8.64
CA HIS B 86 14.22 27.25 -7.58
C HIS B 86 15.04 26.06 -8.03
N GLU B 87 15.85 26.23 -9.08
CA GLU B 87 16.49 25.13 -9.77
C GLU B 87 17.96 25.47 -10.02
N GLY B 88 18.71 25.66 -8.94
CA GLY B 88 20.12 26.02 -9.03
C GLY B 88 21.01 24.91 -8.52
N VAL B 89 22.13 24.65 -9.22
CA VAL B 89 23.13 23.68 -8.78
C VAL B 89 24.52 24.26 -9.03
N GLY B 90 25.49 23.74 -8.28
CA GLY B 90 26.85 24.23 -8.37
C GLY B 90 27.74 23.63 -7.30
N HIS B 91 28.79 24.37 -6.93
CA HIS B 91 29.82 23.90 -6.02
C HIS B 91 29.63 24.52 -4.63
N VAL B 92 29.86 23.71 -3.60
CA VAL B 92 29.80 24.22 -2.24
C VAL B 92 30.98 25.15 -1.99
N VAL B 93 30.69 26.36 -1.54
CA VAL B 93 31.70 27.36 -1.24
C VAL B 93 31.79 27.63 0.26
N ALA B 94 30.66 27.90 0.91
CA ALA B 94 30.63 28.28 2.31
C ALA B 94 29.78 27.32 3.13
N VAL B 95 30.30 26.92 4.29
CA VAL B 95 29.57 26.08 5.22
C VAL B 95 29.24 26.91 6.46
N GLY B 96 28.16 26.52 7.13
CA GLY B 96 27.79 27.18 8.36
C GLY B 96 28.44 26.54 9.57
N ARG B 97 28.07 27.06 10.74
CA ARG B 97 28.56 26.50 12.00
C ARG B 97 27.76 25.25 12.35
N GLY B 98 28.46 24.16 12.63
CA GLY B 98 27.82 22.91 12.96
C GLY B 98 27.53 21.99 11.79
N VAL B 99 27.82 22.43 10.56
CA VAL B 99 27.63 21.58 9.39
C VAL B 99 28.79 20.59 9.32
N GLN B 100 28.46 19.31 9.38
CA GLN B 100 29.47 18.26 9.38
C GLN B 100 29.36 17.29 8.22
N HIS B 101 28.20 17.21 7.55
CA HIS B 101 28.02 16.23 6.49
C HIS B 101 28.40 16.78 5.12
N VAL B 102 28.18 18.07 4.88
CA VAL B 102 28.43 18.68 3.58
C VAL B 102 29.80 19.36 3.61
N LYS B 103 30.65 18.99 2.66
CA LYS B 103 32.00 19.52 2.56
C LYS B 103 32.08 20.66 1.55
N GLU B 104 33.09 21.50 1.70
CA GLU B 104 33.30 22.64 0.82
C GLU B 104 33.82 22.17 -0.53
N GLY B 105 33.02 22.37 -1.57
CA GLY B 105 33.34 21.92 -2.91
C GLY B 105 32.46 20.82 -3.43
N ASP B 106 31.49 20.36 -2.63
CA ASP B 106 30.60 19.29 -3.05
C ASP B 106 29.69 19.79 -4.15
N ARG B 107 29.49 18.95 -5.17
CA ARG B 107 28.59 19.32 -6.25
C ARG B 107 27.16 19.07 -5.80
N VAL B 108 26.40 20.14 -5.57
CA VAL B 108 25.06 20.05 -4.98
C VAL B 108 24.09 20.96 -5.70
N GLY B 109 22.81 20.86 -5.31
CA GLY B 109 21.77 21.72 -5.83
C GLY B 109 20.78 22.12 -4.76
N VAL B 110 19.98 23.13 -5.09
CA VAL B 110 19.00 23.74 -4.21
C VAL B 110 17.62 23.61 -4.84
N PRO B 111 16.69 22.95 -4.19
CA PRO B 111 15.38 22.72 -4.81
C PRO B 111 14.35 23.78 -4.46
N TRP B 112 13.15 23.62 -5.05
CA TRP B 112 12.00 24.44 -4.68
C TRP B 112 11.85 24.51 -3.16
N LEU B 113 12.05 23.38 -2.49
CA LEU B 113 12.04 23.38 -1.03
C LEU B 113 13.32 24.03 -0.50
N TYR B 114 13.17 25.16 0.19
CA TYR B 114 14.27 25.78 0.90
C TYR B 114 14.41 25.22 2.30
N SER B 115 13.29 25.11 3.01
CA SER B 115 13.24 24.71 4.41
C SER B 115 11.80 24.48 4.81
N THR B 116 11.62 23.57 5.76
CA THR B 116 10.32 23.24 6.34
C THR B 116 10.37 23.54 7.82
N CYS B 117 9.23 23.34 8.50
CA CYS B 117 9.19 23.56 9.94
C CYS B 117 9.72 22.36 10.72
N GLY B 118 9.81 21.20 10.07
CA GLY B 118 10.32 20.02 10.74
C GLY B 118 9.57 19.63 11.98
N HIS B 119 8.36 20.14 12.16
CA HIS B 119 7.60 19.86 13.37
C HIS B 119 6.20 19.37 13.01
N CYS B 120 5.67 19.80 11.87
CA CYS B 120 4.34 19.36 11.53
C CYS B 120 4.35 17.87 11.17
N GLU B 121 3.16 17.26 11.26
CA GLU B 121 3.02 15.83 11.03
C GLU B 121 3.46 15.43 9.62
N HIS B 122 3.26 16.32 8.64
CA HIS B 122 3.82 16.07 7.31
C HIS B 122 5.34 15.99 7.38
N CYS B 123 5.97 16.98 8.04
CA CYS B 123 7.41 16.97 8.21
C CYS B 123 7.87 15.72 8.93
N LEU B 124 7.24 15.42 10.07
CA LEU B 124 7.66 14.29 10.90
C LEU B 124 7.36 12.95 10.25
N GLY B 125 6.58 12.93 9.18
CA GLY B 125 6.19 11.70 8.55
C GLY B 125 6.77 11.48 7.18
N GLY B 126 7.89 12.14 6.87
CA GLY B 126 8.47 12.05 5.54
C GLY B 126 7.55 12.53 4.44
N TRP B 127 6.72 13.53 4.74
CA TRP B 127 5.86 14.19 3.77
C TRP B 127 6.12 15.69 3.79
N GLU B 128 7.39 16.08 3.92
CA GLU B 128 7.74 17.48 4.16
C GLU B 128 7.28 18.41 3.04
N THR B 129 6.89 17.88 1.89
CA THR B 129 6.44 18.76 0.81
C THR B 129 5.10 19.42 1.14
N LEU B 130 4.41 18.96 2.18
CA LEU B 130 3.12 19.52 2.55
C LEU B 130 3.20 20.36 3.81
N CYS B 131 4.40 20.66 4.30
CA CYS B 131 4.54 21.47 5.51
C CYS B 131 3.93 22.85 5.31
N GLU B 132 3.07 23.24 6.26
CA GLU B 132 2.42 24.55 6.19
C GLU B 132 3.44 25.68 6.23
N SER B 133 4.51 25.52 7.01
CA SER B 133 5.53 26.54 7.21
C SER B 133 6.76 26.29 6.34
N GLN B 134 6.54 25.84 5.11
CA GLN B 134 7.63 25.63 4.17
C GLN B 134 8.09 26.95 3.58
N GLN B 135 9.41 27.10 3.45
CA GLN B 135 10.02 28.22 2.75
C GLN B 135 10.49 27.72 1.39
N ASN B 136 10.05 28.40 0.33
CA ASN B 136 10.33 27.97 -1.04
C ASN B 136 11.37 28.89 -1.67
N THR B 137 12.37 28.29 -2.33
CA THR B 137 13.38 29.08 -3.03
C THR B 137 12.79 29.75 -4.26
N GLY B 138 13.18 30.99 -4.47
CA GLY B 138 12.63 31.79 -5.55
C GLY B 138 11.30 32.43 -5.24
N TYR B 139 10.75 32.19 -4.06
CA TYR B 139 9.46 32.79 -3.72
C TYR B 139 9.57 33.47 -2.36
N SER B 140 9.68 32.68 -1.30
CA SER B 140 9.82 33.24 0.04
C SER B 140 11.25 33.57 0.41
N VAL B 141 12.24 33.17 -0.39
CA VAL B 141 13.64 33.49 -0.17
C VAL B 141 14.29 33.82 -1.50
N ASN B 142 15.59 34.08 -1.47
CA ASN B 142 16.31 34.44 -2.68
C ASN B 142 16.55 33.18 -3.51
N GLY B 143 16.44 33.32 -4.82
CA GLY B 143 16.61 32.20 -5.72
C GLY B 143 18.02 32.05 -6.24
N GLY B 144 18.19 31.11 -7.15
CA GLY B 144 19.47 30.85 -7.77
C GLY B 144 19.72 31.69 -9.00
N PHE B 145 19.18 32.90 -9.01
CA PHE B 145 19.42 33.82 -10.11
C PHE B 145 20.80 34.48 -10.01
N ALA B 146 21.28 34.72 -8.79
CA ALA B 146 22.63 35.18 -8.54
C ALA B 146 23.62 34.04 -8.73
N GLU B 147 24.89 34.39 -8.92
CA GLU B 147 25.90 33.35 -8.98
C GLU B 147 26.04 32.61 -7.66
N TYR B 148 25.64 33.24 -6.55
CA TYR B 148 25.76 32.65 -5.23
C TYR B 148 24.41 32.70 -4.51
N THR B 149 24.02 31.55 -3.93
CA THR B 149 22.79 31.44 -3.16
C THR B 149 23.05 30.71 -1.85
N LEU B 150 22.27 31.09 -0.84
CA LEU B 150 22.26 30.52 0.50
C LEU B 150 21.08 29.57 0.65
N ALA B 151 21.33 28.39 1.23
CA ALA B 151 20.30 27.39 1.46
C ALA B 151 20.64 26.61 2.73
N GLN B 152 19.60 26.07 3.35
CA GLN B 152 19.80 25.23 4.53
C GLN B 152 20.40 23.88 4.15
N ALA B 153 21.39 23.44 4.95
CA ALA B 153 22.22 22.30 4.60
C ALA B 153 21.44 21.00 4.46
N ASP B 154 20.28 20.89 5.11
CA ASP B 154 19.53 19.65 5.15
C ASP B 154 18.45 19.61 4.08
N TYR B 155 18.44 20.57 3.17
CA TYR B 155 17.44 20.61 2.11
C TYR B 155 18.09 20.80 0.75
N VAL B 156 19.33 20.37 0.61
CA VAL B 156 20.04 20.46 -0.66
C VAL B 156 20.36 19.05 -1.14
N GLY B 157 20.38 18.90 -2.45
CA GLY B 157 20.54 17.60 -3.09
C GLY B 157 21.95 17.39 -3.60
N LYS B 158 22.57 16.31 -3.15
CA LYS B 158 23.88 15.92 -3.62
C LYS B 158 23.76 15.34 -5.03
N LEU B 159 24.35 16.02 -6.02
CA LEU B 159 24.19 15.62 -7.40
C LEU B 159 25.12 14.45 -7.77
N PRO B 160 24.85 13.76 -8.87
CA PRO B 160 25.76 12.69 -9.32
C PRO B 160 27.11 13.22 -9.77
N ASP B 161 28.14 12.39 -9.58
CA ASP B 161 29.50 12.81 -9.85
C ASP B 161 29.88 12.64 -11.32
N ASN B 162 28.92 12.42 -12.22
CA ASN B 162 29.26 12.20 -13.62
C ASN B 162 28.25 12.83 -14.58
N VAL B 163 27.40 13.73 -14.12
CA VAL B 163 26.38 14.34 -14.96
C VAL B 163 26.52 15.84 -14.87
N GLY B 164 26.61 16.50 -16.03
CA GLY B 164 26.82 17.93 -16.08
C GLY B 164 25.77 18.73 -15.34
N PHE B 165 26.19 19.94 -14.94
CA PHE B 165 25.31 20.80 -14.17
C PHE B 165 24.09 21.17 -15.01
N VAL B 166 24.31 21.44 -16.29
CA VAL B 166 23.23 21.75 -17.21
C VAL B 166 22.34 20.54 -17.40
N GLU B 167 22.91 19.35 -17.28
CA GLU B 167 22.18 18.10 -17.52
C GLU B 167 21.26 17.77 -16.35
N ILE B 168 21.75 17.93 -15.11
CA ILE B 168 20.92 17.61 -13.95
C ILE B 168 20.01 18.75 -13.54
N ALA B 169 20.23 19.95 -14.06
CA ALA B 169 19.51 21.11 -13.55
C ALA B 169 17.98 21.00 -13.62
N PRO B 170 17.37 20.63 -14.74
CA PRO B 170 15.89 20.65 -14.79
C PRO B 170 15.22 19.57 -13.94
N VAL B 171 15.99 18.72 -13.24
CA VAL B 171 15.37 17.67 -12.45
C VAL B 171 14.91 18.23 -11.12
N LEU B 172 15.52 19.34 -10.67
CA LEU B 172 15.24 19.91 -9.36
C LEU B 172 13.76 20.25 -9.18
N CYS B 173 13.04 20.52 -10.27
CA CYS B 173 11.60 20.75 -10.18
C CYS B 173 10.87 19.85 -11.16
N ALA B 174 11.15 19.94 -12.46
CA ALA B 174 10.46 19.09 -13.43
C ALA B 174 10.64 17.61 -13.10
N GLY B 175 11.88 17.13 -13.13
CA GLY B 175 12.14 15.72 -12.91
C GLY B 175 11.53 15.18 -11.64
N VAL B 176 11.74 15.88 -10.52
CA VAL B 176 11.25 15.33 -9.26
C VAL B 176 9.74 15.44 -9.14
N THR B 177 9.12 16.47 -9.72
CA THR B 177 7.66 16.50 -9.71
C THR B 177 7.11 15.35 -10.53
N VAL B 178 7.74 15.07 -11.67
CA VAL B 178 7.36 13.93 -12.49
C VAL B 178 7.51 12.63 -11.70
N TYR B 179 8.66 12.42 -11.07
CA TYR B 179 8.88 11.18 -10.34
C TYR B 179 7.89 11.03 -9.20
N LYS B 180 7.55 12.14 -8.53
CA LYS B 180 6.55 12.08 -7.47
C LYS B 180 5.17 11.80 -8.03
N GLY B 181 4.86 12.31 -9.22
CA GLY B 181 3.55 12.04 -9.82
C GLY B 181 3.41 10.60 -10.24
N LEU B 182 4.42 10.07 -10.93
CA LEU B 182 4.43 8.67 -11.29
C LEU B 182 4.32 7.78 -10.05
N LYS B 183 5.14 8.07 -9.03
CA LYS B 183 5.01 7.35 -7.77
C LYS B 183 3.64 7.57 -7.13
N MET B 184 2.94 8.64 -7.49
CA MET B 184 1.61 8.93 -6.97
C MET B 184 0.50 8.44 -7.89
N THR B 185 0.82 7.73 -8.96
CA THR B 185 -0.21 7.17 -9.83
C THR B 185 -0.59 5.75 -9.44
N ASP B 186 -0.06 5.24 -8.34
CA ASP B 186 -0.32 3.90 -7.82
C ASP B 186 -0.32 2.86 -8.95
N THR B 187 0.80 2.80 -9.67
CA THR B 187 0.94 1.92 -10.82
C THR B 187 2.10 0.97 -10.59
N ARG B 188 1.80 -0.33 -10.68
CA ARG B 188 2.78 -1.38 -10.63
C ARG B 188 3.49 -1.49 -11.97
N PRO B 189 4.77 -1.86 -11.99
CA PRO B 189 5.49 -1.96 -13.25
C PRO B 189 4.87 -2.98 -14.19
N GLY B 190 4.87 -2.67 -15.48
CA GLY B 190 4.26 -3.51 -16.49
C GLY B 190 2.83 -3.14 -16.83
N GLN B 191 2.39 -1.96 -16.42
CA GLN B 191 1.06 -1.44 -16.69
C GLN B 191 1.17 -0.29 -17.68
N TRP B 192 0.05 0.37 -17.94
CA TRP B 192 -0.03 1.43 -18.92
C TRP B 192 -0.30 2.78 -18.26
N VAL B 193 0.41 3.79 -18.75
CA VAL B 193 0.33 5.14 -18.22
C VAL B 193 0.41 6.12 -19.37
N VAL B 194 -0.43 7.10 -19.32
CA VAL B 194 -0.47 8.13 -20.33
C VAL B 194 0.22 9.38 -19.79
N ILE B 195 0.89 10.08 -20.70
CA ILE B 195 1.52 11.37 -20.44
C ILE B 195 0.86 12.37 -21.39
N SER B 196 0.06 13.28 -20.83
CA SER B 196 -0.61 14.28 -21.68
C SER B 196 0.32 15.48 -21.91
N ILE B 198 3.41 16.46 -23.47
CA ILE B 198 4.83 16.16 -23.32
C ILE B 198 5.65 17.36 -23.74
N GLY B 199 5.82 18.25 -22.80
CA GLY B 199 6.74 19.35 -22.90
C GLY B 199 8.10 18.92 -22.45
N GLY B 200 8.86 19.87 -21.90
CA GLY B 200 10.07 19.47 -21.20
C GLY B 200 9.76 18.54 -20.04
N LEU B 201 8.76 18.91 -19.23
CA LEU B 201 8.35 18.08 -18.11
C LEU B 201 7.82 16.73 -18.61
N GLY B 202 7.02 16.75 -19.68
CA GLY B 202 6.58 15.52 -20.31
C GLY B 202 7.75 14.68 -20.79
N HIS B 203 8.69 15.32 -21.47
CA HIS B 203 9.81 14.58 -22.05
C HIS B 203 10.64 13.93 -20.96
N MET B 204 10.74 14.56 -19.80
CA MET B 204 11.36 13.87 -18.67
C MET B 204 10.49 12.70 -18.23
N ALA B 205 9.17 12.90 -18.22
CA ALA B 205 8.26 11.89 -17.67
C ALA B 205 8.34 10.58 -18.44
N VAL B 206 8.49 10.66 -19.76
CA VAL B 206 8.60 9.44 -20.56
C VAL B 206 9.82 8.63 -20.12
N GLN B 207 10.99 9.26 -20.12
CA GLN B 207 12.22 8.60 -19.69
C GLN B 207 12.05 7.96 -18.32
N TYR B 208 11.40 8.70 -17.41
CA TYR B 208 11.29 8.24 -16.03
C TYR B 208 10.41 6.98 -15.96
N ALA B 209 9.29 7.00 -16.68
CA ALA B 209 8.38 5.86 -16.67
C ALA B 209 9.03 4.62 -17.30
N ARG B 210 9.75 4.81 -18.41
CA ARG B 210 10.43 3.66 -19.03
C ARG B 210 11.49 3.10 -18.10
N ALA B 211 12.25 3.97 -17.41
CA ALA B 211 13.22 3.48 -16.44
C ALA B 211 12.51 2.81 -15.26
N MET B 212 11.28 3.21 -14.96
CA MET B 212 10.47 2.55 -13.94
C MET B 212 9.86 1.24 -14.43
N GLY B 213 9.96 0.93 -15.71
CA GLY B 213 9.45 -0.31 -16.24
C GLY B 213 7.95 -0.33 -16.41
N LEU B 214 7.43 0.67 -17.12
CA LEU B 214 6.02 0.76 -17.43
C LEU B 214 5.85 0.82 -18.95
N ASN B 215 4.58 0.83 -19.38
CA ASN B 215 4.24 1.02 -20.78
C ASN B 215 3.57 2.37 -20.88
N VAL B 216 4.00 3.18 -21.86
CA VAL B 216 3.76 4.61 -21.83
C VAL B 216 3.08 5.05 -23.12
N ALA B 217 2.40 6.19 -23.04
CA ALA B 217 1.67 6.73 -24.18
C ALA B 217 1.74 8.25 -24.12
N ALA B 218 1.69 8.89 -25.29
CA ALA B 218 1.87 10.34 -25.38
C ALA B 218 0.68 10.98 -26.06
N VAL B 219 -0.02 11.86 -25.34
CA VAL B 219 -1.10 12.65 -25.89
C VAL B 219 -0.64 14.04 -26.33
N ASP B 220 0.67 14.28 -26.40
CA ASP B 220 1.12 15.57 -26.93
C ASP B 220 0.62 15.70 -28.36
N VAL B 221 0.27 16.93 -28.73
CA VAL B 221 -0.39 17.15 -30.01
C VAL B 221 0.59 17.59 -31.08
N ASP B 222 1.89 17.63 -30.77
CA ASP B 222 2.91 18.03 -31.73
C ASP B 222 3.66 16.79 -32.21
N ASP B 223 3.60 16.55 -33.51
CA ASP B 223 4.30 15.39 -34.07
C ASP B 223 5.81 15.49 -33.86
N ALA B 224 6.35 16.70 -33.75
CA ALA B 224 7.78 16.82 -33.50
C ALA B 224 8.11 16.34 -32.10
N LYS B 225 7.23 16.62 -31.13
CA LYS B 225 7.38 16.07 -29.79
C LYS B 225 6.94 14.61 -29.74
N LEU B 226 5.90 14.26 -30.50
CA LEU B 226 5.43 12.88 -30.55
C LEU B 226 6.53 11.92 -31.01
N ALA B 227 7.18 12.23 -32.14
CA ALA B 227 8.27 11.40 -32.62
C ALA B 227 9.41 11.34 -31.61
N LEU B 228 9.68 12.45 -30.93
CA LEU B 228 10.71 12.45 -29.91
C LEU B 228 10.33 11.50 -28.78
N ALA B 229 9.04 11.44 -28.42
CA ALA B 229 8.60 10.50 -27.39
C ALA B 229 8.75 9.07 -27.87
N GLU B 230 8.38 8.79 -29.11
CA GLU B 230 8.58 7.46 -29.68
C GLU B 230 10.06 7.08 -29.63
N ARG B 231 10.94 8.07 -29.86
CA ARG B 231 12.37 7.85 -29.75
C ARG B 231 12.82 7.68 -28.31
N LEU B 232 12.07 8.19 -27.35
CA LEU B 232 12.45 8.06 -25.95
C LEU B 232 12.02 6.72 -25.35
N GLY B 233 11.02 6.06 -25.94
CA GLY B 233 10.56 4.78 -25.45
C GLY B 233 9.05 4.71 -25.30
N ALA B 234 8.36 5.71 -25.84
CA ALA B 234 6.90 5.72 -25.81
C ALA B 234 6.38 4.62 -26.70
N THR B 235 5.63 3.69 -26.11
CA THR B 235 5.12 2.57 -26.88
C THR B 235 3.96 2.96 -27.78
N ILE B 236 3.19 3.97 -27.38
CA ILE B 236 2.05 4.42 -28.16
C ILE B 236 2.07 5.95 -28.23
N THR B 237 1.69 6.48 -29.39
CA THR B 237 1.55 7.93 -29.56
C THR B 237 0.24 8.25 -30.27
N VAL B 238 -0.30 9.41 -29.94
CA VAL B 238 -1.58 9.85 -30.48
C VAL B 238 -1.71 11.37 -30.40
N ASN B 239 -1.98 11.98 -31.55
CA ASN B 239 -2.24 13.42 -31.65
C ASN B 239 -3.72 13.69 -31.46
N ALA B 240 -4.03 14.58 -30.53
CA ALA B 240 -5.42 14.87 -30.20
C ALA B 240 -6.16 15.60 -31.32
N MET B 241 -5.46 16.25 -32.24
CA MET B 241 -6.15 16.87 -33.38
C MET B 241 -6.61 15.83 -34.41
N GLN B 242 -5.74 14.88 -34.77
CA GLN B 242 -6.10 13.96 -35.84
C GLN B 242 -7.18 12.97 -35.41
N THR B 243 -6.97 12.26 -34.31
CA THR B 243 -7.89 11.24 -33.87
C THR B 243 -8.23 11.42 -32.40
N ASP B 244 -9.25 10.70 -31.94
CA ASP B 244 -9.71 10.74 -30.57
C ASP B 244 -8.88 9.79 -29.70
N PRO B 245 -8.33 10.27 -28.59
CA PRO B 245 -7.48 9.41 -27.75
C PRO B 245 -8.28 8.44 -26.89
N ALA B 246 -9.41 8.89 -26.33
CA ALA B 246 -10.18 8.06 -25.42
C ALA B 246 -10.64 6.77 -26.11
N ARG B 247 -11.29 6.91 -27.26
CA ARG B 247 -11.74 5.72 -28.00
C ARG B 247 -10.57 4.84 -28.39
N TYR B 248 -9.46 5.44 -28.83
CA TYR B 248 -8.31 4.66 -29.24
C TYR B 248 -7.79 3.81 -28.09
N LEU B 249 -7.56 4.43 -26.94
CA LEU B 249 -7.05 3.68 -25.78
C LEU B 249 -8.06 2.69 -25.25
N LYS B 250 -9.37 2.97 -25.39
CA LYS B 250 -10.36 2.00 -24.94
C LYS B 250 -10.52 0.87 -25.96
N GLN B 251 -9.99 1.03 -27.17
CA GLN B 251 -10.00 -0.05 -28.15
C GLN B 251 -8.65 -0.75 -28.30
N THR B 252 -7.59 -0.22 -27.69
CA THR B 252 -6.29 -0.87 -27.72
C THR B 252 -5.86 -1.34 -26.34
N ILE B 253 -5.76 -0.43 -25.37
CA ILE B 253 -5.36 -0.80 -24.01
C ILE B 253 -6.57 -1.05 -23.12
N GLY B 254 -7.77 -0.63 -23.53
CA GLY B 254 -8.91 -0.73 -22.66
C GLY B 254 -8.82 0.20 -21.47
N GLY B 255 -8.33 1.41 -21.68
CA GLY B 255 -8.13 2.34 -20.58
C GLY B 255 -6.77 2.14 -19.93
N ALA B 256 -6.13 3.24 -19.54
CA ALA B 256 -4.81 3.19 -18.92
C ALA B 256 -4.94 3.23 -17.40
N HIS B 257 -3.91 2.72 -16.74
CA HIS B 257 -3.93 2.68 -15.29
C HIS B 257 -3.74 4.08 -14.70
N GLY B 258 -2.88 4.88 -15.32
CA GLY B 258 -2.54 6.17 -14.78
C GLY B 258 -2.36 7.19 -15.89
N ALA B 259 -2.64 8.45 -15.56
CA ALA B 259 -2.46 9.57 -16.48
C ALA B 259 -1.72 10.69 -15.76
N LEU B 260 -0.51 10.97 -16.21
CA LEU B 260 0.31 12.06 -15.68
C LEU B 260 0.09 13.26 -16.58
N VAL B 261 -0.61 14.27 -16.08
CA VAL B 261 -0.95 15.44 -16.87
C VAL B 261 0.10 16.51 -16.61
N THR B 262 0.99 16.73 -17.60
CA THR B 262 1.95 17.81 -17.50
C THR B 262 1.32 19.14 -17.90
N ALA B 263 0.67 19.19 -19.06
CA ALA B 263 0.01 20.39 -19.59
C ALA B 263 -1.48 20.28 -19.27
N VAL B 264 -1.91 20.98 -18.22
CA VAL B 264 -3.28 20.86 -17.73
C VAL B 264 -4.14 21.90 -18.45
N SER B 265 -4.92 21.44 -19.43
CA SER B 265 -5.91 22.25 -20.12
C SER B 265 -7.24 21.51 -20.15
N PRO B 266 -8.37 22.24 -20.15
CA PRO B 266 -9.68 21.56 -20.15
C PRO B 266 -9.84 20.47 -21.18
N LYS B 267 -9.33 20.70 -22.40
CA LYS B 267 -9.41 19.67 -23.43
C LYS B 267 -8.59 18.45 -23.04
N ALA B 268 -7.32 18.66 -22.70
CA ALA B 268 -6.48 17.56 -22.26
C ALA B 268 -6.94 17.01 -20.92
N PHE B 269 -7.71 17.77 -20.15
CA PHE B 269 -8.23 17.27 -18.88
C PHE B 269 -9.33 16.27 -19.11
N GLU B 270 -10.31 16.63 -19.95
CA GLU B 270 -11.35 15.70 -20.35
C GLU B 270 -10.75 14.46 -21.02
N GLN B 271 -9.80 14.68 -21.93
CA GLN B 271 -9.16 13.56 -22.63
C GLN B 271 -8.46 12.63 -21.65
N ALA B 272 -7.64 13.18 -20.75
CA ALA B 272 -6.96 12.37 -19.75
C ALA B 272 -7.96 11.58 -18.92
N LEU B 273 -8.99 12.26 -18.40
CA LEU B 273 -10.01 11.59 -17.60
C LEU B 273 -10.60 10.38 -18.33
N GLY B 274 -10.88 10.53 -19.63
CA GLY B 274 -11.51 9.43 -20.35
C GLY B 274 -10.56 8.30 -20.69
N MET B 275 -9.27 8.60 -20.84
CA MET B 275 -8.26 7.64 -21.27
C MET B 275 -7.92 6.61 -20.20
N ILE B 276 -8.30 6.84 -18.95
CA ILE B 276 -7.95 5.96 -17.84
C ILE B 276 -9.00 4.86 -17.70
N ARG B 277 -8.54 3.67 -17.33
CA ARG B 277 -9.46 2.57 -17.11
C ARG B 277 -10.16 2.70 -15.75
N ARG B 278 -11.10 1.80 -15.52
CA ARG B 278 -11.88 1.80 -14.28
C ARG B 278 -10.95 1.59 -13.09
N GLY B 279 -11.03 2.51 -12.13
CA GLY B 279 -10.22 2.42 -10.93
C GLY B 279 -8.87 3.09 -11.05
N GLY B 280 -8.58 3.67 -12.21
CA GLY B 280 -7.28 4.27 -12.45
C GLY B 280 -7.12 5.61 -11.77
N THR B 281 -5.91 6.15 -11.91
CA THR B 281 -5.47 7.34 -11.20
C THR B 281 -5.12 8.45 -12.18
N VAL B 282 -5.64 9.66 -11.93
CA VAL B 282 -5.36 10.86 -12.71
C VAL B 282 -4.33 11.68 -11.94
N ALA B 283 -3.15 11.87 -12.52
CA ALA B 283 -2.13 12.73 -11.94
C ALA B 283 -2.15 14.08 -12.65
N LEU B 284 -2.14 15.16 -11.87
CA LEU B 284 -2.15 16.51 -12.39
C LEU B 284 -0.89 17.21 -11.90
N ASN B 285 -0.14 17.84 -12.82
CA ASN B 285 1.08 18.53 -12.45
C ASN B 285 1.00 20.05 -12.58
N GLY B 286 0.43 20.56 -13.68
CA GLY B 286 0.32 22.00 -13.90
C GLY B 286 -0.54 22.71 -12.86
N LEU B 287 -0.74 24.02 -13.04
CA LEU B 287 -1.45 24.84 -12.04
C LEU B 287 -2.18 25.98 -12.73
N PRO B 288 -3.10 25.68 -13.66
CA PRO B 288 -3.83 26.75 -14.31
C PRO B 288 -4.87 27.33 -13.38
N PRO B 289 -5.25 28.59 -13.59
CA PRO B 289 -6.13 29.27 -12.63
C PRO B 289 -7.62 29.01 -12.82
N GLY B 290 -7.98 28.05 -13.68
CA GLY B 290 -9.38 27.75 -13.94
C GLY B 290 -9.99 26.76 -12.96
N ASP B 291 -11.29 26.91 -12.72
CA ASP B 291 -12.09 25.89 -12.06
C ASP B 291 -12.65 24.98 -13.15
N PHE B 292 -12.19 23.70 -13.19
CA PHE B 292 -12.51 22.79 -14.31
C PHE B 292 -13.74 21.96 -14.00
N PRO B 293 -14.70 21.88 -14.91
CA PRO B 293 -15.85 20.99 -14.67
C PRO B 293 -15.42 19.54 -14.66
N LEU B 294 -15.87 18.80 -13.63
CA LEU B 294 -15.64 17.36 -13.52
C LEU B 294 -16.89 16.69 -12.95
N PRO B 295 -17.58 15.86 -13.74
CA PRO B 295 -18.75 15.15 -13.24
C PRO B 295 -18.38 13.93 -12.40
N ILE B 296 -18.91 13.88 -11.18
CA ILE B 296 -18.67 12.69 -10.39
C ILE B 296 -19.44 11.49 -10.92
N PHE B 297 -20.29 11.69 -11.90
CA PHE B 297 -20.97 10.53 -12.44
C PHE B 297 -19.94 9.64 -13.11
N ASP B 298 -19.11 10.25 -13.97
CA ASP B 298 -18.09 9.51 -14.69
C ASP B 298 -17.06 8.89 -13.74
N MET B 299 -16.66 9.63 -12.71
CA MET B 299 -15.64 9.14 -11.79
C MET B 299 -16.20 8.09 -10.83
N VAL B 300 -17.26 8.45 -10.13
CA VAL B 300 -17.86 7.58 -9.14
C VAL B 300 -18.30 6.28 -9.79
N LEU B 301 -18.91 6.34 -10.98
CA LEU B 301 -19.29 5.13 -11.69
C LEU B 301 -18.08 4.23 -11.97
N ASN B 302 -17.00 4.81 -12.51
CA ASN B 302 -15.81 4.06 -12.85
C ASN B 302 -14.82 3.95 -11.69
N GLY B 303 -15.12 4.54 -10.54
CA GLY B 303 -14.20 4.48 -9.41
C GLY B 303 -12.86 5.14 -9.68
N ILE B 304 -12.87 6.24 -10.41
CA ILE B 304 -11.65 6.91 -10.82
C ILE B 304 -11.09 7.69 -9.65
N THR B 305 -9.79 7.58 -9.42
CA THR B 305 -9.11 8.34 -8.38
C THR B 305 -8.35 9.48 -9.04
N VAL B 306 -8.46 10.68 -8.47
CA VAL B 306 -7.87 11.90 -9.05
C VAL B 306 -6.99 12.54 -7.99
N ARG B 307 -5.68 12.49 -8.21
CA ARG B 307 -4.70 12.97 -7.25
C ARG B 307 -4.08 14.29 -7.72
N SER B 309 -0.79 16.19 -7.16
CA SER B 309 0.40 16.48 -6.35
C SER B 309 1.67 16.74 -7.19
N ILE B 310 2.49 17.69 -6.70
CA ILE B 310 3.72 18.08 -7.37
C ILE B 310 4.79 18.36 -6.33
N VAL B 311 6.04 18.37 -6.80
CA VAL B 311 7.23 18.59 -5.98
C VAL B 311 7.33 17.49 -4.93
N GLY B 312 8.29 16.60 -5.11
CA GLY B 312 8.51 15.52 -4.18
C GLY B 312 9.35 15.95 -3.01
N THR B 313 9.55 15.02 -2.10
CA THR B 313 10.34 15.26 -0.91
C THR B 313 11.82 15.02 -1.21
N ARG B 314 12.66 15.23 -0.20
CA ARG B 314 14.10 15.00 -0.35
C ARG B 314 14.41 13.61 -0.89
N LEU B 315 13.79 12.58 -0.32
CA LEU B 315 13.99 11.23 -0.81
C LEU B 315 13.66 11.14 -2.30
N ASP B 316 12.49 11.67 -2.69
CA ASP B 316 12.08 11.72 -4.09
C ASP B 316 13.18 12.32 -4.97
N LEU B 317 13.63 13.53 -4.60
CA LEU B 317 14.65 14.22 -5.38
C LEU B 317 15.89 13.36 -5.54
N GLN B 318 16.39 12.79 -4.42
CA GLN B 318 17.54 11.92 -4.50
C GLN B 318 17.29 10.74 -5.44
N GLU B 319 16.06 10.22 -5.45
CA GLU B 319 15.74 9.11 -6.35
C GLU B 319 15.87 9.55 -7.80
N ALA B 320 15.28 10.69 -8.13
CA ALA B 320 15.41 11.25 -9.49
C ALA B 320 16.87 11.45 -9.85
N LEU B 321 17.68 11.86 -8.87
CA LEU B 321 19.10 12.06 -9.12
C LEU B 321 19.79 10.75 -9.43
N ASP B 322 19.43 9.67 -8.70
CA ASP B 322 19.99 8.36 -9.01
C ASP B 322 19.59 7.91 -10.41
N PHE B 323 18.35 8.20 -10.80
CA PHE B 323 17.88 7.79 -12.13
C PHE B 323 18.61 8.54 -13.23
N ALA B 324 18.91 9.81 -13.00
CA ALA B 324 19.67 10.59 -13.98
C ALA B 324 21.13 10.16 -14.04
N GLY B 325 21.75 9.94 -12.87
CA GLY B 325 23.13 9.51 -12.81
C GLY B 325 23.37 8.11 -13.32
N GLU B 326 22.34 7.27 -13.32
CA GLU B 326 22.42 5.98 -13.99
C GLU B 326 22.26 6.09 -15.50
N GLY B 327 22.19 7.30 -16.04
CA GLY B 327 22.05 7.50 -17.46
C GLY B 327 20.74 7.00 -18.04
N LYS B 328 19.77 6.66 -17.20
CA LYS B 328 18.47 6.27 -17.70
C LYS B 328 17.60 7.47 -18.02
N VAL B 329 17.96 8.65 -17.52
CA VAL B 329 17.21 9.87 -17.75
C VAL B 329 18.18 10.94 -18.23
N GLN B 330 17.94 11.50 -19.41
CA GLN B 330 18.80 12.56 -19.96
C GLN B 330 17.91 13.61 -20.61
N ALA B 331 17.89 14.81 -20.03
CA ALA B 331 17.07 15.91 -20.51
C ALA B 331 17.64 16.51 -21.78
N THR B 332 16.78 17.25 -22.50
CA THR B 332 17.15 18.01 -23.69
C THR B 332 16.85 19.47 -23.40
N VAL B 333 17.89 20.30 -23.29
CA VAL B 333 17.76 21.68 -22.88
C VAL B 333 18.47 22.60 -23.86
N LYS B 334 18.11 23.88 -23.80
CA LYS B 334 18.75 24.94 -24.59
C LYS B 334 19.40 25.91 -23.61
N THR B 335 20.69 26.20 -23.82
CA THR B 335 21.43 27.07 -22.92
C THR B 335 21.29 28.55 -23.32
N GLU B 336 21.07 29.40 -22.33
CA GLU B 336 20.94 30.84 -22.54
C GLU B 336 21.77 31.58 -21.51
N LYS B 337 21.85 32.89 -21.67
CA LYS B 337 22.53 33.76 -20.73
C LYS B 337 21.54 34.43 -19.78
N LEU B 338 22.04 34.83 -18.61
CA LEU B 338 21.20 35.50 -17.62
C LEU B 338 20.57 36.78 -18.16
N GLU B 339 21.34 37.55 -18.93
CA GLU B 339 20.90 38.86 -19.38
C GLU B 339 19.61 38.80 -20.21
N ASN B 340 19.39 37.71 -20.95
CA ASN B 340 18.22 37.57 -21.81
C ASN B 340 17.02 37.01 -21.06
N ILE B 341 17.02 37.08 -19.73
CA ILE B 341 16.02 36.35 -18.97
C ILE B 341 14.60 36.81 -19.28
N ASN B 342 14.36 38.11 -19.24
CA ASN B 342 13.02 38.62 -19.54
C ASN B 342 12.59 38.19 -20.93
N THR B 343 13.52 38.22 -21.89
CA THR B 343 13.18 37.79 -23.24
C THR B 343 12.57 36.41 -23.18
N VAL B 344 13.20 35.53 -22.42
CA VAL B 344 12.72 34.17 -22.27
C VAL B 344 11.31 34.17 -21.69
N PHE B 345 11.10 34.92 -20.60
CA PHE B 345 9.76 34.99 -20.03
C PHE B 345 8.79 35.47 -21.08
N ASP B 346 9.20 36.49 -21.83
CA ASP B 346 8.37 37.02 -22.90
C ASP B 346 8.03 35.92 -23.89
N GLN B 347 9.06 35.19 -24.35
CA GLN B 347 8.81 34.10 -25.28
C GLN B 347 7.88 33.07 -24.65
N MET B 348 8.04 32.81 -23.35
CA MET B 348 7.17 31.85 -22.68
C MET B 348 5.70 32.28 -22.74
N THR B 349 5.40 33.55 -22.46
CA THR B 349 4.00 33.94 -22.58
C THR B 349 3.55 33.95 -24.04
N GLN B 350 4.51 34.05 -24.97
CA GLN B 350 4.19 34.01 -26.38
C GLN B 350 3.87 32.60 -26.87
N GLY B 351 4.27 31.57 -26.11
CA GLY B 351 4.01 30.19 -26.42
C GLY B 351 4.92 29.54 -27.44
N HIS B 352 5.93 30.25 -27.94
CA HIS B 352 6.86 29.70 -28.90
C HIS B 352 7.92 28.82 -28.25
N ILE B 353 7.94 28.72 -26.92
CA ILE B 353 8.91 27.89 -26.21
C ILE B 353 8.37 26.48 -26.05
N GLU B 354 9.19 25.50 -26.43
CA GLU B 354 8.90 24.10 -26.16
C GLU B 354 10.24 23.41 -25.90
N GLY B 355 10.36 22.83 -24.72
CA GLY B 355 11.62 22.23 -24.30
C GLY B 355 12.28 23.09 -23.24
N ARG B 356 12.86 22.46 -22.22
CA ARG B 356 13.42 23.20 -21.09
C ARG B 356 14.66 23.99 -21.52
N ILE B 357 14.93 25.08 -20.79
CA ILE B 357 16.08 25.97 -21.03
C ILE B 357 16.82 26.20 -19.72
N VAL B 358 18.14 26.12 -19.76
CA VAL B 358 19.00 26.35 -18.61
C VAL B 358 19.99 27.45 -18.97
N LEU B 359 19.97 28.57 -18.23
CA LEU B 359 20.93 29.63 -18.50
C LEU B 359 22.27 29.25 -17.89
N ASP B 360 23.36 29.61 -18.58
CA ASP B 360 24.72 29.17 -18.24
C ASP B 360 25.42 30.20 -17.36
N LEU B 361 26.50 29.76 -16.70
CA LEU B 361 27.38 30.64 -15.96
C LEU B 361 28.85 30.38 -16.32
N ALA B 362 29.10 30.04 -17.58
CA ALA B 362 30.45 29.84 -18.09
C ALA B 362 31.05 31.16 -18.55
N LYS C 27 21.73 14.01 42.15
CA LYS C 27 22.11 12.62 42.37
C LYS C 27 21.27 11.69 41.51
N SER C 28 21.93 10.76 40.83
CA SER C 28 21.27 9.81 39.93
C SER C 28 22.04 8.50 39.95
N ALA C 29 21.38 7.43 39.53
CA ALA C 29 22.03 6.12 39.48
C ALA C 29 22.78 5.98 38.16
N VAL C 30 24.00 5.48 38.26
CA VAL C 30 24.88 5.37 37.11
C VAL C 30 25.54 4.00 37.13
N VAL C 31 25.88 3.51 35.96
CA VAL C 31 26.61 2.26 35.83
C VAL C 31 28.09 2.57 35.69
N ARG C 32 28.88 2.14 36.67
CA ARG C 32 30.33 2.32 36.57
C ARG C 32 30.95 1.20 35.75
N THR C 33 30.60 -0.05 36.06
CA THR C 33 31.05 -1.21 35.29
C THR C 33 29.90 -2.19 35.17
N PHE C 34 29.95 -3.00 34.12
CA PHE C 34 28.88 -3.94 33.81
C PHE C 34 28.82 -5.05 34.85
N ARG C 35 27.63 -5.65 34.98
CA ARG C 35 27.32 -6.70 35.94
C ARG C 35 27.63 -6.30 37.38
N GLU C 36 27.84 -5.02 37.63
CA GLU C 36 28.12 -4.50 38.95
C GLU C 36 27.05 -3.49 39.33
N PRO C 37 26.56 -3.51 40.57
CA PRO C 37 25.45 -2.64 40.95
C PRO C 37 25.72 -1.17 40.65
N LEU C 38 24.66 -0.50 40.20
CA LEU C 38 24.72 0.92 39.87
C LEU C 38 25.04 1.77 41.09
N VAL C 39 25.90 2.74 40.90
CA VAL C 39 26.34 3.67 41.93
C VAL C 39 25.42 4.88 41.93
N ILE C 40 25.04 5.33 43.13
CA ILE C 40 24.17 6.50 43.27
C ILE C 40 24.95 7.81 43.13
N GLU C 42 26.24 11.76 43.08
CA GLU C 42 25.87 13.13 42.73
C GLU C 42 26.65 13.62 41.51
N VAL C 43 25.95 13.91 40.43
CA VAL C 43 26.60 14.48 39.25
C VAL C 43 26.04 15.87 38.99
N PRO C 44 26.83 16.79 38.47
CA PRO C 44 26.32 18.13 38.17
C PRO C 44 25.49 18.10 36.91
N VAL C 45 24.43 18.89 36.90
CA VAL C 45 23.55 19.00 35.74
C VAL C 45 24.17 19.95 34.71
N PRO C 46 24.65 19.43 33.59
CA PRO C 46 25.39 20.26 32.63
C PRO C 46 24.51 21.25 31.88
N ARG C 47 25.16 22.30 31.37
CA ARG C 47 24.47 23.34 30.61
C ARG C 47 24.19 22.86 29.19
N PRO C 48 23.07 23.29 28.60
CA PRO C 48 22.72 22.87 27.24
C PRO C 48 23.25 23.77 26.15
N GLY C 49 23.72 23.15 25.07
CA GLY C 49 24.25 23.86 23.92
C GLY C 49 23.16 24.21 22.94
N PRO C 50 23.56 24.71 21.76
CA PRO C 50 22.58 25.07 20.71
C PRO C 50 21.73 23.87 20.26
N GLY C 51 20.42 24.09 20.22
CA GLY C 51 19.49 23.06 19.81
C GLY C 51 19.37 21.90 20.77
N GLU C 52 19.66 22.12 22.05
CA GLU C 52 19.60 21.09 23.08
C GLU C 52 18.67 21.53 24.21
N ILE C 53 18.23 20.57 25.02
CA ILE C 53 17.26 20.83 26.08
C ILE C 53 17.63 20.07 27.33
N LEU C 54 17.52 20.77 28.46
CA LEU C 54 17.61 20.19 29.79
C LEU C 54 16.20 20.08 30.36
N VAL C 55 15.84 18.87 30.79
CA VAL C 55 14.48 18.59 31.24
C VAL C 55 14.57 17.95 32.61
N LYS C 56 13.87 18.55 33.58
CA LYS C 56 13.74 17.98 34.91
C LYS C 56 12.97 16.67 34.84
N VAL C 57 13.55 15.62 35.38
CA VAL C 57 12.91 14.32 35.30
C VAL C 57 11.86 14.23 36.40
N ALA C 58 10.66 13.78 36.04
CA ALA C 58 9.63 13.52 37.04
C ALA C 58 9.39 12.04 37.26
N ALA C 59 9.58 11.22 36.24
CA ALA C 59 9.37 9.78 36.34
C ALA C 59 10.02 9.09 35.16
N SER C 60 10.97 8.20 35.43
CA SER C 60 11.55 7.33 34.41
C SER C 60 11.00 5.90 34.52
N GLY C 61 10.93 5.23 33.37
CA GLY C 61 10.38 3.90 33.27
C GLY C 61 11.46 2.85 33.10
N VAL C 62 11.15 1.62 33.52
CA VAL C 62 12.10 0.52 33.54
C VAL C 62 11.79 -0.42 32.38
N CYS C 63 12.80 -0.67 31.53
CA CYS C 63 12.69 -1.57 30.40
C CYS C 63 13.68 -2.72 30.56
N HIS C 64 13.36 -3.83 29.89
CA HIS C 64 14.33 -4.91 29.77
C HIS C 64 15.57 -4.45 29.02
N THR C 65 15.38 -3.51 28.09
CA THR C 65 16.52 -2.88 27.45
C THR C 65 17.48 -2.29 28.47
N ASP C 66 16.94 -1.72 29.56
CA ASP C 66 17.77 -1.11 30.60
C ASP C 66 18.64 -2.16 31.28
N LEU C 67 18.02 -3.22 31.80
CA LEU C 67 18.77 -4.28 32.47
C LEU C 67 19.80 -4.90 31.53
N HIS C 68 19.38 -5.18 30.30
CA HIS C 68 20.25 -5.83 29.34
C HIS C 68 21.44 -4.94 28.97
N ALA C 69 21.23 -3.61 28.92
CA ALA C 69 22.34 -2.67 28.77
C ALA C 69 23.24 -2.67 30.01
N ALA C 70 22.65 -2.85 31.19
CA ALA C 70 23.42 -2.84 32.42
C ALA C 70 24.38 -4.02 32.48
N ARG C 71 23.90 -5.21 32.11
CA ARG C 71 24.79 -6.36 32.05
C ARG C 71 25.89 -6.19 31.01
N GLY C 72 25.66 -5.36 29.99
CA GLY C 72 26.65 -5.10 28.95
C GLY C 72 27.02 -6.30 28.11
N ASP C 73 26.13 -7.29 28.04
CA ASP C 73 26.37 -8.50 27.27
C ASP C 73 25.89 -8.38 25.83
N TRP C 74 25.83 -7.16 25.27
CA TRP C 74 25.30 -7.09 23.92
C TRP C 74 26.42 -6.85 22.92
N PRO C 75 26.23 -7.30 21.66
CA PRO C 75 27.26 -7.00 20.65
C PRO C 75 27.52 -5.52 20.51
N VAL C 76 26.46 -4.72 20.43
CA VAL C 76 26.56 -3.27 20.57
C VAL C 76 26.60 -2.97 22.06
N LYS C 77 27.78 -2.64 22.55
CA LYS C 77 28.00 -2.30 23.95
C LYS C 77 27.98 -0.79 24.11
N PRO C 78 27.72 -0.29 25.32
CA PRO C 78 27.63 1.17 25.47
C PRO C 78 28.98 1.87 25.60
N PRO C 80 32.99 3.56 29.26
CA PRO C 80 32.73 4.81 29.98
C PRO C 80 31.41 4.75 30.75
N PRO C 81 31.36 5.36 31.93
CA PRO C 81 30.16 5.26 32.75
C PRO C 81 29.06 6.18 32.26
N PHE C 82 27.83 5.70 32.38
CA PHE C 82 26.68 6.31 31.75
C PHE C 82 25.45 5.98 32.59
N ILE C 83 24.34 6.61 32.25
CA ILE C 83 23.13 6.55 33.05
C ILE C 83 22.04 5.89 32.21
N PRO C 84 21.42 4.81 32.69
CA PRO C 84 20.40 4.12 31.89
C PRO C 84 19.08 4.85 31.82
N GLY C 85 18.08 4.18 31.25
CA GLY C 85 16.74 4.71 31.12
C GLY C 85 16.50 5.49 29.84
N HIS C 86 15.58 5.00 29.01
CA HIS C 86 15.14 5.70 27.80
C HIS C 86 13.67 6.09 27.87
N GLU C 87 13.10 6.17 29.08
CA GLU C 87 11.67 6.35 29.26
C GLU C 87 11.45 7.40 30.36
N GLY C 88 11.94 8.61 30.11
CA GLY C 88 11.87 9.69 31.09
C GLY C 88 10.95 10.79 30.56
N VAL C 89 10.16 11.36 31.48
CA VAL C 89 9.24 12.44 31.15
C VAL C 89 9.32 13.51 32.24
N GLY C 90 8.93 14.72 31.88
CA GLY C 90 8.99 15.82 32.82
C GLY C 90 8.71 17.14 32.13
N HIS C 91 9.21 18.21 32.78
CA HIS C 91 8.97 19.59 32.37
C HIS C 91 10.22 20.18 31.75
N VAL C 92 10.04 21.02 30.73
CA VAL C 92 11.16 21.72 30.11
C VAL C 92 11.70 22.77 31.06
N VAL C 93 13.01 22.72 31.32
CA VAL C 93 13.69 23.68 32.18
C VAL C 93 14.60 24.59 31.37
N ALA C 94 15.49 24.02 30.57
CA ALA C 94 16.44 24.79 29.78
C ALA C 94 16.31 24.45 28.31
N VAL C 95 16.29 25.46 27.46
CA VAL C 95 16.28 25.28 26.02
C VAL C 95 17.62 25.76 25.49
N GLY C 96 18.03 25.20 24.36
CA GLY C 96 19.27 25.61 23.74
C GLY C 96 19.10 26.79 22.81
N ARG C 97 20.20 27.12 22.15
CA ARG C 97 20.20 28.22 21.17
C ARG C 97 19.56 27.72 19.88
N GLY C 98 18.62 28.52 19.36
CA GLY C 98 17.88 28.14 18.17
C GLY C 98 16.57 27.45 18.45
N VAL C 99 16.23 27.24 19.72
CA VAL C 99 14.96 26.65 20.09
C VAL C 99 13.85 27.68 19.90
N GLN C 100 12.91 27.36 19.03
CA GLN C 100 11.78 28.24 18.74
C GLN C 100 10.43 27.60 19.01
N HIS C 101 10.33 26.27 18.95
CA HIS C 101 9.04 25.60 19.06
C HIS C 101 8.73 25.14 20.48
N VAL C 102 9.71 24.71 21.26
CA VAL C 102 9.48 24.18 22.60
C VAL C 102 9.74 25.29 23.61
N LYS C 103 8.76 25.53 24.47
CA LYS C 103 8.82 26.58 25.48
C LYS C 103 9.28 26.00 26.81
N GLU C 104 9.83 26.86 27.65
CA GLU C 104 10.33 26.43 28.96
C GLU C 104 9.14 26.13 29.87
N GLY C 105 8.99 24.86 30.23
CA GLY C 105 7.87 24.40 31.04
C GLY C 105 6.95 23.45 30.31
N ASP C 106 7.24 23.11 29.06
CA ASP C 106 6.40 22.15 28.33
C ASP C 106 6.53 20.76 28.94
N ARG C 107 5.40 20.06 29.01
CA ARG C 107 5.38 18.69 29.47
C ARG C 107 5.84 17.80 28.31
N VAL C 108 7.07 17.29 28.38
CA VAL C 108 7.63 16.51 27.29
C VAL C 108 8.40 15.33 27.87
N GLY C 109 8.79 14.42 26.98
CA GLY C 109 9.60 13.28 27.37
C GLY C 109 10.66 12.96 26.33
N VAL C 110 11.58 12.10 26.73
CA VAL C 110 12.74 11.72 25.94
C VAL C 110 12.68 10.23 25.63
N PRO C 111 12.61 9.83 24.37
CA PRO C 111 12.47 8.40 24.05
C PRO C 111 13.81 7.72 23.84
N TRP C 112 13.78 6.41 23.57
CA TRP C 112 14.94 5.63 23.19
C TRP C 112 15.78 6.35 22.13
N LEU C 113 15.12 6.97 21.16
CA LEU C 113 15.81 7.75 20.16
C LEU C 113 16.28 9.08 20.77
N TYR C 114 17.59 9.28 20.84
CA TYR C 114 18.17 10.57 21.21
C TYR C 114 18.37 11.48 20.01
N SER C 115 18.92 10.93 18.93
CA SER C 115 19.29 11.70 17.76
C SER C 115 19.66 10.74 16.65
N THR C 116 19.43 11.17 15.42
CA THR C 116 19.74 10.42 14.22
C THR C 116 20.73 11.24 13.40
N CYS C 117 21.19 10.66 12.29
CA CYS C 117 22.09 11.40 11.42
C CYS C 117 21.35 12.36 10.50
N GLY C 118 20.05 12.20 10.32
CA GLY C 118 19.29 13.10 9.49
C GLY C 118 19.79 13.18 8.07
N HIS C 119 20.63 12.23 7.65
CA HIS C 119 21.20 12.27 6.31
C HIS C 119 20.98 10.95 5.60
N CYS C 120 20.91 9.87 6.36
CA CYS C 120 20.75 8.56 5.75
C CYS C 120 19.34 8.41 5.17
N GLU C 121 19.20 7.45 4.25
CA GLU C 121 17.94 7.27 3.54
C GLU C 121 16.79 7.00 4.50
N HIS C 122 17.07 6.27 5.57
CA HIS C 122 16.07 6.03 6.61
C HIS C 122 15.63 7.35 7.25
N CYS C 123 16.60 8.18 7.63
CA CYS C 123 16.28 9.47 8.24
C CYS C 123 15.45 10.33 7.30
N LEU C 124 15.94 10.54 6.07
CA LEU C 124 15.25 11.42 5.13
C LEU C 124 13.95 10.83 4.61
N GLY C 125 13.68 9.56 4.88
CA GLY C 125 12.48 8.93 4.37
C GLY C 125 11.45 8.61 5.44
N GLY C 126 11.51 9.33 6.55
CA GLY C 126 10.62 9.06 7.67
C GLY C 126 10.76 7.66 8.22
N TRP C 127 11.95 7.09 8.16
CA TRP C 127 12.28 5.80 8.75
C TRP C 127 13.48 5.94 9.67
N GLU C 128 13.55 7.06 10.40
CA GLU C 128 14.74 7.41 11.15
C GLU C 128 15.09 6.40 12.23
N THR C 129 14.17 5.49 12.58
CA THR C 129 14.49 4.52 13.60
C THR C 129 15.54 3.53 13.14
N LEU C 130 15.85 3.52 11.84
CA LEU C 130 16.83 2.61 11.27
C LEU C 130 18.13 3.33 10.93
N CYS C 131 18.28 4.59 11.33
CA CYS C 131 19.51 5.32 11.07
C CYS C 131 20.70 4.61 11.69
N GLU C 132 21.72 4.34 10.86
CA GLU C 132 22.92 3.68 11.34
C GLU C 132 23.59 4.50 12.44
N SER C 133 23.55 5.83 12.30
CA SER C 133 24.21 6.73 13.25
C SER C 133 23.22 7.25 14.28
N GLN C 134 22.29 6.41 14.72
CA GLN C 134 21.36 6.81 15.76
C GLN C 134 22.07 6.78 17.12
N GLN C 135 21.79 7.79 17.93
CA GLN C 135 22.26 7.86 19.30
C GLN C 135 21.06 7.51 20.19
N ASN C 136 21.24 6.50 21.04
CA ASN C 136 20.15 6.01 21.88
C ASN C 136 20.33 6.46 23.32
N THR C 137 19.26 6.97 23.93
CA THR C 137 19.31 7.41 25.31
C THR C 137 19.45 6.21 26.24
N GLY C 138 20.30 6.35 27.25
CA GLY C 138 20.61 5.26 28.13
C GLY C 138 21.63 4.28 27.60
N TYR C 139 22.12 4.49 26.38
CA TYR C 139 23.12 3.59 25.81
C TYR C 139 24.28 4.41 25.29
N SER C 140 24.05 5.12 24.18
CA SER C 140 25.05 6.03 23.63
C SER C 140 25.01 7.40 24.28
N VAL C 141 24.04 7.67 25.17
CA VAL C 141 23.94 8.92 25.93
C VAL C 141 23.63 8.60 27.38
N ASN C 142 23.61 9.64 28.22
CA ASN C 142 23.31 9.51 29.65
C ASN C 142 21.79 9.60 29.78
N GLY C 143 21.14 8.43 29.78
CA GLY C 143 19.70 8.39 29.80
C GLY C 143 19.14 8.76 31.16
N GLY C 144 17.82 8.60 31.29
CA GLY C 144 17.12 8.95 32.51
C GLY C 144 17.41 8.05 33.69
N GLU C 147 18.88 14.60 37.99
CA GLU C 147 17.43 14.81 37.98
C GLU C 147 16.99 15.49 36.68
N TYR C 148 17.98 15.94 35.91
CA TYR C 148 17.73 16.67 34.67
C TYR C 148 18.52 15.97 33.57
N THR C 149 17.90 15.79 32.41
CA THR C 149 18.53 15.10 31.30
C THR C 149 18.56 15.98 30.05
N LEU C 150 19.62 15.81 29.25
CA LEU C 150 19.84 16.61 28.06
C LEU C 150 19.43 15.79 26.84
N ALA C 151 18.66 16.41 25.94
CA ALA C 151 18.21 15.76 24.72
C ALA C 151 18.06 16.81 23.62
N GLN C 152 18.20 16.36 22.37
CA GLN C 152 17.98 17.28 21.26
C GLN C 152 16.49 17.57 21.08
N ALA C 153 16.19 18.86 20.85
CA ALA C 153 14.82 19.36 20.89
C ALA C 153 13.93 18.74 19.82
N ASP C 154 14.51 18.19 18.76
CA ASP C 154 13.71 17.67 17.67
C ASP C 154 13.45 16.19 17.81
N TYR C 155 13.83 15.60 18.94
CA TYR C 155 13.64 14.19 19.20
C TYR C 155 13.01 13.96 20.57
N VAL C 156 12.22 14.92 21.04
CA VAL C 156 11.48 14.79 22.29
C VAL C 156 10.00 14.82 21.96
N GLY C 157 9.22 14.10 22.77
CA GLY C 157 7.80 13.91 22.53
C GLY C 157 6.94 14.80 23.42
N LYS C 158 6.07 15.57 22.79
CA LYS C 158 5.10 16.40 23.51
C LYS C 158 4.00 15.54 24.10
N LEU C 159 3.91 15.52 25.43
CA LEU C 159 2.95 14.67 26.10
C LEU C 159 1.56 15.31 26.13
N PRO C 160 0.52 14.52 26.37
CA PRO C 160 -0.82 15.09 26.52
C PRO C 160 -0.96 15.88 27.82
N ASP C 161 -1.83 16.89 27.78
CA ASP C 161 -2.02 17.80 28.89
C ASP C 161 -2.98 17.29 29.97
N ASN C 162 -3.35 16.00 29.95
CA ASN C 162 -4.31 15.53 30.95
C ASN C 162 -3.99 14.14 31.48
N VAL C 163 -2.78 13.64 31.25
CA VAL C 163 -2.40 12.30 31.66
C VAL C 163 -1.17 12.41 32.54
N GLY C 164 -1.24 11.82 33.73
CA GLY C 164 -0.13 11.92 34.66
C GLY C 164 1.15 11.37 34.06
N PHE C 165 2.27 11.89 34.55
CA PHE C 165 3.57 11.49 34.00
C PHE C 165 3.87 10.03 34.26
N VAL C 166 3.44 9.49 35.40
CA VAL C 166 3.62 8.05 35.61
C VAL C 166 2.79 7.27 34.61
N GLU C 167 1.68 7.84 34.16
CA GLU C 167 0.80 7.13 33.24
C GLU C 167 1.38 7.07 31.84
N ILE C 168 2.02 8.15 31.37
CA ILE C 168 2.60 8.18 30.03
C ILE C 168 3.94 7.46 29.98
N ALA C 169 4.48 7.08 31.13
CA ALA C 169 5.82 6.50 31.21
C ALA C 169 6.04 5.29 30.32
N PRO C 170 5.15 4.29 30.28
CA PRO C 170 5.46 3.11 29.45
C PRO C 170 5.37 3.35 27.95
N VAL C 171 5.00 4.55 27.52
CA VAL C 171 4.83 4.75 26.08
C VAL C 171 6.17 5.03 25.43
N LEU C 172 7.11 5.57 26.20
CA LEU C 172 8.38 6.02 25.64
C LEU C 172 9.12 4.89 24.93
N CYS C 173 8.92 3.64 25.37
CA CYS C 173 9.52 2.49 24.70
C CYS C 173 8.52 1.38 24.39
N ALA C 174 7.83 0.87 25.42
CA ALA C 174 6.86 -0.20 25.26
C ALA C 174 5.75 0.17 24.30
N GLY C 175 4.96 1.18 24.68
CA GLY C 175 3.80 1.57 23.88
C GLY C 175 4.12 1.82 22.42
N VAL C 176 5.18 2.59 22.16
CA VAL C 176 5.45 2.97 20.78
C VAL C 176 5.97 1.77 19.98
N THR C 177 6.71 0.85 20.62
CA THR C 177 7.13 -0.35 19.92
C THR C 177 5.95 -1.26 19.59
N VAL C 178 5.02 -1.37 20.54
CA VAL C 178 3.78 -2.11 20.30
C VAL C 178 3.03 -1.49 19.13
N TYR C 179 2.83 -0.18 19.17
CA TYR C 179 2.06 0.48 18.11
C TYR C 179 2.76 0.37 16.76
N LYS C 180 4.10 0.39 16.77
CA LYS C 180 4.84 0.21 15.53
C LYS C 180 4.69 -1.20 14.99
N GLY C 181 4.67 -2.19 15.88
CA GLY C 181 4.50 -3.57 15.43
C GLY C 181 3.09 -3.81 14.91
N LEU C 182 2.09 -3.34 15.65
CA LEU C 182 0.69 -3.44 15.24
C LEU C 182 0.48 -2.78 13.87
N LYS C 183 0.97 -1.55 13.71
CA LYS C 183 0.90 -0.91 12.39
C LYS C 183 1.70 -1.67 11.34
N MET C 184 2.70 -2.45 11.75
CA MET C 184 3.53 -3.22 10.84
C MET C 184 3.02 -4.64 10.66
N THR C 185 1.88 -4.97 11.24
CA THR C 185 1.31 -6.29 11.08
C THR C 185 0.46 -6.38 9.83
N ASP C 186 0.45 -5.32 9.00
CA ASP C 186 -0.34 -5.24 7.76
C ASP C 186 -1.74 -5.80 7.99
N THR C 187 -2.42 -5.22 8.99
CA THR C 187 -3.72 -5.68 9.44
C THR C 187 -4.74 -4.55 9.29
N ARG C 188 -5.80 -4.82 8.53
CA ARG C 188 -6.96 -3.96 8.32
C ARG C 188 -7.89 -4.03 9.53
N PRO C 189 -8.63 -2.96 9.81
CA PRO C 189 -9.56 -2.99 10.95
C PRO C 189 -10.61 -4.08 10.77
N GLY C 190 -10.93 -4.76 11.86
CA GLY C 190 -11.89 -5.84 11.81
C GLY C 190 -11.31 -7.23 11.62
N GLN C 191 -10.01 -7.40 11.79
CA GLN C 191 -9.37 -8.70 11.66
C GLN C 191 -8.91 -9.20 13.02
N TRP C 192 -8.24 -10.34 13.03
CA TRP C 192 -7.82 -11.01 14.24
C TRP C 192 -6.30 -10.98 14.38
N VAL C 193 -5.85 -10.75 15.60
CA VAL C 193 -4.43 -10.64 15.94
C VAL C 193 -4.18 -11.27 17.29
N VAL C 194 -3.08 -12.00 17.39
CA VAL C 194 -2.64 -12.59 18.64
C VAL C 194 -1.55 -11.73 19.24
N ILE C 195 -1.56 -11.62 20.56
CA ILE C 195 -0.56 -10.94 21.37
C ILE C 195 0.00 -12.01 22.28
N SER C 196 1.18 -12.55 21.97
CA SER C 196 1.68 -13.65 22.78
C SER C 196 2.41 -13.10 24.00
N GLY C 197 1.98 -13.52 25.17
CA GLY C 197 2.52 -12.99 26.40
C GLY C 197 1.92 -11.64 26.73
N ILE C 198 1.10 -11.58 27.78
CA ILE C 198 0.52 -10.32 28.26
C ILE C 198 1.45 -9.82 29.36
N GLY C 199 2.53 -9.17 28.96
CA GLY C 199 3.38 -8.42 29.88
C GLY C 199 2.85 -7.02 30.01
N GLY C 200 3.75 -6.10 30.33
CA GLY C 200 3.43 -4.69 30.17
C GLY C 200 3.13 -4.37 28.72
N LEU C 201 4.03 -4.81 27.84
CA LEU C 201 3.84 -4.62 26.41
C LEU C 201 2.56 -5.29 25.95
N GLY C 202 2.26 -6.45 26.53
CA GLY C 202 1.00 -7.14 26.26
C GLY C 202 -0.26 -6.35 26.53
N HIS C 203 -0.39 -5.80 27.75
CA HIS C 203 -1.62 -5.08 28.06
C HIS C 203 -1.71 -3.76 27.29
N MET C 204 -0.56 -3.13 27.05
CA MET C 204 -0.58 -1.95 26.18
C MET C 204 -1.01 -2.34 24.78
N ALA C 205 -0.57 -3.51 24.30
CA ALA C 205 -0.91 -3.97 22.96
C ALA C 205 -2.39 -4.26 22.83
N VAL C 206 -2.97 -4.88 23.85
CA VAL C 206 -4.41 -5.12 23.85
C VAL C 206 -5.16 -3.79 23.78
N GLN C 207 -4.85 -2.87 24.69
CA GLN C 207 -5.51 -1.55 24.68
C GLN C 207 -5.42 -0.89 23.30
N TYR C 208 -4.22 -0.90 22.69
CA TYR C 208 -4.03 -0.24 21.41
C TYR C 208 -4.78 -0.93 20.28
N ALA C 209 -4.72 -2.26 20.23
CA ALA C 209 -5.41 -2.99 19.18
C ALA C 209 -6.92 -2.77 19.27
N ARG C 210 -7.46 -2.74 20.49
CA ARG C 210 -8.89 -2.44 20.64
C ARG C 210 -9.18 -1.02 20.18
N ALA C 211 -8.29 -0.07 20.52
CA ALA C 211 -8.46 1.28 20.01
C ALA C 211 -8.24 1.35 18.51
N MET C 212 -7.44 0.44 17.95
CA MET C 212 -7.26 0.36 16.51
C MET C 212 -8.42 -0.34 15.81
N GLY C 213 -9.34 -0.95 16.57
CA GLY C 213 -10.49 -1.62 16.01
C GLY C 213 -10.15 -2.97 15.42
N LEU C 214 -9.49 -3.81 16.22
CA LEU C 214 -9.15 -5.18 15.84
C LEU C 214 -9.72 -6.15 16.86
N ASN C 215 -9.56 -7.44 16.57
CA ASN C 215 -9.96 -8.53 17.46
C ASN C 215 -8.72 -9.25 17.96
N VAL C 216 -8.67 -9.58 19.25
CA VAL C 216 -7.41 -9.94 19.90
C VAL C 216 -7.49 -11.27 20.63
N ALA C 217 -6.34 -11.93 20.77
CA ALA C 217 -6.23 -13.18 21.51
C ALA C 217 -4.82 -13.33 22.08
N ALA C 218 -4.71 -13.91 23.29
CA ALA C 218 -3.41 -13.98 23.98
C ALA C 218 -3.22 -15.30 24.73
N VAL C 219 -2.07 -15.40 25.42
CA VAL C 219 -1.74 -16.55 26.27
C VAL C 219 -2.56 -16.46 27.54
N ASP C 222 -0.05 -17.22 33.08
CA ASP C 222 -0.82 -16.72 34.21
C ASP C 222 -2.27 -16.47 33.83
N ASP C 223 -3.18 -17.21 34.47
CA ASP C 223 -4.61 -17.04 34.17
C ASP C 223 -5.10 -15.66 34.61
N ALA C 224 -4.45 -15.06 35.62
CA ALA C 224 -4.84 -13.73 36.09
C ALA C 224 -4.51 -12.66 35.05
N LYS C 225 -3.42 -12.83 34.31
CA LYS C 225 -3.13 -11.88 33.25
C LYS C 225 -4.10 -12.06 32.09
N LEU C 226 -4.51 -13.31 31.84
CA LEU C 226 -5.60 -13.56 30.91
C LEU C 226 -6.86 -12.83 31.32
N ALA C 227 -7.26 -12.95 32.59
CA ALA C 227 -8.45 -12.25 33.06
C ALA C 227 -8.30 -10.75 32.91
N LEU C 228 -7.11 -10.22 33.19
CA LEU C 228 -6.90 -8.79 33.01
C LEU C 228 -7.06 -8.40 31.54
N ALA C 229 -6.54 -9.21 30.63
CA ALA C 229 -6.70 -8.92 29.20
C ALA C 229 -8.16 -9.00 28.77
N GLU C 230 -8.88 -10.02 29.24
CA GLU C 230 -10.30 -10.15 28.94
C GLU C 230 -11.06 -8.92 29.41
N ARG C 231 -10.70 -8.39 30.58
CA ARG C 231 -11.31 -7.15 31.04
C ARG C 231 -10.83 -5.94 30.23
N LEU C 232 -9.68 -6.06 29.58
CA LEU C 232 -9.12 -4.95 28.82
C LEU C 232 -9.76 -4.81 27.45
N GLY C 233 -10.38 -5.87 26.94
CA GLY C 233 -11.04 -5.85 25.66
C GLY C 233 -10.65 -7.04 24.81
N ALA C 234 -9.93 -8.00 25.40
CA ALA C 234 -9.56 -9.22 24.68
C ALA C 234 -10.79 -10.08 24.44
N THR C 235 -11.08 -10.34 23.16
CA THR C 235 -12.26 -11.11 22.81
C THR C 235 -12.09 -12.60 23.09
N ILE C 236 -10.85 -13.09 23.03
CA ILE C 236 -10.54 -14.51 23.23
C ILE C 236 -9.33 -14.61 24.16
N THR C 237 -9.36 -15.62 25.02
CA THR C 237 -8.26 -15.92 25.92
C THR C 237 -7.96 -17.40 25.86
N VAL C 238 -6.68 -17.75 26.02
CA VAL C 238 -6.27 -19.16 25.94
C VAL C 238 -4.95 -19.37 26.66
N ASN C 239 -4.94 -20.28 27.64
CA ASN C 239 -3.71 -20.64 28.35
C ASN C 239 -3.02 -21.78 27.61
N ALA C 240 -1.76 -21.58 27.22
CA ALA C 240 -1.04 -22.59 26.46
C ALA C 240 -0.70 -23.81 27.30
N MET C 241 -0.75 -23.69 28.62
CA MET C 241 -0.52 -24.84 29.49
C MET C 241 -1.71 -25.78 29.44
N GLN C 242 -2.91 -25.22 29.53
CA GLN C 242 -4.13 -26.02 29.55
C GLN C 242 -4.41 -26.64 28.20
N THR C 243 -4.48 -25.81 27.15
CA THR C 243 -4.87 -26.24 25.82
C THR C 243 -3.87 -25.73 24.78
N ASP C 244 -4.01 -26.28 23.55
CA ASP C 244 -3.18 -25.92 22.41
C ASP C 244 -3.75 -24.68 21.72
N PRO C 245 -2.95 -23.66 21.50
CA PRO C 245 -3.48 -22.44 20.88
C PRO C 245 -3.67 -22.57 19.37
N ALA C 246 -2.73 -23.24 18.70
CA ALA C 246 -2.78 -23.32 17.24
C ALA C 246 -4.05 -24.00 16.75
N ARG C 247 -4.34 -25.19 17.27
CA ARG C 247 -5.55 -25.92 16.87
C ARG C 247 -6.80 -25.12 17.22
N TYR C 248 -6.78 -24.45 18.37
CA TYR C 248 -7.92 -23.65 18.79
C TYR C 248 -8.20 -22.53 17.80
N LEU C 249 -7.17 -21.75 17.46
CA LEU C 249 -7.37 -20.66 16.52
C LEU C 249 -7.68 -21.17 15.12
N LYS C 250 -7.21 -22.37 14.79
CA LYS C 250 -7.48 -23.00 13.49
C LYS C 250 -8.89 -23.55 13.40
N GLN C 251 -9.55 -23.79 14.54
CA GLN C 251 -10.93 -24.24 14.57
C GLN C 251 -11.92 -23.15 14.95
N THR C 252 -11.44 -21.99 15.37
CA THR C 252 -12.29 -20.85 15.71
C THR C 252 -12.09 -19.68 14.76
N ILE C 253 -10.86 -19.17 14.65
CA ILE C 253 -10.60 -18.03 13.77
C ILE C 253 -10.13 -18.47 12.39
N GLY C 254 -9.74 -19.74 12.24
CA GLY C 254 -9.13 -20.17 11.01
C GLY C 254 -7.79 -19.50 10.78
N GLY C 255 -7.00 -19.35 11.84
CA GLY C 255 -5.74 -18.64 11.72
C GLY C 255 -5.92 -17.15 11.89
N ALA C 256 -4.97 -16.52 12.56
CA ALA C 256 -5.04 -15.08 12.79
C ALA C 256 -4.24 -14.33 11.73
N HIS C 257 -4.63 -13.08 11.52
CA HIS C 257 -3.95 -12.26 10.51
C HIS C 257 -2.58 -11.84 10.98
N GLY C 258 -2.46 -11.53 12.27
CA GLY C 258 -1.22 -11.01 12.81
C GLY C 258 -0.96 -11.60 14.18
N ALA C 259 0.32 -11.71 14.52
CA ALA C 259 0.74 -12.21 15.83
C ALA C 259 1.81 -11.27 16.36
N LEU C 260 1.48 -10.54 17.44
CA LEU C 260 2.43 -9.65 18.10
C LEU C 260 3.05 -10.40 19.27
N VAL C 261 4.32 -10.75 19.14
CA VAL C 261 5.02 -11.53 20.15
C VAL C 261 5.76 -10.56 21.06
N THR C 262 5.22 -10.38 22.28
CA THR C 262 5.93 -9.57 23.28
C THR C 262 7.03 -10.38 23.94
N ALA C 263 6.68 -11.57 24.44
CA ALA C 263 7.63 -12.46 25.11
C ALA C 263 8.11 -13.50 24.11
N VAL C 264 9.31 -13.29 23.58
CA VAL C 264 9.85 -14.13 22.52
C VAL C 264 10.59 -15.29 23.18
N SER C 265 9.93 -16.44 23.24
CA SER C 265 10.51 -17.69 23.69
C SER C 265 10.21 -18.76 22.64
N PRO C 266 11.11 -19.75 22.49
CA PRO C 266 10.91 -20.77 21.46
C PRO C 266 9.52 -21.41 21.46
N LYS C 267 8.97 -21.69 22.64
CA LYS C 267 7.64 -22.29 22.71
C LYS C 267 6.59 -21.32 22.16
N ALA C 268 6.57 -20.10 22.69
CA ALA C 268 5.64 -19.11 22.18
C ALA C 268 5.96 -18.74 20.74
N PHE C 269 7.19 -18.99 20.28
CA PHE C 269 7.52 -18.70 18.89
C PHE C 269 6.89 -19.70 17.95
N GLU C 270 7.05 -21.00 18.21
CA GLU C 270 6.30 -21.98 17.42
C GLU C 270 4.80 -21.74 17.51
N GLN C 271 4.31 -21.41 18.71
CA GLN C 271 2.88 -21.14 18.86
C GLN C 271 2.44 -20.01 17.95
N ALA C 272 3.17 -18.88 17.97
CA ALA C 272 2.87 -17.76 17.10
C ALA C 272 2.92 -18.17 15.64
N LEU C 273 3.99 -18.85 15.24
CA LEU C 273 4.14 -19.30 13.87
C LEU C 273 2.91 -20.10 13.42
N GLY C 274 2.39 -20.95 14.29
CA GLY C 274 1.24 -21.77 13.94
C GLY C 274 -0.09 -21.06 14.02
N MET C 275 -0.21 -20.05 14.89
CA MET C 275 -1.52 -19.42 15.14
C MET C 275 -1.98 -18.56 13.99
N ILE C 276 -1.09 -18.21 13.07
CA ILE C 276 -1.38 -17.29 11.97
C ILE C 276 -1.93 -18.02 10.76
N ARG C 277 -2.87 -17.38 10.06
CA ARG C 277 -3.43 -17.96 8.85
C ARG C 277 -2.49 -17.78 7.67
N ARG C 278 -2.83 -18.42 6.55
CA ARG C 278 -1.98 -18.37 5.37
C ARG C 278 -1.83 -16.94 4.90
N GLY C 279 -0.58 -16.49 4.78
CA GLY C 279 -0.30 -15.14 4.34
C GLY C 279 -0.25 -14.11 5.44
N GLY C 280 -0.45 -14.52 6.70
CA GLY C 280 -0.47 -13.58 7.79
C GLY C 280 0.92 -13.13 8.17
N THR C 281 0.96 -12.18 9.11
CA THR C 281 2.20 -11.50 9.48
C THR C 281 2.47 -11.73 10.96
N VAL C 282 3.65 -12.26 11.28
CA VAL C 282 4.05 -12.45 12.66
C VAL C 282 5.05 -11.35 13.01
N ALA C 283 4.66 -10.50 13.96
CA ALA C 283 5.48 -9.40 14.43
C ALA C 283 6.19 -9.78 15.71
N LEU C 284 7.47 -9.41 15.80
CA LEU C 284 8.32 -9.75 16.93
C LEU C 284 8.74 -8.47 17.64
N ASN C 285 8.59 -8.46 18.96
CA ASN C 285 8.93 -7.29 19.76
C ASN C 285 10.18 -7.57 20.59
N LEU C 287 14.07 -9.57 22.83
CA LEU C 287 15.22 -9.78 21.98
C LEU C 287 16.29 -10.69 22.59
N PRO C 288 15.97 -11.96 22.84
CA PRO C 288 16.98 -12.86 23.41
C PRO C 288 18.01 -13.23 22.35
N PRO C 289 19.22 -13.61 22.76
CA PRO C 289 20.30 -13.87 21.80
C PRO C 289 20.27 -15.25 21.16
N GLY C 290 19.18 -15.99 21.29
CA GLY C 290 19.13 -17.33 20.73
C GLY C 290 18.84 -17.33 19.24
N ASP C 291 19.42 -18.31 18.56
CA ASP C 291 19.10 -18.62 17.16
C ASP C 291 17.96 -19.62 17.12
N PHE C 292 16.82 -19.18 16.61
CA PHE C 292 15.62 -20.00 16.67
C PHE C 292 15.46 -20.80 15.39
N PRO C 293 15.18 -22.10 15.47
CA PRO C 293 14.87 -22.87 14.25
C PRO C 293 13.58 -22.38 13.64
N LEU C 294 13.58 -22.28 12.32
CA LEU C 294 12.41 -21.78 11.61
C LEU C 294 12.13 -22.62 10.37
N PRO C 295 10.93 -23.21 10.26
CA PRO C 295 10.66 -24.08 9.11
C PRO C 295 10.48 -23.33 7.80
N ILE C 296 11.46 -23.50 6.92
CA ILE C 296 11.41 -22.85 5.62
C ILE C 296 10.35 -23.46 4.72
N PHE C 297 9.81 -24.63 5.11
CA PHE C 297 8.74 -25.26 4.34
C PHE C 297 7.35 -24.70 4.65
N ASP C 298 6.96 -24.69 5.93
CA ASP C 298 5.61 -24.25 6.29
C ASP C 298 5.37 -22.80 5.92
N MET C 299 6.41 -21.97 5.98
CA MET C 299 6.23 -20.57 5.65
C MET C 299 6.02 -20.38 4.17
N VAL C 300 6.89 -20.95 3.33
CA VAL C 300 6.73 -20.81 1.89
C VAL C 300 5.39 -21.36 1.43
N LEU C 301 5.00 -22.52 1.96
CA LEU C 301 3.70 -23.09 1.61
C LEU C 301 2.57 -22.17 2.04
N ASN C 302 2.58 -21.72 3.30
CA ASN C 302 1.52 -20.86 3.79
C ASN C 302 1.77 -19.38 3.52
N GLY C 303 2.93 -19.03 2.97
CA GLY C 303 3.25 -17.63 2.68
C GLY C 303 3.25 -16.72 3.89
N ILE C 304 3.69 -17.23 5.04
CA ILE C 304 3.66 -16.41 6.25
C ILE C 304 4.83 -15.43 6.20
N THR C 305 4.54 -14.18 6.50
CA THR C 305 5.54 -13.12 6.51
C THR C 305 5.95 -12.83 7.94
N VAL C 306 7.24 -12.62 8.15
CA VAL C 306 7.81 -12.51 9.48
C VAL C 306 8.53 -11.18 9.62
N ARG C 307 7.96 -10.27 10.38
CA ARG C 307 8.50 -8.93 10.57
C ARG C 307 9.08 -8.78 11.97
N GLY C 308 9.98 -7.81 12.12
CA GLY C 308 10.56 -7.43 13.40
C GLY C 308 10.53 -5.93 13.65
N SER C 309 10.17 -5.51 14.86
CA SER C 309 9.97 -4.10 15.19
C SER C 309 10.64 -3.81 16.52
N ILE C 310 11.55 -2.84 16.52
CA ILE C 310 12.31 -2.52 17.72
C ILE C 310 11.71 -1.33 18.46
N VAL C 311 11.44 -0.24 17.75
CA VAL C 311 10.89 0.97 18.34
C VAL C 311 10.23 1.77 17.23
N GLY C 312 9.26 2.60 17.59
CA GLY C 312 8.60 3.44 16.61
C GLY C 312 9.34 4.75 16.38
N THR C 313 8.86 5.50 15.39
CA THR C 313 9.42 6.80 15.06
C THR C 313 8.72 7.89 15.86
N ARG C 314 9.17 9.15 15.68
CA ARG C 314 8.49 10.27 16.33
C ARG C 314 7.01 10.30 15.99
N LEU C 315 6.68 10.11 14.70
CA LEU C 315 5.27 10.09 14.29
C LEU C 315 4.51 9.04 15.08
N ASP C 316 5.01 7.81 15.08
CA ASP C 316 4.42 6.74 15.89
C ASP C 316 4.29 7.17 17.35
N LEU C 317 5.38 7.69 17.92
CA LEU C 317 5.36 8.13 19.31
C LEU C 317 4.22 9.11 19.55
N GLN C 318 4.14 10.16 18.73
CA GLN C 318 3.10 11.17 18.88
C GLN C 318 1.70 10.56 18.78
N GLU C 319 1.48 9.65 17.83
CA GLU C 319 0.17 9.01 17.72
C GLU C 319 -0.14 8.17 18.96
N ALA C 320 0.83 7.39 19.43
CA ALA C 320 0.63 6.62 20.65
C ALA C 320 0.27 7.55 21.81
N LEU C 321 0.92 8.70 21.89
CA LEU C 321 0.60 9.67 22.92
C LEU C 321 -0.81 10.22 22.74
N ASP C 322 -1.19 10.44 21.48
CA ASP C 322 -2.55 10.88 21.18
C ASP C 322 -3.58 9.86 21.64
N PHE C 323 -3.28 8.57 21.45
CA PHE C 323 -4.19 7.51 21.89
C PHE C 323 -4.24 7.41 23.40
N ALA C 324 -3.12 7.68 24.07
CA ALA C 324 -3.15 7.69 25.53
C ALA C 324 -3.95 8.88 26.06
N GLY C 325 -3.75 10.06 25.47
CA GLY C 325 -4.49 11.25 25.86
C GLY C 325 -5.96 11.20 25.52
N GLU C 326 -6.33 10.38 24.54
CA GLU C 326 -7.73 10.09 24.26
C GLU C 326 -8.31 9.05 25.21
N GLY C 327 -7.54 8.64 26.20
CA GLY C 327 -7.99 7.71 27.23
C GLY C 327 -8.34 6.32 26.75
N LYS C 328 -7.95 5.97 25.52
CA LYS C 328 -8.16 4.61 25.02
C LYS C 328 -7.12 3.63 25.51
N VAL C 329 -5.99 4.12 26.04
CA VAL C 329 -4.93 3.26 26.53
C VAL C 329 -4.55 3.66 27.95
N ALA C 331 -2.27 2.20 31.04
CA ALA C 331 -1.33 1.17 31.51
C ALA C 331 -1.40 1.00 33.00
N THR C 332 -0.90 -0.14 33.49
CA THR C 332 -0.82 -0.43 34.91
C THR C 332 0.62 -0.75 35.28
N VAL C 333 1.25 0.15 36.04
CA VAL C 333 2.65 0.01 36.45
C VAL C 333 2.74 0.21 37.96
N LYS C 334 3.87 -0.20 38.52
CA LYS C 334 4.16 -0.06 39.94
C LYS C 334 5.26 0.97 40.14
N THR C 335 4.99 1.94 41.02
CA THR C 335 5.91 3.04 41.28
C THR C 335 6.93 2.63 42.32
N GLU C 336 8.20 2.91 42.06
CA GLU C 336 9.27 2.59 42.98
C GLU C 336 10.20 3.80 43.12
N LYS C 337 11.12 3.72 44.07
CA LYS C 337 12.09 4.76 44.35
C LYS C 337 13.43 4.47 43.68
N LEU C 338 14.21 5.54 43.48
CA LEU C 338 15.54 5.38 42.90
C LEU C 338 16.37 4.41 43.73
N GLU C 339 16.27 4.49 45.05
CA GLU C 339 17.06 3.61 45.92
C GLU C 339 16.76 2.15 45.62
N ASN C 340 15.53 1.85 45.23
CA ASN C 340 15.12 0.48 44.93
C ASN C 340 15.40 0.09 43.48
N ILE C 341 16.19 0.88 42.75
CA ILE C 341 16.43 0.55 41.35
C ILE C 341 17.21 -0.74 41.24
N ASN C 342 18.32 -0.85 41.98
CA ASN C 342 19.17 -2.02 41.88
C ASN C 342 18.40 -3.29 42.17
N THR C 343 17.66 -3.30 43.28
CA THR C 343 16.84 -4.45 43.65
C THR C 343 15.87 -4.82 42.54
N VAL C 344 15.25 -3.82 41.90
CA VAL C 344 14.31 -4.11 40.82
C VAL C 344 15.01 -4.92 39.75
N PHE C 345 16.22 -4.52 39.36
CA PHE C 345 16.95 -5.29 38.37
C PHE C 345 17.09 -6.73 38.84
N ASP C 346 17.46 -6.93 40.11
CA ASP C 346 17.56 -8.28 40.66
C ASP C 346 16.23 -9.00 40.54
N GLN C 347 15.13 -8.33 40.88
CA GLN C 347 13.82 -8.94 40.72
C GLN C 347 13.58 -9.32 39.26
N MET C 348 14.01 -8.46 38.33
CA MET C 348 13.91 -8.78 36.91
C MET C 348 14.64 -10.07 36.57
N THR C 349 15.83 -10.28 37.16
CA THR C 349 16.55 -11.52 36.89
C THR C 349 15.81 -12.72 37.47
N GLN C 350 15.06 -12.54 38.55
CA GLN C 350 14.33 -13.65 39.17
C GLN C 350 13.02 -13.96 38.46
N GLY C 351 12.48 -13.03 37.68
CA GLY C 351 11.22 -13.27 37.02
C GLY C 351 9.99 -12.99 37.85
N HIS C 352 10.15 -12.40 39.04
CA HIS C 352 9.04 -12.09 39.95
C HIS C 352 8.21 -10.89 39.50
N ILE C 353 8.59 -10.20 38.43
CA ILE C 353 7.84 -9.04 37.96
C ILE C 353 6.72 -9.57 37.06
N MET D 26 -4.36 -43.22 -25.31
CA MET D 26 -3.11 -42.51 -25.57
C MET D 26 -2.06 -42.72 -24.47
N LYS D 27 -0.81 -42.96 -24.87
CA LYS D 27 0.20 -43.40 -23.92
C LYS D 27 0.79 -42.23 -23.14
N SER D 28 0.90 -42.38 -21.82
CA SER D 28 1.37 -41.32 -20.95
C SER D 28 2.14 -41.94 -19.79
N ALA D 29 2.99 -41.13 -19.17
CA ALA D 29 3.79 -41.55 -18.02
C ALA D 29 3.03 -41.25 -16.73
N VAL D 30 3.03 -42.22 -15.80
CA VAL D 30 2.30 -42.10 -14.54
C VAL D 30 3.12 -42.68 -13.39
N VAL D 31 2.80 -42.21 -12.18
CA VAL D 31 3.37 -42.76 -10.96
C VAL D 31 2.43 -43.83 -10.44
N ARG D 32 2.88 -45.08 -10.45
CA ARG D 32 2.10 -46.16 -9.88
C ARG D 32 2.29 -46.22 -8.36
N THR D 33 3.53 -46.14 -7.92
CA THR D 33 3.88 -46.12 -6.51
C THR D 33 5.01 -45.12 -6.28
N PHE D 34 5.08 -44.60 -5.05
CA PHE D 34 6.10 -43.60 -4.75
C PHE D 34 7.47 -44.26 -4.71
N ARG D 35 8.50 -43.45 -4.96
CA ARG D 35 9.88 -43.89 -5.00
C ARG D 35 10.11 -45.01 -6.01
N GLU D 36 9.17 -45.23 -6.92
CA GLU D 36 9.27 -46.24 -7.95
C GLU D 36 9.19 -45.61 -9.34
N PRO D 37 10.00 -46.05 -10.29
CA PRO D 37 10.02 -45.41 -11.60
C PRO D 37 8.62 -45.36 -12.24
N LEU D 38 8.33 -44.22 -12.85
CA LEU D 38 7.05 -44.01 -13.51
C LEU D 38 6.88 -44.97 -14.68
N VAL D 39 5.69 -45.54 -14.79
CA VAL D 39 5.37 -46.49 -15.84
C VAL D 39 4.78 -45.72 -17.01
N ILE D 40 5.29 -45.98 -18.21
CA ILE D 40 4.72 -45.40 -19.42
C ILE D 40 3.62 -46.37 -19.84
N GLU D 41 2.37 -45.98 -19.61
CA GLU D 41 1.24 -46.85 -19.87
C GLU D 41 0.22 -46.07 -20.67
N GLU D 42 -0.48 -46.75 -21.57
CA GLU D 42 -1.49 -46.09 -22.36
C GLU D 42 -2.72 -45.83 -21.51
N VAL D 43 -3.22 -44.60 -21.55
CA VAL D 43 -4.35 -44.20 -20.72
C VAL D 43 -5.42 -43.54 -21.58
N PRO D 44 -6.70 -43.69 -21.22
CA PRO D 44 -7.77 -43.05 -21.99
C PRO D 44 -7.88 -41.55 -21.73
N VAL D 45 -8.21 -40.82 -22.80
CA VAL D 45 -8.44 -39.38 -22.72
C VAL D 45 -9.89 -39.11 -22.32
N PRO D 46 -10.13 -38.64 -21.10
CA PRO D 46 -11.52 -38.48 -20.62
C PRO D 46 -12.25 -37.32 -21.29
N ARG D 47 -13.60 -37.35 -21.17
CA ARG D 47 -14.48 -36.35 -21.78
C ARG D 47 -14.74 -35.20 -20.81
N PRO D 48 -14.56 -33.95 -21.24
CA PRO D 48 -14.70 -32.80 -20.32
C PRO D 48 -16.14 -32.48 -19.98
N GLY D 49 -16.43 -32.36 -18.68
CA GLY D 49 -17.75 -32.03 -18.20
C GLY D 49 -18.01 -30.54 -18.21
N PRO D 50 -19.11 -30.11 -17.57
CA PRO D 50 -19.43 -28.68 -17.53
C PRO D 50 -18.31 -27.86 -16.90
N GLY D 51 -17.91 -26.81 -17.60
CA GLY D 51 -16.83 -25.96 -17.13
C GLY D 51 -15.47 -26.61 -17.14
N GLU D 52 -15.27 -27.60 -17.99
CA GLU D 52 -13.99 -28.26 -18.11
C GLU D 52 -13.47 -28.14 -19.54
N ILE D 53 -12.16 -28.33 -19.69
CA ILE D 53 -11.50 -28.21 -20.99
C ILE D 53 -10.48 -29.33 -21.11
N LEU D 54 -10.47 -29.99 -22.26
CA LEU D 54 -9.46 -30.97 -22.60
C LEU D 54 -8.50 -30.30 -23.57
N VAL D 55 -7.20 -30.36 -23.25
CA VAL D 55 -6.17 -29.61 -23.96
C VAL D 55 -5.07 -30.55 -24.41
N LYS D 56 -4.76 -30.50 -25.70
CA LYS D 56 -3.61 -31.21 -26.26
C LYS D 56 -2.35 -30.67 -25.63
N VAL D 57 -1.58 -31.54 -25.00
CA VAL D 57 -0.34 -31.08 -24.40
C VAL D 57 0.71 -31.09 -25.49
N ALA D 58 1.44 -29.97 -25.61
CA ALA D 58 2.55 -29.90 -26.55
C ALA D 58 3.90 -29.94 -25.87
N ALA D 59 4.00 -29.40 -24.66
CA ALA D 59 5.26 -29.37 -23.93
C ALA D 59 4.99 -29.18 -22.45
N SER D 60 5.44 -30.11 -21.61
CA SER D 60 5.39 -29.95 -20.17
C SER D 60 6.77 -29.62 -19.59
N GLY D 61 6.77 -28.85 -18.51
CA GLY D 61 7.99 -28.40 -17.84
C GLY D 61 8.25 -29.15 -16.55
N VAL D 62 9.53 -29.23 -16.18
CA VAL D 62 9.99 -30.01 -15.03
C VAL D 62 10.37 -29.10 -13.88
N CYS D 63 9.77 -29.36 -12.72
CA CYS D 63 10.07 -28.66 -11.47
C CYS D 63 10.60 -29.64 -10.43
N HIS D 64 11.34 -29.09 -9.47
CA HIS D 64 11.71 -29.88 -8.29
C HIS D 64 10.46 -30.32 -7.53
N THR D 65 9.39 -29.53 -7.62
CA THR D 65 8.09 -29.95 -7.08
C THR D 65 7.66 -31.29 -7.66
N ASP D 66 7.93 -31.53 -8.94
CA ASP D 66 7.56 -32.80 -9.58
C ASP D 66 8.30 -33.97 -8.97
N LEU D 67 9.63 -33.91 -8.94
CA LEU D 67 10.44 -35.00 -8.37
C LEU D 67 10.04 -35.26 -6.94
N HIS D 68 9.90 -34.18 -6.18
CA HIS D 68 9.56 -34.26 -4.77
C HIS D 68 8.17 -34.85 -4.53
N ALA D 69 7.22 -34.58 -5.44
CA ALA D 69 5.92 -35.23 -5.39
C ALA D 69 6.03 -36.71 -5.72
N ALA D 70 6.95 -37.06 -6.63
CA ALA D 70 7.14 -38.46 -6.98
C ALA D 70 7.65 -39.25 -5.79
N ARG D 71 8.64 -38.70 -5.08
CA ARG D 71 9.05 -39.32 -3.83
C ARG D 71 7.95 -39.24 -2.78
N GLY D 72 7.07 -38.25 -2.89
CA GLY D 72 5.94 -38.11 -1.98
C GLY D 72 6.33 -37.88 -0.54
N ASP D 73 7.50 -37.30 -0.29
CA ASP D 73 8.03 -37.16 1.07
C ASP D 73 7.53 -35.86 1.72
N TRP D 74 6.25 -35.89 2.12
CA TRP D 74 5.63 -34.74 2.77
C TRP D 74 4.40 -35.15 3.56
N PRO D 75 4.07 -34.39 4.62
CA PRO D 75 2.82 -34.66 5.32
C PRO D 75 1.65 -34.58 4.36
N VAL D 76 1.64 -33.59 3.47
CA VAL D 76 0.73 -33.58 2.34
C VAL D 76 1.33 -34.51 1.29
N LYS D 77 0.85 -35.74 1.19
CA LYS D 77 1.29 -36.67 0.17
C LYS D 77 0.19 -36.85 -0.87
N PRO D 78 0.54 -37.24 -2.12
CA PRO D 78 -0.49 -37.47 -3.14
C PRO D 78 -1.11 -38.85 -3.05
N PRO D 80 -1.96 -41.92 -5.18
CA PRO D 80 -1.64 -42.62 -6.43
C PRO D 80 -2.87 -43.12 -7.15
N PRO D 81 -2.74 -43.47 -8.44
CA PRO D 81 -1.68 -43.07 -9.35
C PRO D 81 -1.99 -41.70 -9.97
N PHE D 82 -0.98 -40.89 -10.25
CA PHE D 82 -1.24 -39.51 -10.66
C PHE D 82 -0.33 -39.13 -11.82
N ILE D 83 -0.86 -38.32 -12.73
CA ILE D 83 -0.10 -37.80 -13.86
C ILE D 83 0.65 -36.56 -13.40
N PRO D 84 1.97 -36.53 -13.47
CA PRO D 84 2.73 -35.40 -12.94
C PRO D 84 2.71 -34.21 -13.89
N GLY D 85 3.49 -33.20 -13.52
CA GLY D 85 3.62 -31.99 -14.30
C GLY D 85 2.55 -30.95 -13.99
N HIS D 86 2.96 -29.78 -13.52
CA HIS D 86 2.06 -28.63 -13.35
C HIS D 86 2.41 -27.51 -14.31
N GLU D 87 3.13 -27.82 -15.38
CA GLU D 87 3.70 -26.84 -16.28
C GLU D 87 3.47 -27.32 -17.71
N GLY D 88 2.21 -27.49 -18.08
CA GLY D 88 1.82 -28.01 -19.39
C GLY D 88 1.11 -26.93 -20.19
N VAL D 89 1.39 -26.88 -21.50
CA VAL D 89 0.78 -25.92 -22.39
C VAL D 89 0.40 -26.61 -23.70
N GLY D 90 -0.55 -26.01 -24.41
CA GLY D 90 -1.01 -26.61 -25.65
C GLY D 90 -2.25 -25.91 -26.19
N HIS D 91 -3.01 -26.66 -26.98
CA HIS D 91 -4.16 -26.14 -27.72
C HIS D 91 -5.46 -26.59 -27.05
N VAL D 92 -6.45 -25.69 -27.05
CA VAL D 92 -7.78 -26.05 -26.58
C VAL D 92 -8.45 -26.97 -27.58
N VAL D 93 -8.92 -28.12 -27.11
CA VAL D 93 -9.52 -29.14 -27.95
C VAL D 93 -11.00 -29.30 -27.64
N ALA D 94 -11.32 -29.54 -26.39
CA ALA D 94 -12.69 -29.82 -26.00
C ALA D 94 -13.08 -28.82 -24.92
N VAL D 95 -14.26 -28.24 -25.08
CA VAL D 95 -14.80 -27.32 -24.10
C VAL D 95 -15.99 -27.98 -23.43
N GLY D 96 -16.27 -27.56 -22.19
CA GLY D 96 -17.40 -28.08 -21.46
C GLY D 96 -18.66 -27.29 -21.73
N ARG D 97 -19.72 -27.67 -21.02
CA ARG D 97 -21.00 -26.99 -21.14
C ARG D 97 -20.97 -25.71 -20.30
N GLY D 98 -21.37 -24.60 -20.89
CA GLY D 98 -21.38 -23.31 -20.22
C GLY D 98 -20.12 -22.51 -20.40
N VAL D 99 -19.12 -23.05 -21.10
CA VAL D 99 -17.89 -22.33 -21.41
C VAL D 99 -18.15 -21.33 -22.52
N GLN D 100 -17.89 -20.05 -22.24
CA GLN D 100 -18.19 -18.98 -23.17
C GLN D 100 -16.98 -18.17 -23.63
N HIS D 101 -15.90 -18.10 -22.84
CA HIS D 101 -14.81 -17.20 -23.14
C HIS D 101 -13.69 -17.83 -23.96
N VAL D 102 -13.37 -19.09 -23.69
CA VAL D 102 -12.23 -19.76 -24.32
C VAL D 102 -12.74 -20.62 -25.47
N LYS D 103 -12.15 -20.43 -26.64
CA LYS D 103 -12.55 -21.12 -27.86
C LYS D 103 -11.69 -22.35 -28.11
N GLU D 104 -12.24 -23.26 -28.92
CA GLU D 104 -11.52 -24.48 -29.26
C GLU D 104 -10.38 -24.14 -30.19
N GLY D 105 -9.15 -24.31 -29.73
CA GLY D 105 -7.96 -23.98 -30.50
C GLY D 105 -7.10 -22.87 -29.93
N ASP D 106 -7.48 -22.32 -28.78
CA ASP D 106 -6.67 -21.31 -28.12
C ASP D 106 -5.39 -21.92 -27.55
N ARG D 107 -4.28 -21.18 -27.65
CA ARG D 107 -3.03 -21.56 -27.01
C ARG D 107 -3.12 -21.17 -25.55
N VAL D 108 -3.18 -22.17 -24.67
CA VAL D 108 -3.38 -21.96 -23.25
C VAL D 108 -2.43 -22.88 -22.49
N GLY D 109 -2.34 -22.66 -21.19
CA GLY D 109 -1.57 -23.54 -20.34
C GLY D 109 -2.26 -23.77 -19.01
N VAL D 110 -1.78 -24.78 -18.30
CA VAL D 110 -2.37 -25.24 -17.05
C VAL D 110 -1.35 -25.07 -15.94
N PRO D 111 -1.63 -24.27 -14.92
CA PRO D 111 -0.62 -24.02 -13.88
C PRO D 111 -0.71 -24.95 -12.70
N TRP D 112 0.22 -24.78 -11.76
CA TRP D 112 0.16 -25.47 -10.48
C TRP D 112 -1.23 -25.40 -9.88
N LEU D 113 -1.90 -24.27 -10.00
CA LEU D 113 -3.29 -24.15 -9.57
C LEU D 113 -4.21 -24.87 -10.54
N TYR D 114 -4.88 -25.92 -10.06
CA TYR D 114 -5.94 -26.54 -10.86
C TYR D 114 -7.28 -25.88 -10.58
N SER D 115 -7.59 -25.66 -9.30
CA SER D 115 -8.89 -25.16 -8.88
C SER D 115 -8.82 -24.79 -7.40
N THR D 116 -9.63 -23.81 -7.03
CA THR D 116 -9.77 -23.34 -5.66
C THR D 116 -11.22 -23.52 -5.23
N CYS D 117 -11.49 -23.17 -3.96
CA CYS D 117 -12.85 -23.28 -3.42
C CYS D 117 -13.73 -22.10 -3.78
N GLY D 118 -13.13 -20.97 -4.17
CA GLY D 118 -13.87 -19.78 -4.56
C GLY D 118 -14.80 -19.24 -3.49
N HIS D 119 -14.62 -19.68 -2.25
CA HIS D 119 -15.50 -19.24 -1.17
C HIS D 119 -14.72 -18.72 0.02
N CYS D 120 -13.52 -19.25 0.24
CA CYS D 120 -12.75 -18.78 1.37
C CYS D 120 -12.27 -17.36 1.11
N GLU D 121 -11.95 -16.68 2.20
CA GLU D 121 -11.56 -15.28 2.11
C GLU D 121 -10.33 -15.07 1.23
N HIS D 122 -9.42 -16.05 1.19
CA HIS D 122 -8.32 -15.98 0.23
C HIS D 122 -8.85 -15.97 -1.20
N CYS D 123 -9.75 -16.90 -1.52
CA CYS D 123 -10.33 -16.99 -2.86
C CYS D 123 -11.05 -15.70 -3.21
N LEU D 124 -11.98 -15.27 -2.34
CA LEU D 124 -12.77 -14.08 -2.63
C LEU D 124 -11.95 -12.81 -2.53
N GLY D 125 -10.72 -12.88 -2.06
CA GLY D 125 -9.90 -11.69 -1.88
C GLY D 125 -8.75 -11.61 -2.86
N GLY D 126 -8.89 -12.31 -3.99
CA GLY D 126 -7.83 -12.35 -4.98
C GLY D 126 -6.52 -12.88 -4.44
N TRP D 127 -6.58 -13.77 -3.47
CA TRP D 127 -5.42 -14.47 -2.92
C TRP D 127 -5.64 -15.97 -3.03
N GLU D 128 -6.26 -16.41 -4.13
CA GLU D 128 -6.67 -17.80 -4.26
C GLU D 128 -5.52 -18.80 -4.18
N THR D 129 -4.27 -18.34 -4.29
CA THR D 129 -3.16 -19.27 -4.20
C THR D 129 -3.02 -19.85 -2.79
N LEU D 130 -3.73 -19.29 -1.81
CA LEU D 130 -3.68 -19.72 -0.43
C LEU D 130 -4.95 -20.46 -0.02
N CYS D 131 -5.81 -20.79 -0.97
CA CYS D 131 -7.07 -21.48 -0.68
C CYS D 131 -6.83 -22.80 0.02
N GLU D 132 -7.55 -23.01 1.13
CA GLU D 132 -7.43 -24.26 1.89
C GLU D 132 -7.77 -25.46 1.02
N SER D 133 -8.80 -25.33 0.19
CA SER D 133 -9.27 -26.43 -0.65
C SER D 133 -8.76 -26.30 -2.07
N GLN D 134 -7.51 -25.88 -2.25
CA GLN D 134 -6.96 -25.80 -3.59
C GLN D 134 -6.62 -27.20 -4.09
N GLN D 135 -6.95 -27.44 -5.36
CA GLN D 135 -6.57 -28.67 -6.06
C GLN D 135 -5.40 -28.34 -6.98
N ASN D 136 -4.30 -29.07 -6.83
CA ASN D 136 -3.08 -28.78 -7.54
C ASN D 136 -2.86 -29.78 -8.67
N THR D 137 -2.49 -29.27 -9.86
CA THR D 137 -2.20 -30.14 -11.00
C THR D 137 -0.91 -30.92 -10.77
N GLY D 138 -0.93 -32.20 -11.12
CA GLY D 138 0.20 -33.05 -10.87
C GLY D 138 0.28 -33.54 -9.45
N TYR D 139 -0.66 -33.12 -8.60
CA TYR D 139 -0.70 -33.47 -7.20
C TYR D 139 -2.06 -34.05 -6.79
N SER D 140 -3.05 -33.18 -6.65
CA SER D 140 -4.40 -33.65 -6.31
C SER D 140 -5.19 -34.06 -7.55
N VAL D 141 -4.68 -33.76 -8.74
CA VAL D 141 -5.27 -34.22 -9.98
C VAL D 141 -4.15 -34.65 -10.92
N ASN D 142 -4.55 -35.21 -12.05
CA ASN D 142 -3.61 -35.71 -13.04
C ASN D 142 -3.19 -34.65 -14.04
N ALA D 146 1.64 -34.62 -20.14
CA ALA D 146 1.51 -35.87 -20.89
C ALA D 146 1.08 -35.61 -22.33
N GLU D 147 -0.07 -36.18 -22.70
CA GLU D 147 -0.67 -35.96 -24.02
C GLU D 147 -1.85 -35.00 -23.98
N TYR D 148 -2.90 -35.34 -23.24
CA TYR D 148 -4.08 -34.51 -23.14
C TYR D 148 -4.42 -34.36 -21.66
N THR D 149 -4.68 -33.13 -21.23
CA THR D 149 -5.03 -32.92 -19.83
C THR D 149 -6.31 -32.10 -19.70
N LEU D 150 -7.06 -32.38 -18.63
CA LEU D 150 -8.31 -31.70 -18.34
C LEU D 150 -8.10 -30.64 -17.27
N ALA D 151 -8.72 -29.48 -17.48
CA ALA D 151 -8.58 -28.39 -16.52
C ALA D 151 -9.87 -27.58 -16.44
N GLN D 152 -10.07 -26.95 -15.29
CA GLN D 152 -11.21 -26.06 -15.12
C GLN D 152 -10.95 -24.78 -15.90
N ALA D 153 -11.97 -24.31 -16.64
CA ALA D 153 -11.75 -23.28 -17.64
C ALA D 153 -11.31 -21.94 -17.04
N ASP D 154 -11.57 -21.70 -15.75
CA ASP D 154 -11.30 -20.42 -15.12
C ASP D 154 -9.97 -20.39 -14.40
N TYR D 155 -9.14 -21.42 -14.56
CA TYR D 155 -7.83 -21.52 -13.91
C TYR D 155 -6.75 -21.85 -14.94
N VAL D 156 -6.94 -21.42 -16.17
CA VAL D 156 -6.00 -21.65 -17.25
C VAL D 156 -5.46 -20.30 -17.71
N GLY D 157 -4.19 -20.28 -18.12
CA GLY D 157 -3.51 -19.06 -18.49
C GLY D 157 -3.43 -18.93 -20.00
N LYS D 158 -3.97 -17.81 -20.51
CA LYS D 158 -3.89 -17.51 -21.94
C LYS D 158 -2.48 -17.01 -22.23
N LEU D 159 -1.73 -17.78 -23.00
CA LEU D 159 -0.36 -17.45 -23.31
C LEU D 159 -0.31 -16.45 -24.48
N PRO D 160 0.83 -15.79 -24.68
CA PRO D 160 0.94 -14.89 -25.83
C PRO D 160 0.96 -15.63 -27.15
N ASP D 161 0.45 -14.97 -28.19
CA ASP D 161 0.31 -15.57 -29.51
C ASP D 161 1.59 -15.51 -30.33
N ASN D 162 2.73 -15.19 -29.72
CA ASN D 162 3.98 -15.04 -30.48
C ASN D 162 5.20 -15.64 -29.79
N VAL D 163 5.02 -16.47 -28.76
CA VAL D 163 6.14 -17.07 -28.03
C VAL D 163 5.95 -18.59 -28.05
N GLY D 164 7.01 -19.30 -28.43
CA GLY D 164 6.93 -20.76 -28.57
C GLY D 164 6.49 -21.47 -27.29
N PHE D 165 5.92 -22.67 -27.48
CA PHE D 165 5.38 -23.42 -26.35
C PHE D 165 6.47 -23.84 -25.37
N VAL D 166 7.64 -24.23 -25.88
CA VAL D 166 8.73 -24.56 -24.98
C VAL D 166 9.22 -23.31 -24.26
N GLU D 167 9.08 -22.14 -24.88
CA GLU D 167 9.58 -20.91 -24.28
C GLU D 167 8.69 -20.46 -23.12
N ILE D 168 7.37 -20.52 -23.29
CA ILE D 168 6.45 -20.10 -22.23
C ILE D 168 6.24 -21.20 -21.18
N ALA D 169 6.67 -22.42 -21.48
CA ALA D 169 6.38 -23.55 -20.60
C ALA D 169 6.92 -23.39 -19.18
N PRO D 170 8.19 -23.03 -18.96
CA PRO D 170 8.71 -23.00 -17.57
C PRO D 170 8.14 -21.86 -16.73
N VAL D 171 7.26 -21.03 -17.26
CA VAL D 171 6.78 -19.89 -16.50
C VAL D 171 5.66 -20.31 -15.56
N LEU D 172 4.95 -21.39 -15.91
CA LEU D 172 3.78 -21.82 -15.16
C LEU D 172 4.08 -22.06 -13.69
N CYS D 173 5.34 -22.36 -13.35
CA CYS D 173 5.64 -22.51 -11.94
C CYS D 173 6.82 -21.63 -11.58
N ALA D 174 7.93 -21.81 -12.29
CA ALA D 174 9.13 -21.03 -12.06
C ALA D 174 8.87 -19.54 -12.24
N GLY D 175 8.54 -19.14 -13.47
CA GLY D 175 8.37 -17.73 -13.78
C GLY D 175 7.38 -17.02 -12.87
N VAL D 176 6.20 -17.62 -12.68
CA VAL D 176 5.17 -16.92 -11.93
C VAL D 176 5.50 -16.89 -10.44
N THR D 177 6.16 -17.93 -9.92
CA THR D 177 6.57 -17.90 -8.52
C THR D 177 7.64 -16.85 -8.28
N VAL D 178 8.59 -16.74 -9.21
CA VAL D 178 9.61 -15.69 -9.15
C VAL D 178 8.96 -14.32 -9.18
N TYR D 179 8.06 -14.11 -10.12
CA TYR D 179 7.42 -12.81 -10.27
C TYR D 179 6.59 -12.48 -9.03
N LYS D 180 5.94 -13.49 -8.43
CA LYS D 180 5.20 -13.25 -7.20
C LYS D 180 6.14 -12.93 -6.05
N GLY D 181 7.33 -13.53 -6.03
CA GLY D 181 8.27 -13.21 -4.97
C GLY D 181 8.80 -11.80 -5.08
N LEU D 182 9.19 -11.39 -6.29
CA LEU D 182 9.60 -10.00 -6.53
C LEU D 182 8.51 -9.03 -6.13
N LYS D 183 7.27 -9.29 -6.58
CA LYS D 183 6.15 -8.46 -6.16
C LYS D 183 5.93 -8.53 -4.65
N MET D 184 6.41 -9.58 -3.99
CA MET D 184 6.28 -9.76 -2.56
C MET D 184 7.49 -9.26 -1.77
N THR D 185 8.45 -8.62 -2.44
CA THR D 185 9.63 -8.10 -1.77
C THR D 185 9.51 -6.63 -1.35
N ASP D 186 8.34 -6.01 -1.52
CA ASP D 186 8.11 -4.60 -1.18
C ASP D 186 9.28 -3.71 -1.60
N THR D 187 9.61 -3.77 -2.89
CA THR D 187 10.73 -3.04 -3.46
C THR D 187 10.23 -2.12 -4.56
N ARG D 188 10.48 -0.81 -4.41
CA ARG D 188 10.16 0.14 -5.47
C ARG D 188 11.25 0.15 -6.55
N PRO D 189 10.89 0.51 -7.78
CA PRO D 189 11.89 0.52 -8.86
C PRO D 189 13.05 1.47 -8.56
N GLY D 190 14.24 1.05 -8.95
CA GLY D 190 15.45 1.80 -8.68
C GLY D 190 16.17 1.40 -7.43
N GLN D 191 15.84 0.25 -6.85
CA GLN D 191 16.48 -0.27 -5.66
C GLN D 191 17.30 -1.52 -6.02
N TRP D 192 17.88 -2.14 -5.01
CA TRP D 192 18.79 -3.27 -5.19
C TRP D 192 18.19 -4.54 -4.61
N VAL D 193 18.39 -5.64 -5.34
CA VAL D 193 17.85 -6.95 -4.98
C VAL D 193 18.87 -8.01 -5.33
N VAL D 194 19.03 -8.96 -4.44
CA VAL D 194 19.94 -10.07 -4.61
C VAL D 194 19.19 -11.31 -5.05
N ILE D 195 19.82 -12.12 -5.89
CA ILE D 195 19.30 -13.42 -6.31
C ILE D 195 20.32 -14.47 -5.87
N SER D 196 20.01 -15.22 -4.81
CA SER D 196 20.90 -16.24 -4.28
C SER D 196 20.66 -17.52 -5.06
N GLY D 197 21.65 -17.92 -5.86
CA GLY D 197 21.50 -19.08 -6.70
C GLY D 197 20.77 -18.82 -8.01
N ILE D 198 21.53 -18.67 -9.10
CA ILE D 198 20.93 -18.54 -10.42
C ILE D 198 20.69 -19.93 -10.98
N GLY D 199 19.57 -20.53 -10.60
CA GLY D 199 19.10 -21.75 -11.23
C GLY D 199 18.29 -21.39 -12.45
N GLY D 200 17.34 -22.24 -12.81
CA GLY D 200 16.34 -21.80 -13.75
C GLY D 200 15.58 -20.62 -13.19
N LEU D 201 15.14 -20.75 -11.94
CA LEU D 201 14.44 -19.68 -11.25
C LEU D 201 15.32 -18.45 -11.12
N GLY D 202 16.62 -18.63 -10.91
CA GLY D 202 17.57 -17.53 -10.89
C GLY D 202 17.58 -16.67 -12.14
N HIS D 203 17.77 -17.30 -13.31
CA HIS D 203 17.83 -16.50 -14.52
C HIS D 203 16.46 -15.92 -14.87
N MET D 204 15.38 -16.64 -14.53
CA MET D 204 14.06 -16.04 -14.70
C MET D 204 13.93 -14.81 -13.82
N ALA D 205 14.47 -14.87 -12.60
CA ALA D 205 14.35 -13.77 -11.65
C ALA D 205 15.14 -12.56 -12.11
N VAL D 206 16.34 -12.79 -12.63
CA VAL D 206 17.15 -11.70 -13.17
C VAL D 206 16.41 -11.00 -14.30
N GLN D 207 15.98 -11.79 -15.30
CA GLN D 207 15.21 -11.22 -16.39
C GLN D 207 14.03 -10.40 -15.87
N TYR D 208 13.27 -10.96 -14.92
CA TYR D 208 12.07 -10.26 -14.45
C TYR D 208 12.41 -9.00 -13.70
N ALA D 209 13.42 -9.05 -12.83
CA ALA D 209 13.77 -7.85 -12.07
C ALA D 209 14.26 -6.76 -12.99
N ARG D 210 15.07 -7.11 -14.00
CA ARG D 210 15.53 -6.08 -14.93
C ARG D 210 14.36 -5.52 -15.74
N ALA D 211 13.40 -6.36 -16.15
CA ALA D 211 12.23 -5.83 -16.85
C ALA D 211 11.37 -4.99 -15.92
N MET D 212 11.43 -5.27 -14.61
CA MET D 212 10.76 -4.47 -13.59
C MET D 212 11.50 -3.18 -13.26
N GLY D 213 12.71 -2.98 -13.78
CA GLY D 213 13.45 -1.76 -13.56
C GLY D 213 14.08 -1.71 -12.19
N LEU D 214 14.85 -2.73 -11.85
CA LEU D 214 15.56 -2.80 -10.60
C LEU D 214 17.06 -2.97 -10.86
N ASN D 215 17.82 -2.96 -9.78
CA ASN D 215 19.24 -3.24 -9.80
C ASN D 215 19.46 -4.57 -9.08
N VAL D 216 20.26 -5.45 -9.67
CA VAL D 216 20.30 -6.86 -9.29
C VAL D 216 21.73 -7.28 -8.99
N ALA D 217 21.83 -8.38 -8.26
CA ALA D 217 23.11 -8.98 -7.89
C ALA D 217 22.92 -10.49 -7.88
N ALA D 218 23.97 -11.24 -8.23
CA ALA D 218 23.85 -12.69 -8.33
C ALA D 218 24.87 -13.35 -7.41
N VAL D 219 24.37 -14.21 -6.50
CA VAL D 219 25.19 -14.98 -5.57
C VAL D 219 25.39 -16.43 -6.03
N ASP D 220 25.05 -16.74 -7.27
CA ASP D 220 25.23 -18.10 -7.75
C ASP D 220 26.70 -18.50 -7.65
N VAL D 221 26.94 -19.73 -7.19
CA VAL D 221 28.30 -20.16 -6.90
C VAL D 221 29.03 -20.71 -8.11
N ASP D 222 28.37 -20.79 -9.26
CA ASP D 222 28.99 -21.26 -10.50
C ASP D 222 29.31 -20.03 -11.34
N ASP D 223 30.59 -19.71 -11.47
CA ASP D 223 31.01 -18.54 -12.24
C ASP D 223 30.44 -18.52 -13.66
N ALA D 224 30.15 -19.69 -14.24
CA ALA D 224 29.56 -19.67 -15.57
C ALA D 224 28.11 -19.17 -15.51
N LYS D 225 27.39 -19.54 -14.45
CA LYS D 225 26.05 -19.01 -14.27
C LYS D 225 26.09 -17.55 -13.85
N LEU D 226 27.12 -17.17 -13.09
CA LEU D 226 27.36 -15.76 -12.81
C LEU D 226 27.54 -14.96 -14.10
N ALA D 227 28.40 -15.45 -15.01
CA ALA D 227 28.61 -14.79 -16.29
C ALA D 227 27.31 -14.72 -17.09
N LEU D 228 26.52 -15.79 -17.04
CA LEU D 228 25.22 -15.75 -17.72
C LEU D 228 24.32 -14.68 -17.12
N ALA D 229 24.35 -14.52 -15.80
CA ALA D 229 23.55 -13.48 -15.16
C ALA D 229 24.03 -12.09 -15.56
N GLU D 230 25.34 -11.87 -15.56
CA GLU D 230 25.90 -10.61 -16.03
C GLU D 230 25.47 -10.32 -17.46
N ARG D 231 25.41 -11.36 -18.29
CA ARG D 231 24.93 -11.24 -19.65
C ARG D 231 23.43 -11.00 -19.70
N LEU D 232 22.71 -11.35 -18.64
CA LEU D 232 21.27 -11.13 -18.62
C LEU D 232 20.90 -9.71 -18.21
N GLY D 233 21.80 -9.02 -17.50
CA GLY D 233 21.55 -7.67 -17.06
C GLY D 233 21.89 -7.47 -15.59
N ALA D 234 22.57 -8.45 -15.00
CA ALA D 234 23.00 -8.35 -13.60
C ALA D 234 24.09 -7.30 -13.45
N THR D 235 23.82 -6.30 -12.62
CA THR D 235 24.80 -5.24 -12.43
C THR D 235 25.96 -5.70 -11.56
N ILE D 236 25.72 -6.67 -10.69
CA ILE D 236 26.72 -7.18 -9.77
C ILE D 236 26.70 -8.70 -9.79
N THR D 237 27.89 -9.29 -9.70
CA THR D 237 28.06 -10.73 -9.61
C THR D 237 29.04 -11.04 -8.50
N VAL D 238 28.83 -12.18 -7.84
CA VAL D 238 29.68 -12.56 -6.72
C VAL D 238 29.62 -14.06 -6.47
N ASN D 239 30.78 -14.71 -6.47
CA ASN D 239 30.87 -16.12 -6.10
C ASN D 239 31.12 -16.20 -4.60
N ALA D 240 30.25 -16.92 -3.88
CA ALA D 240 30.38 -17.01 -2.43
C ALA D 240 31.59 -17.83 -2.00
N MET D 241 32.14 -18.64 -2.90
CA MET D 241 33.35 -19.39 -2.57
C MET D 241 34.57 -18.46 -2.54
N GLN D 242 34.69 -17.58 -3.53
CA GLN D 242 35.87 -16.74 -3.63
C GLN D 242 35.91 -15.68 -2.52
N THR D 243 34.84 -14.90 -2.39
CA THR D 243 34.79 -13.81 -1.43
C THR D 243 33.51 -13.86 -0.63
N ASP D 244 33.46 -13.07 0.43
CA ASP D 244 32.29 -13.00 1.30
C ASP D 244 31.26 -12.03 0.72
N PRO D 245 30.00 -12.44 0.56
CA PRO D 245 29.00 -11.55 -0.04
C PRO D 245 28.48 -10.46 0.90
N ALA D 246 28.29 -10.79 2.18
CA ALA D 246 27.69 -9.84 3.12
C ALA D 246 28.52 -8.57 3.24
N ARG D 247 29.81 -8.71 3.56
CA ARG D 247 30.66 -7.53 3.64
C ARG D 247 30.70 -6.80 2.32
N TYR D 248 30.74 -7.54 1.20
CA TYR D 248 30.82 -6.92 -0.10
C TYR D 248 29.63 -6.00 -0.34
N LEU D 249 28.42 -6.52 -0.14
CA LEU D 249 27.23 -5.71 -0.36
C LEU D 249 27.10 -4.60 0.68
N LYS D 250 27.62 -4.81 1.89
CA LYS D 250 27.56 -3.76 2.89
C LYS D 250 28.62 -2.69 2.67
N GLN D 251 29.62 -2.97 1.83
CA GLN D 251 30.64 -2.01 1.46
C GLN D 251 30.42 -1.41 0.07
N THR D 252 29.47 -1.95 -0.70
CA THR D 252 29.15 -1.41 -2.01
C THR D 252 27.73 -0.86 -2.05
N ILE D 253 26.74 -1.68 -1.73
CA ILE D 253 25.36 -1.24 -1.76
C ILE D 253 24.87 -0.78 -0.39
N GLY D 254 25.60 -1.09 0.67
CA GLY D 254 25.13 -0.81 2.01
C GLY D 254 23.91 -1.64 2.38
N GLY D 255 23.90 -2.91 1.98
CA GLY D 255 22.76 -3.76 2.21
C GLY D 255 21.73 -3.61 1.12
N ALA D 256 21.13 -4.71 0.72
CA ALA D 256 20.15 -4.71 -0.34
C ALA D 256 18.74 -4.65 0.22
N HIS D 257 17.82 -4.13 -0.60
CA HIS D 257 16.44 -3.95 -0.16
C HIS D 257 15.71 -5.29 -0.08
N GLY D 258 15.97 -6.18 -1.03
CA GLY D 258 15.23 -7.44 -1.11
C GLY D 258 16.17 -8.57 -1.47
N ALA D 259 15.83 -9.77 -0.99
CA ALA D 259 16.62 -10.97 -1.28
C ALA D 259 15.67 -12.08 -1.70
N LEU D 260 15.74 -12.49 -2.96
CA LEU D 260 14.94 -13.58 -3.50
C LEU D 260 15.81 -14.84 -3.51
N VAL D 261 15.50 -15.79 -2.64
CA VAL D 261 16.28 -17.02 -2.51
C VAL D 261 15.62 -18.11 -3.34
N THR D 262 16.23 -18.46 -4.47
CA THR D 262 15.76 -19.60 -5.25
C THR D 262 16.23 -20.91 -4.63
N ALA D 263 17.53 -21.03 -4.38
CA ALA D 263 18.13 -22.23 -3.80
C ALA D 263 18.29 -22.00 -2.31
N VAL D 264 17.37 -22.57 -1.52
CA VAL D 264 17.33 -22.34 -0.09
C VAL D 264 18.21 -23.39 0.57
N SER D 265 19.43 -22.99 0.95
CA SER D 265 20.33 -23.81 1.73
C SER D 265 20.82 -22.98 2.91
N PRO D 266 21.14 -23.63 4.04
CA PRO D 266 21.57 -22.88 5.23
C PRO D 266 22.68 -21.88 4.95
N LYS D 267 23.66 -22.25 4.11
CA LYS D 267 24.71 -21.30 3.77
C LYS D 267 24.14 -20.12 3.00
N ALA D 268 23.37 -20.41 1.93
CA ALA D 268 22.74 -19.35 1.16
C ALA D 268 21.69 -18.62 1.98
N PHE D 269 21.15 -19.24 3.02
CA PHE D 269 20.17 -18.56 3.85
C PHE D 269 20.83 -17.54 4.78
N GLU D 270 21.88 -17.94 5.51
CA GLU D 270 22.59 -16.96 6.32
C GLU D 270 23.16 -15.83 5.48
N GLN D 271 23.77 -16.13 4.32
CA GLN D 271 24.27 -15.03 3.50
C GLN D 271 23.12 -14.14 3.03
N ALA D 272 21.99 -14.73 2.62
CA ALA D 272 20.83 -13.93 2.25
C ALA D 272 20.42 -13.02 3.39
N LEU D 273 20.27 -13.58 4.61
CA LEU D 273 19.92 -12.79 5.78
C LEU D 273 20.88 -11.63 5.98
N GLY D 274 22.18 -11.87 5.80
CA GLY D 274 23.16 -10.83 6.02
C GLY D 274 23.22 -9.79 4.93
N MET D 275 22.84 -10.17 3.71
CA MET D 275 22.94 -9.29 2.55
C MET D 275 21.91 -8.17 2.57
N ILE D 276 20.92 -8.27 3.46
CA ILE D 276 19.82 -7.32 3.49
C ILE D 276 20.18 -6.12 4.35
N ARG D 277 19.76 -4.94 3.90
CA ARG D 277 19.94 -3.71 4.67
C ARG D 277 18.88 -3.65 5.76
N ARG D 278 18.98 -2.66 6.64
CA ARG D 278 17.99 -2.52 7.71
C ARG D 278 16.61 -2.25 7.12
N GLY D 279 15.63 -3.06 7.53
CA GLY D 279 14.26 -2.93 7.10
C GLY D 279 13.87 -3.73 5.86
N GLY D 280 14.82 -4.47 5.27
CA GLY D 280 14.57 -5.18 4.04
C GLY D 280 13.80 -6.48 4.23
N THR D 281 13.48 -7.10 3.09
CA THR D 281 12.61 -8.27 3.02
C THR D 281 13.38 -9.42 2.38
N VAL D 282 13.31 -10.60 2.99
CA VAL D 282 13.87 -11.82 2.42
C VAL D 282 12.75 -12.60 1.75
N ALA D 283 12.84 -12.79 0.45
CA ALA D 283 11.88 -13.63 -0.26
C ALA D 283 12.46 -15.01 -0.42
N LEU D 284 11.67 -16.03 -0.11
CA LEU D 284 12.11 -17.41 -0.17
C LEU D 284 11.25 -18.18 -1.16
N ASN D 285 11.90 -18.87 -2.09
CA ASN D 285 11.19 -19.67 -3.09
C ASN D 285 11.41 -21.15 -2.86
N LEU D 287 12.08 -25.01 -1.05
CA LEU D 287 11.28 -25.64 0.00
C LEU D 287 12.00 -26.85 0.61
N PRO D 288 13.20 -26.64 1.20
CA PRO D 288 13.90 -27.76 1.80
C PRO D 288 13.26 -28.17 3.11
N PRO D 289 13.40 -29.44 3.52
CA PRO D 289 12.70 -29.92 4.72
C PRO D 289 13.41 -29.62 6.04
N GLY D 290 14.44 -28.79 6.05
CA GLY D 290 15.12 -28.47 7.29
C GLY D 290 14.45 -27.37 8.06
N ASP D 291 14.56 -27.43 9.39
CA ASP D 291 14.21 -26.31 10.26
C ASP D 291 15.46 -25.45 10.40
N PHE D 292 15.43 -24.23 9.84
CA PHE D 292 16.68 -23.48 9.81
C PHE D 292 16.81 -22.58 11.02
N PRO D 293 17.97 -22.58 11.68
CA PRO D 293 18.21 -21.60 12.75
C PRO D 293 18.26 -20.18 12.22
N LEU D 294 17.66 -19.26 12.97
CA LEU D 294 17.66 -17.85 12.63
C LEU D 294 17.91 -17.01 13.87
N PRO D 295 18.95 -16.17 13.89
CA PRO D 295 19.10 -15.31 15.07
C PRO D 295 18.04 -14.21 15.05
N ILE D 296 17.04 -14.32 15.93
CA ILE D 296 15.97 -13.32 15.96
C ILE D 296 16.43 -11.99 16.52
N PHE D 297 17.61 -11.94 17.13
CA PHE D 297 18.10 -10.67 17.65
C PHE D 297 18.47 -9.73 16.52
N ASP D 298 19.30 -10.20 15.58
CA ASP D 298 19.72 -9.36 14.47
C ASP D 298 18.51 -8.91 13.65
N MET D 299 17.50 -9.77 13.51
CA MET D 299 16.34 -9.40 12.70
C MET D 299 15.53 -8.31 13.38
N VAL D 300 15.12 -8.54 14.63
CA VAL D 300 14.30 -7.54 15.29
C VAL D 300 15.08 -6.23 15.43
N LEU D 301 16.36 -6.31 15.78
CA LEU D 301 17.18 -5.11 15.90
C LEU D 301 17.23 -4.35 14.57
N ASN D 302 17.48 -5.04 13.48
CA ASN D 302 17.54 -4.39 12.18
C ASN D 302 16.17 -4.25 11.54
N GLY D 303 15.13 -4.78 12.17
CA GLY D 303 13.79 -4.74 11.62
C GLY D 303 13.62 -5.46 10.29
N ILE D 304 14.33 -6.57 10.12
CA ILE D 304 14.29 -7.32 8.86
C ILE D 304 13.04 -8.18 8.80
N THR D 305 12.38 -8.16 7.64
CA THR D 305 11.18 -8.93 7.38
C THR D 305 11.50 -10.14 6.50
N VAL D 306 10.88 -11.29 6.82
CA VAL D 306 11.14 -12.57 6.17
C VAL D 306 9.83 -13.15 5.65
N ARG D 307 9.68 -13.23 4.33
CA ARG D 307 8.46 -13.75 3.76
C ARG D 307 8.68 -15.15 3.20
N SER D 309 5.35 -17.16 -0.97
CA SER D 309 5.12 -17.02 -2.41
C SER D 309 5.41 -18.32 -3.14
N ILE D 310 4.63 -19.36 -2.83
CA ILE D 310 4.88 -20.66 -3.43
C ILE D 310 4.53 -20.63 -4.91
N VAL D 311 3.46 -19.94 -5.27
CA VAL D 311 3.00 -19.83 -6.65
C VAL D 311 2.15 -18.58 -6.73
N GLY D 312 2.16 -17.94 -7.89
CA GLY D 312 1.37 -16.75 -8.06
C GLY D 312 -0.06 -17.05 -8.44
N THR D 313 -0.85 -15.98 -8.49
CA THR D 313 -2.25 -16.12 -8.87
C THR D 313 -2.39 -16.01 -10.38
N ARG D 314 -3.63 -16.15 -10.85
CA ARG D 314 -3.94 -15.98 -12.26
C ARG D 314 -3.43 -14.64 -12.75
N LEU D 315 -3.67 -13.59 -11.96
CA LEU D 315 -3.17 -12.26 -12.29
C LEU D 315 -1.67 -12.30 -12.49
N ASP D 316 -0.96 -12.82 -11.48
CA ASP D 316 0.49 -12.99 -11.55
C ASP D 316 0.89 -13.73 -12.82
N LEU D 317 0.27 -14.89 -13.05
CA LEU D 317 0.60 -15.67 -14.23
C LEU D 317 0.43 -14.85 -15.51
N GLN D 318 -0.74 -14.26 -15.70
CA GLN D 318 -1.02 -13.43 -16.88
C GLN D 318 -0.03 -12.29 -17.01
N GLU D 319 0.36 -11.66 -15.90
CA GLU D 319 1.33 -10.58 -15.97
C GLU D 319 2.69 -11.10 -16.44
N ALA D 320 3.13 -12.21 -15.86
CA ALA D 320 4.38 -12.84 -16.28
C ALA D 320 4.31 -13.21 -17.76
N LEU D 321 3.16 -13.68 -18.22
CA LEU D 321 2.98 -14.05 -19.62
C LEU D 321 3.06 -12.82 -20.51
N ASP D 322 2.48 -11.71 -20.06
CA ASP D 322 2.62 -10.46 -20.80
C ASP D 322 4.09 -10.05 -20.89
N PHE D 323 4.84 -10.25 -19.81
CA PHE D 323 6.26 -9.90 -19.86
C PHE D 323 7.03 -10.83 -20.79
N ALA D 324 6.65 -12.10 -20.85
CA ALA D 324 7.31 -13.02 -21.78
C ALA D 324 6.95 -12.68 -23.22
N GLY D 325 5.68 -12.40 -23.49
CA GLY D 325 5.23 -12.03 -24.82
C GLY D 325 5.76 -10.69 -25.28
N GLU D 326 6.15 -9.83 -24.34
CA GLU D 326 6.88 -8.63 -24.68
C GLU D 326 8.37 -8.92 -24.91
N GLY D 327 8.77 -10.18 -24.87
CA GLY D 327 10.15 -10.57 -25.13
C GLY D 327 11.14 -10.04 -24.11
N LYS D 328 10.65 -9.54 -22.98
CA LYS D 328 11.54 -9.07 -21.93
C LYS D 328 12.07 -10.20 -21.07
N VAL D 329 11.43 -11.37 -21.12
CA VAL D 329 11.86 -12.57 -20.39
C VAL D 329 11.90 -13.73 -21.37
N GLN D 330 13.10 -14.20 -21.68
CA GLN D 330 13.32 -15.39 -22.50
C GLN D 330 14.10 -16.39 -21.67
N ALA D 331 13.53 -17.58 -21.51
CA ALA D 331 14.20 -18.62 -20.74
C ALA D 331 15.11 -19.45 -21.64
N THR D 332 16.00 -20.18 -20.99
CA THR D 332 16.90 -21.10 -21.66
C THR D 332 16.63 -22.49 -21.10
N VAL D 333 16.10 -23.37 -21.94
CA VAL D 333 15.65 -24.67 -21.49
C VAL D 333 16.30 -25.75 -22.34
N LYS D 334 16.26 -26.98 -21.83
CA LYS D 334 16.75 -28.16 -22.53
C LYS D 334 15.57 -29.05 -22.85
N THR D 335 15.42 -29.40 -24.14
CA THR D 335 14.30 -30.21 -24.60
C THR D 335 14.64 -31.70 -24.52
N GLU D 336 13.69 -32.49 -24.01
CA GLU D 336 13.84 -33.93 -23.89
C GLU D 336 12.62 -34.66 -24.43
N LYS D 337 12.76 -35.99 -24.52
CA LYS D 337 11.68 -36.87 -24.91
C LYS D 337 11.00 -37.41 -23.67
N LEU D 338 9.73 -37.77 -23.82
CA LEU D 338 8.96 -38.29 -22.69
C LEU D 338 9.60 -39.55 -22.10
N GLU D 339 10.12 -40.43 -22.96
CA GLU D 339 10.62 -41.71 -22.49
C GLU D 339 11.74 -41.57 -21.47
N ASN D 340 12.58 -40.54 -21.58
CA ASN D 340 13.73 -40.36 -20.70
C ASN D 340 13.42 -39.55 -19.44
N ILE D 341 12.18 -39.59 -18.96
CA ILE D 341 11.80 -38.82 -17.77
C ILE D 341 12.55 -39.31 -16.54
N ASN D 342 12.48 -40.63 -16.29
CA ASN D 342 13.09 -41.20 -15.10
C ASN D 342 14.57 -40.88 -15.06
N THR D 343 15.25 -40.99 -16.19
CA THR D 343 16.64 -40.56 -16.26
C THR D 343 16.79 -39.11 -15.83
N VAL D 344 15.85 -38.23 -16.25
CA VAL D 344 15.92 -36.83 -15.85
C VAL D 344 15.80 -36.68 -14.34
N PHE D 345 14.84 -37.39 -13.73
CA PHE D 345 14.75 -37.38 -12.27
C PHE D 345 16.05 -37.85 -11.63
N ASP D 346 16.65 -38.91 -12.17
CA ASP D 346 17.93 -39.39 -11.66
C ASP D 346 18.97 -38.29 -11.73
N GLN D 347 18.99 -37.56 -12.86
CA GLN D 347 19.89 -36.43 -12.99
C GLN D 347 19.61 -35.36 -11.93
N MET D 348 18.33 -35.09 -11.67
CA MET D 348 17.98 -34.12 -10.63
C MET D 348 18.51 -34.55 -9.28
N THR D 349 18.35 -35.83 -8.95
CA THR D 349 18.89 -36.36 -7.71
C THR D 349 20.41 -36.36 -7.72
N GLN D 350 21.01 -36.50 -8.89
CA GLN D 350 22.46 -36.51 -9.06
C GLN D 350 23.03 -35.10 -8.99
N GLY D 351 22.19 -34.09 -9.18
CA GLY D 351 22.58 -32.70 -9.06
C GLY D 351 23.22 -32.06 -10.25
N HIS D 352 23.32 -32.74 -11.40
CA HIS D 352 23.93 -32.11 -12.57
C HIS D 352 23.00 -31.10 -13.24
N ILE D 353 21.73 -31.05 -12.87
CA ILE D 353 20.81 -30.10 -13.47
C ILE D 353 20.79 -28.82 -12.65
N ARG D 356 16.69 -25.40 -16.72
CA ARG D 356 15.31 -25.87 -16.78
C ARG D 356 15.18 -26.84 -17.94
N ILE D 357 14.37 -27.87 -17.76
CA ILE D 357 14.16 -28.91 -18.74
C ILE D 357 12.69 -28.94 -19.10
N VAL D 358 12.40 -29.07 -20.40
CA VAL D 358 11.04 -29.17 -20.91
C VAL D 358 10.98 -30.31 -21.91
N LEU D 359 9.88 -31.06 -21.90
CA LEU D 359 9.66 -32.14 -22.85
C LEU D 359 8.98 -31.62 -24.10
N ASP D 360 9.40 -32.13 -25.25
CA ASP D 360 8.85 -31.69 -26.55
C ASP D 360 8.06 -32.83 -27.18
N LEU D 361 6.74 -32.67 -27.28
CA LEU D 361 5.92 -33.70 -27.92
C LEU D 361 6.19 -33.76 -29.42
N ALA D 362 6.39 -32.61 -30.05
CA ALA D 362 6.68 -32.54 -31.47
C ALA D 362 7.98 -33.26 -31.81
#